data_3EWT
# 
_entry.id   3EWT 
# 
_audit_conform.dict_name       mmcif_pdbx.dic 
_audit_conform.dict_version    5.380 
_audit_conform.dict_location   http://mmcif.pdb.org/dictionaries/ascii/mmcif_pdbx.dic 
# 
loop_
_database_2.database_id 
_database_2.database_code 
_database_2.pdbx_database_accession 
_database_2.pdbx_DOI 
PDB   3EWT         pdb_00003ewt 10.2210/pdb3ewt/pdb 
RCSB  RCSB049865   ?            ?                   
WWPDB D_1000049865 ?            ?                   
# 
_pdbx_database_related.db_name        PDB 
_pdbx_database_related.db_id          3EWV 
_pdbx_database_related.details        . 
_pdbx_database_related.content_type   unspecified 
# 
_pdbx_database_status.status_code                     REL 
_pdbx_database_status.entry_id                        3EWT 
_pdbx_database_status.recvd_initial_deposition_date   2008-10-16 
_pdbx_database_status.deposit_site                    RCSB 
_pdbx_database_status.process_site                    PDBJ 
_pdbx_database_status.status_code_sf                  REL 
_pdbx_database_status.status_code_mr                  ? 
_pdbx_database_status.SG_entry                        ? 
_pdbx_database_status.status_code_cs                  ? 
_pdbx_database_status.methods_development_category    ? 
_pdbx_database_status.pdb_format_compatible           Y 
_pdbx_database_status.status_code_nmr_data            ? 
# 
loop_
_audit_author.name 
_audit_author.pdbx_ordinal 
'Jiang, T.'   1 
'Cao, P.'     2 
'Gong, Y.'    3 
'Yu, H.J.'    4 
'Gui, W.J.'   5 
'Zhang, W.T.' 6 
# 
_citation.id                        primary 
_citation.title                     'Structural insights into the mechanism of calmodulin binding to death receptors.' 
_citation.journal_abbrev            'Acta Crystallogr.,Sect.D' 
_citation.journal_volume            70 
_citation.page_first                1604 
_citation.page_last                 1613 
_citation.year                      2014 
_citation.journal_id_ASTM           ABCRE6 
_citation.country                   US 
_citation.journal_id_ISSN           1399-0047 
_citation.journal_id_CSD            ? 
_citation.book_publisher            ? 
_citation.pdbx_database_id_PubMed   24914971 
_citation.pdbx_database_id_DOI      10.1107/S1399004714006919 
# 
loop_
_citation_author.citation_id 
_citation_author.name 
_citation_author.ordinal 
_citation_author.identifier_ORCID 
primary 'Cao, P.'   1 ? 
primary 'Zhang, W.' 2 ? 
primary 'Gui, W.'   3 ? 
primary 'Dong, Y.'  4 ? 
primary 'Jiang, T.' 5 ? 
primary 'Gong, Y.'  6 ? 
# 
_cell.entry_id           3EWT 
_cell.length_a           40.062 
_cell.length_b           40.062 
_cell.length_c           174.431 
_cell.angle_alpha        90.00 
_cell.angle_beta         90.00 
_cell.angle_gamma        120.00 
_cell.Z_PDB              6 
_cell.pdbx_unique_axis   ? 
_cell.length_a_esd       ? 
_cell.length_b_esd       ? 
_cell.length_c_esd       ? 
_cell.angle_alpha_esd    ? 
_cell.angle_beta_esd     ? 
_cell.angle_gamma_esd    ? 
# 
_symmetry.entry_id                         3EWT 
_symmetry.space_group_name_H-M             'P 32 2 1' 
_symmetry.pdbx_full_space_group_name_H-M   ? 
_symmetry.cell_setting                     ? 
_symmetry.Int_Tables_number                154 
_symmetry.space_group_name_Hall            ? 
# 
loop_
_entity.id 
_entity.type 
_entity.src_method 
_entity.pdbx_description 
_entity.formula_weight 
_entity.pdbx_number_of_molecules 
_entity.pdbx_ec 
_entity.pdbx_mutation 
_entity.pdbx_fragment 
_entity.details 
1 polymer     man Calmodulin                                            17550.232 1  ? ? ?                            ? 
2 polymer     syn 'Tumor necrosis factor receptor superfamily member 6' 2702.220  1  ? ? 'Helix(1+2) of death domain' ? 
3 non-polymer syn 'CALCIUM ION'                                         40.078    4  ? ? ?                            ? 
4 water       nat water                                                 18.015    44 ? ? ?                            ? 
# 
loop_
_entity_name_com.entity_id 
_entity_name_com.name 
1 CaM                                                                      
2 'FASLG receptor, Apoptosis-mediating surface antigen FAS, Apo-1 antigen' 
# 
loop_
_entity_poly.entity_id 
_entity_poly.type 
_entity_poly.nstd_linkage 
_entity_poly.nstd_monomer 
_entity_poly.pdbx_seq_one_letter_code 
_entity_poly.pdbx_seq_one_letter_code_can 
_entity_poly.pdbx_strand_id 
_entity_poly.pdbx_target_identifier 
1 'polypeptide(L)' no no 
;HHHHHHADQLTEEQIAEFKEAFSLFDKDGDGTITTKELGTVMRSLGQNPTEAELQDMINEVDADGNGTIDFPEFLTMMAR
KMKDTDSEEEIREAFRVFDKDGNGYISAAELRHVMTNLGEKLTDEEVDEMIREADIDGDGQVNYEEFVQMMTAK
;
;HHHHHHADQLTEEQIAEFKEAFSLFDKDGDGTITTKELGTVMRSLGQNPTEAELQDMINEVDADGNGTIDFPEFLTMMAR
KMKDTDSEEEIREAFRVFDKDGNGYISAAELRHVMTNLGEKLTDEEVDEMIREADIDGDGQVNYEEFVQMMTAK
;
A ? 
2 'polypeptide(L)' no no SKYITTIAGVMTLSQVKGFVRKNGV SKYITTIAGVMTLSQVKGFVRKNGV E ? 
# 
loop_
_entity_poly_seq.entity_id 
_entity_poly_seq.num 
_entity_poly_seq.mon_id 
_entity_poly_seq.hetero 
1 1   HIS n 
1 2   HIS n 
1 3   HIS n 
1 4   HIS n 
1 5   HIS n 
1 6   HIS n 
1 7   ALA n 
1 8   ASP n 
1 9   GLN n 
1 10  LEU n 
1 11  THR n 
1 12  GLU n 
1 13  GLU n 
1 14  GLN n 
1 15  ILE n 
1 16  ALA n 
1 17  GLU n 
1 18  PHE n 
1 19  LYS n 
1 20  GLU n 
1 21  ALA n 
1 22  PHE n 
1 23  SER n 
1 24  LEU n 
1 25  PHE n 
1 26  ASP n 
1 27  LYS n 
1 28  ASP n 
1 29  GLY n 
1 30  ASP n 
1 31  GLY n 
1 32  THR n 
1 33  ILE n 
1 34  THR n 
1 35  THR n 
1 36  LYS n 
1 37  GLU n 
1 38  LEU n 
1 39  GLY n 
1 40  THR n 
1 41  VAL n 
1 42  MET n 
1 43  ARG n 
1 44  SER n 
1 45  LEU n 
1 46  GLY n 
1 47  GLN n 
1 48  ASN n 
1 49  PRO n 
1 50  THR n 
1 51  GLU n 
1 52  ALA n 
1 53  GLU n 
1 54  LEU n 
1 55  GLN n 
1 56  ASP n 
1 57  MET n 
1 58  ILE n 
1 59  ASN n 
1 60  GLU n 
1 61  VAL n 
1 62  ASP n 
1 63  ALA n 
1 64  ASP n 
1 65  GLY n 
1 66  ASN n 
1 67  GLY n 
1 68  THR n 
1 69  ILE n 
1 70  ASP n 
1 71  PHE n 
1 72  PRO n 
1 73  GLU n 
1 74  PHE n 
1 75  LEU n 
1 76  THR n 
1 77  MET n 
1 78  MET n 
1 79  ALA n 
1 80  ARG n 
1 81  LYS n 
1 82  MET n 
1 83  LYS n 
1 84  ASP n 
1 85  THR n 
1 86  ASP n 
1 87  SER n 
1 88  GLU n 
1 89  GLU n 
1 90  GLU n 
1 91  ILE n 
1 92  ARG n 
1 93  GLU n 
1 94  ALA n 
1 95  PHE n 
1 96  ARG n 
1 97  VAL n 
1 98  PHE n 
1 99  ASP n 
1 100 LYS n 
1 101 ASP n 
1 102 GLY n 
1 103 ASN n 
1 104 GLY n 
1 105 TYR n 
1 106 ILE n 
1 107 SER n 
1 108 ALA n 
1 109 ALA n 
1 110 GLU n 
1 111 LEU n 
1 112 ARG n 
1 113 HIS n 
1 114 VAL n 
1 115 MET n 
1 116 THR n 
1 117 ASN n 
1 118 LEU n 
1 119 GLY n 
1 120 GLU n 
1 121 LYS n 
1 122 LEU n 
1 123 THR n 
1 124 ASP n 
1 125 GLU n 
1 126 GLU n 
1 127 VAL n 
1 128 ASP n 
1 129 GLU n 
1 130 MET n 
1 131 ILE n 
1 132 ARG n 
1 133 GLU n 
1 134 ALA n 
1 135 ASP n 
1 136 ILE n 
1 137 ASP n 
1 138 GLY n 
1 139 ASP n 
1 140 GLY n 
1 141 GLN n 
1 142 VAL n 
1 143 ASN n 
1 144 TYR n 
1 145 GLU n 
1 146 GLU n 
1 147 PHE n 
1 148 VAL n 
1 149 GLN n 
1 150 MET n 
1 151 MET n 
1 152 THR n 
1 153 ALA n 
1 154 LYS n 
2 1   SER n 
2 2   LYS n 
2 3   TYR n 
2 4   ILE n 
2 5   THR n 
2 6   THR n 
2 7   ILE n 
2 8   ALA n 
2 9   GLY n 
2 10  VAL n 
2 11  MET n 
2 12  THR n 
2 13  LEU n 
2 14  SER n 
2 15  GLN n 
2 16  VAL n 
2 17  LYS n 
2 18  GLY n 
2 19  PHE n 
2 20  VAL n 
2 21  ARG n 
2 22  LYS n 
2 23  ASN n 
2 24  GLY n 
2 25  VAL n 
# 
_entity_src_gen.entity_id                          1 
_entity_src_gen.pdbx_src_id                        1 
_entity_src_gen.pdbx_alt_source_flag               sample 
_entity_src_gen.pdbx_seq_type                      ? 
_entity_src_gen.pdbx_beg_seq_num                   ? 
_entity_src_gen.pdbx_end_seq_num                   ? 
_entity_src_gen.gene_src_common_name               human 
_entity_src_gen.gene_src_genus                     ? 
_entity_src_gen.pdbx_gene_src_gene                 ? 
_entity_src_gen.gene_src_species                   ? 
_entity_src_gen.gene_src_strain                    ? 
_entity_src_gen.gene_src_tissue                    ? 
_entity_src_gen.gene_src_tissue_fraction           ? 
_entity_src_gen.gene_src_details                   ? 
_entity_src_gen.pdbx_gene_src_fragment             ? 
_entity_src_gen.pdbx_gene_src_scientific_name      'Homo sapiens' 
_entity_src_gen.pdbx_gene_src_ncbi_taxonomy_id     9606 
_entity_src_gen.pdbx_gene_src_variant              ? 
_entity_src_gen.pdbx_gene_src_cell_line            ? 
_entity_src_gen.pdbx_gene_src_atcc                 ? 
_entity_src_gen.pdbx_gene_src_organ                ? 
_entity_src_gen.pdbx_gene_src_organelle            ? 
_entity_src_gen.pdbx_gene_src_cell                 ? 
_entity_src_gen.pdbx_gene_src_cellular_location    ? 
_entity_src_gen.host_org_common_name               ? 
_entity_src_gen.pdbx_host_org_scientific_name      'Escherichia coli BL21(DE3)' 
_entity_src_gen.pdbx_host_org_ncbi_taxonomy_id     469008 
_entity_src_gen.host_org_genus                     ? 
_entity_src_gen.pdbx_host_org_gene                 ? 
_entity_src_gen.pdbx_host_org_organ                ? 
_entity_src_gen.host_org_species                   ? 
_entity_src_gen.pdbx_host_org_tissue               ? 
_entity_src_gen.pdbx_host_org_tissue_fraction      ? 
_entity_src_gen.pdbx_host_org_strain               'BL21(DE3)' 
_entity_src_gen.pdbx_host_org_variant              ? 
_entity_src_gen.pdbx_host_org_cell_line            ? 
_entity_src_gen.pdbx_host_org_atcc                 ? 
_entity_src_gen.pdbx_host_org_culture_collection   ? 
_entity_src_gen.pdbx_host_org_cell                 ? 
_entity_src_gen.pdbx_host_org_organelle            ? 
_entity_src_gen.pdbx_host_org_cellular_location    ? 
_entity_src_gen.pdbx_host_org_vector_type          PLASMID 
_entity_src_gen.pdbx_host_org_vector               ? 
_entity_src_gen.host_org_details                   ? 
_entity_src_gen.expression_system_id               ? 
_entity_src_gen.plasmid_name                       pET28a 
_entity_src_gen.plasmid_details                    ? 
_entity_src_gen.pdbx_description                   ? 
# 
_pdbx_entity_src_syn.entity_id              2 
_pdbx_entity_src_syn.pdbx_src_id            1 
_pdbx_entity_src_syn.pdbx_alt_source_flag   sample 
_pdbx_entity_src_syn.pdbx_beg_seq_num       ? 
_pdbx_entity_src_syn.pdbx_end_seq_num       ? 
_pdbx_entity_src_syn.organism_scientific    'synthetic construct' 
_pdbx_entity_src_syn.organism_common_name   ? 
_pdbx_entity_src_syn.ncbi_taxonomy_id       32630 
_pdbx_entity_src_syn.details                'This sequence occurs naturally in humans.' 
# 
loop_
_struct_ref.id 
_struct_ref.db_name 
_struct_ref.db_code 
_struct_ref.pdbx_db_accession 
_struct_ref.entity_id 
_struct_ref.pdbx_seq_one_letter_code 
_struct_ref.pdbx_align_begin 
_struct_ref.pdbx_db_isoform 
1 UNP CALM_HUMAN P62158 1 
;ADQLTEEQIAEFKEAFSLFDKDGDGTITTKELGTVMRSLGQNPTEAELQDMINEVDADGNGTIDFPEFLTMMARKMKDTD
SEEEIREAFRVFDKDGNGYISAAELRHVMTNLGEKLTDEEVDEMIREADIDGDGQVNYEEFVQMMTAK
;
2   ? 
2 UNP TNR6_HUMAN P25445 2 SKYITTIAGVMTLSQVKGFVRKNGV 230 ? 
# 
loop_
_struct_ref_seq.align_id 
_struct_ref_seq.ref_id 
_struct_ref_seq.pdbx_PDB_id_code 
_struct_ref_seq.pdbx_strand_id 
_struct_ref_seq.seq_align_beg 
_struct_ref_seq.pdbx_seq_align_beg_ins_code 
_struct_ref_seq.seq_align_end 
_struct_ref_seq.pdbx_seq_align_end_ins_code 
_struct_ref_seq.pdbx_db_accession 
_struct_ref_seq.db_align_beg 
_struct_ref_seq.pdbx_db_align_beg_ins_code 
_struct_ref_seq.db_align_end 
_struct_ref_seq.pdbx_db_align_end_ins_code 
_struct_ref_seq.pdbx_auth_seq_align_beg 
_struct_ref_seq.pdbx_auth_seq_align_end 
1 1 3EWT A 7 ? 154 ? P62158 2   ? 149 ? 1   148 
2 2 3EWT E 1 ? 25  ? P25445 230 ? 254 ? 230 254 
# 
loop_
_struct_ref_seq_dif.align_id 
_struct_ref_seq_dif.pdbx_pdb_id_code 
_struct_ref_seq_dif.mon_id 
_struct_ref_seq_dif.pdbx_pdb_strand_id 
_struct_ref_seq_dif.seq_num 
_struct_ref_seq_dif.pdbx_pdb_ins_code 
_struct_ref_seq_dif.pdbx_seq_db_name 
_struct_ref_seq_dif.pdbx_seq_db_accession_code 
_struct_ref_seq_dif.db_mon_id 
_struct_ref_seq_dif.pdbx_seq_db_seq_num 
_struct_ref_seq_dif.details 
_struct_ref_seq_dif.pdbx_auth_seq_num 
_struct_ref_seq_dif.pdbx_ordinal 
1 3EWT HIS A 1 ? UNP P62158 ? ? 'expression tag' -5 1 
1 3EWT HIS A 2 ? UNP P62158 ? ? 'expression tag' -4 2 
1 3EWT HIS A 3 ? UNP P62158 ? ? 'expression tag' -3 3 
1 3EWT HIS A 4 ? UNP P62158 ? ? 'expression tag' -2 4 
1 3EWT HIS A 5 ? UNP P62158 ? ? 'expression tag' -1 5 
1 3EWT HIS A 6 ? UNP P62158 ? ? 'expression tag' 0  6 
# 
loop_
_chem_comp.id 
_chem_comp.type 
_chem_comp.mon_nstd_flag 
_chem_comp.name 
_chem_comp.pdbx_synonyms 
_chem_comp.formula 
_chem_comp.formula_weight 
ALA 'L-peptide linking' y ALANINE         ? 'C3 H7 N O2'     89.093  
ARG 'L-peptide linking' y ARGININE        ? 'C6 H15 N4 O2 1' 175.209 
ASN 'L-peptide linking' y ASPARAGINE      ? 'C4 H8 N2 O3'    132.118 
ASP 'L-peptide linking' y 'ASPARTIC ACID' ? 'C4 H7 N O4'     133.103 
CA  non-polymer         . 'CALCIUM ION'   ? 'Ca 2'           40.078  
GLN 'L-peptide linking' y GLUTAMINE       ? 'C5 H10 N2 O3'   146.144 
GLU 'L-peptide linking' y 'GLUTAMIC ACID' ? 'C5 H9 N O4'     147.129 
GLY 'peptide linking'   y GLYCINE         ? 'C2 H5 N O2'     75.067  
HIS 'L-peptide linking' y HISTIDINE       ? 'C6 H10 N3 O2 1' 156.162 
HOH non-polymer         . WATER           ? 'H2 O'           18.015  
ILE 'L-peptide linking' y ISOLEUCINE      ? 'C6 H13 N O2'    131.173 
LEU 'L-peptide linking' y LEUCINE         ? 'C6 H13 N O2'    131.173 
LYS 'L-peptide linking' y LYSINE          ? 'C6 H15 N2 O2 1' 147.195 
MET 'L-peptide linking' y METHIONINE      ? 'C5 H11 N O2 S'  149.211 
PHE 'L-peptide linking' y PHENYLALANINE   ? 'C9 H11 N O2'    165.189 
PRO 'L-peptide linking' y PROLINE         ? 'C5 H9 N O2'     115.130 
SER 'L-peptide linking' y SERINE          ? 'C3 H7 N O3'     105.093 
THR 'L-peptide linking' y THREONINE       ? 'C4 H9 N O3'     119.119 
TYR 'L-peptide linking' y TYROSINE        ? 'C9 H11 N O3'    181.189 
VAL 'L-peptide linking' y VALINE          ? 'C5 H11 N O2'    117.146 
# 
_exptl.entry_id          3EWT 
_exptl.method            'X-RAY DIFFRACTION' 
_exptl.crystals_number   1 
# 
_exptl_crystal.id                    1 
_exptl_crystal.density_meas          ? 
_exptl_crystal.density_Matthews      2.00 
_exptl_crystal.density_percent_sol   38.35 
_exptl_crystal.description           ? 
_exptl_crystal.F_000                 ? 
_exptl_crystal.preparation           ? 
# 
_exptl_crystal_grow.crystal_id      1 
_exptl_crystal_grow.method          EVAPORATION 
_exptl_crystal_grow.temp            293 
_exptl_crystal_grow.temp_details    ? 
_exptl_crystal_grow.pH              5.5 
_exptl_crystal_grow.pdbx_details    
'25%(w/v) PEG8000, 0.2M Sodium Acetate, 0.1M Sodium cacodylate, pH 5.5, EVAPORATION, temperature 293K' 
_exptl_crystal_grow.pdbx_pH_range   ? 
# 
_diffrn.id                     1 
_diffrn.ambient_temp           113 
_diffrn.ambient_temp_details   ? 
_diffrn.crystal_id             1 
# 
_diffrn_detector.diffrn_id              1 
_diffrn_detector.detector               'IMAGE PLATE' 
_diffrn_detector.type                   'RIGAKU RAXIS IV++' 
_diffrn_detector.pdbx_collection_date   2006-09-22 
_diffrn_detector.details                ? 
# 
_diffrn_radiation.diffrn_id                        1 
_diffrn_radiation.wavelength_id                    1 
_diffrn_radiation.pdbx_monochromatic_or_laue_m_l   M 
_diffrn_radiation.monochromator                    GRAPHITE 
_diffrn_radiation.pdbx_diffrn_protocol             'SINGLE WAVELENGTH' 
_diffrn_radiation.pdbx_scattering_type             x-ray 
# 
_diffrn_radiation_wavelength.id           1 
_diffrn_radiation_wavelength.wavelength   1.5418 
_diffrn_radiation_wavelength.wt           1.0 
# 
_diffrn_source.diffrn_id                   1 
_diffrn_source.source                      'ROTATING ANODE' 
_diffrn_source.type                        RIGAKU 
_diffrn_source.pdbx_synchrotron_site       ? 
_diffrn_source.pdbx_synchrotron_beamline   ? 
_diffrn_source.pdbx_wavelength             ? 
_diffrn_source.pdbx_wavelength_list        1.5418 
# 
_reflns.entry_id                     3EWT 
_reflns.observed_criterion_sigma_I   2.0 
_reflns.observed_criterion_sigma_F   2.0 
_reflns.d_resolution_low             20 
_reflns.d_resolution_high            2.4 
_reflns.number_obs                   6946 
_reflns.number_all                   ? 
_reflns.percent_possible_obs         99.6 
_reflns.pdbx_Rmerge_I_obs            0.042 
_reflns.pdbx_Rsym_value              0.041 
_reflns.pdbx_netI_over_sigmaI        ? 
_reflns.B_iso_Wilson_estimate        ? 
_reflns.pdbx_redundancy              8.6 
_reflns.R_free_details               ? 
_reflns.limit_h_max                  ? 
_reflns.limit_h_min                  ? 
_reflns.limit_k_max                  ? 
_reflns.limit_k_min                  ? 
_reflns.limit_l_max                  ? 
_reflns.limit_l_min                  ? 
_reflns.observed_criterion_F_max     ? 
_reflns.observed_criterion_F_min     ? 
_reflns.pdbx_chi_squared             ? 
_reflns.pdbx_scaling_rejects         ? 
_reflns.pdbx_ordinal                 1 
_reflns.pdbx_diffrn_id               1 
# 
_reflns_shell.d_res_high             2.40 
_reflns_shell.d_res_low              2.46 
_reflns_shell.percent_possible_all   97.3 
_reflns_shell.Rmerge_I_obs           ? 
_reflns_shell.pdbx_Rsym_value        ? 
_reflns_shell.meanI_over_sigI_obs    ? 
_reflns_shell.pdbx_redundancy        ? 
_reflns_shell.percent_possible_obs   ? 
_reflns_shell.number_unique_all      ? 
_reflns_shell.number_measured_all    ? 
_reflns_shell.number_measured_obs    ? 
_reflns_shell.number_unique_obs      ? 
_reflns_shell.pdbx_chi_squared       ? 
_reflns_shell.pdbx_ordinal           1 
_reflns_shell.pdbx_diffrn_id         1 
# 
_refine.entry_id                                 3EWT 
_refine.ls_number_reflns_obs                     6575 
_refine.ls_number_reflns_all                     6575 
_refine.pdbx_ls_sigma_I                          0.0 
_refine.pdbx_ls_sigma_F                          0.0 
_refine.pdbx_data_cutoff_high_absF               ? 
_refine.pdbx_data_cutoff_low_absF                ? 
_refine.pdbx_data_cutoff_high_rms_absF           ? 
_refine.ls_d_res_low                             19.90 
_refine.ls_d_res_high                            2.40 
_refine.ls_percent_reflns_obs                    99.80 
_refine.ls_R_factor_obs                          0.21859 
_refine.ls_R_factor_all                          0.21859 
_refine.ls_R_factor_R_work                       0.21664 
_refine.ls_R_factor_R_free                       0.25916 
_refine.ls_R_factor_R_free_error                 ? 
_refine.ls_R_factor_R_free_error_details         ? 
_refine.ls_percent_reflns_R_free                 4.5 
_refine.ls_number_reflns_R_free                  312 
_refine.ls_number_parameters                     ? 
_refine.ls_number_restraints                     ? 
_refine.occupancy_min                            ? 
_refine.occupancy_max                            ? 
_refine.correlation_coeff_Fo_to_Fc               0.929 
_refine.correlation_coeff_Fo_to_Fc_free          0.901 
_refine.B_iso_mean                               35.709 
_refine.aniso_B[1][1]                            0.73 
_refine.aniso_B[2][2]                            0.73 
_refine.aniso_B[3][3]                            -1.09 
_refine.aniso_B[1][2]                            0.36 
_refine.aniso_B[1][3]                            0.00 
_refine.aniso_B[2][3]                            0.00 
_refine.solvent_model_details                    MASK 
_refine.solvent_model_param_ksol                 ? 
_refine.solvent_model_param_bsol                 ? 
_refine.pdbx_solvent_vdw_probe_radii             1.20 
_refine.pdbx_solvent_ion_probe_radii             0.80 
_refine.pdbx_solvent_shrinkage_radii             0.80 
_refine.pdbx_ls_cross_valid_method               THROUGHOUT 
_refine.details                                  'HYDROGENS HAVE BEEN ADDED IN THE RIDING POSITIONS' 
_refine.pdbx_starting_model                      1L7Z 
_refine.pdbx_method_to_determine_struct          'MOLECULAR REPLACEMENT' 
_refine.pdbx_isotropic_thermal_model             ? 
_refine.pdbx_stereochemistry_target_values       'MAXIMUM LIKELIHOOD' 
_refine.pdbx_stereochem_target_val_spec_case     ? 
_refine.pdbx_R_Free_selection_details            RANDOM 
_refine.pdbx_overall_ESU_R                       0.491 
_refine.pdbx_overall_ESU_R_Free                  0.278 
_refine.overall_SU_ML                            ? 
_refine.overall_SU_B                             ? 
_refine.ls_redundancy_reflns_obs                 ? 
_refine.B_iso_min                                ? 
_refine.B_iso_max                                ? 
_refine.overall_SU_R_Cruickshank_DPI             ? 
_refine.overall_SU_R_free                        ? 
_refine.ls_wR_factor_R_free                      ? 
_refine.ls_wR_factor_R_work                      ? 
_refine.overall_FOM_free_R_set                   ? 
_refine.overall_FOM_work_R_set                   ? 
_refine.pdbx_overall_phase_error                 ? 
_refine.pdbx_refine_id                           'X-RAY DIFFRACTION' 
_refine.pdbx_diffrn_id                           1 
_refine.pdbx_TLS_residual_ADP_flag               ? 
_refine.pdbx_overall_SU_R_free_Cruickshank_DPI   ? 
_refine.pdbx_overall_SU_R_Blow_DPI               ? 
_refine.pdbx_overall_SU_R_free_Blow_DPI          ? 
# 
_refine_hist.pdbx_refine_id                   'X-RAY DIFFRACTION' 
_refine_hist.cycle_id                         LAST 
_refine_hist.pdbx_number_atoms_protein        1227 
_refine_hist.pdbx_number_atoms_nucleic_acid   0 
_refine_hist.pdbx_number_atoms_ligand         4 
_refine_hist.number_atoms_solvent             44 
_refine_hist.number_atoms_total               1275 
_refine_hist.d_res_high                       2.40 
_refine_hist.d_res_low                        19.90 
# 
loop_
_refine_ls_restr.type 
_refine_ls_restr.dev_ideal 
_refine_ls_restr.dev_ideal_target 
_refine_ls_restr.weight 
_refine_ls_restr.number 
_refine_ls_restr.pdbx_refine_id 
_refine_ls_restr.pdbx_restraint_function 
r_bond_refined_d             0.011  0.022  ? 1239 'X-RAY DIFFRACTION' ? 
r_bond_other_d               ?      ?      ? ?    'X-RAY DIFFRACTION' ? 
r_angle_refined_deg          1.384  1.963  ? 1667 'X-RAY DIFFRACTION' ? 
r_angle_other_deg            ?      ?      ? ?    'X-RAY DIFFRACTION' ? 
r_dihedral_angle_1_deg       5.293  5.000  ? 157  'X-RAY DIFFRACTION' ? 
r_dihedral_angle_2_deg       37.661 26.308 ? 65   'X-RAY DIFFRACTION' ? 
r_dihedral_angle_3_deg       20.238 15.000 ? 224  'X-RAY DIFFRACTION' ? 
r_dihedral_angle_4_deg       16.376 15.000 ? 6    'X-RAY DIFFRACTION' ? 
r_chiral_restr               0.110  0.200  ? 189  'X-RAY DIFFRACTION' ? 
r_gen_planes_refined         0.004  0.020  ? 940  'X-RAY DIFFRACTION' ? 
r_gen_planes_other           ?      ?      ? ?    'X-RAY DIFFRACTION' ? 
r_nbd_refined                0.240  0.200  ? 682  'X-RAY DIFFRACTION' ? 
r_nbd_other                  ?      ?      ? ?    'X-RAY DIFFRACTION' ? 
r_nbtor_refined              0.301  0.200  ? 880  'X-RAY DIFFRACTION' ? 
r_nbtor_other                ?      ?      ? ?    'X-RAY DIFFRACTION' ? 
r_xyhbond_nbd_refined        0.128  0.200  ? 57   'X-RAY DIFFRACTION' ? 
r_xyhbond_nbd_other          ?      ?      ? ?    'X-RAY DIFFRACTION' ? 
r_metal_ion_refined          0.097  0.200  ? 21   'X-RAY DIFFRACTION' ? 
r_metal_ion_other            ?      ?      ? ?    'X-RAY DIFFRACTION' ? 
r_symmetry_vdw_refined       0.268  0.200  ? 32   'X-RAY DIFFRACTION' ? 
r_symmetry_vdw_other         ?      ?      ? ?    'X-RAY DIFFRACTION' ? 
r_symmetry_hbond_refined     0.185  0.200  ? 6    'X-RAY DIFFRACTION' ? 
r_symmetry_hbond_other       ?      ?      ? ?    'X-RAY DIFFRACTION' ? 
r_symmetry_metal_ion_refined ?      ?      ? ?    'X-RAY DIFFRACTION' ? 
r_symmetry_metal_ion_other   ?      ?      ? ?    'X-RAY DIFFRACTION' ? 
r_mcbond_it                  0.916  1.500  ? 783  'X-RAY DIFFRACTION' ? 
r_mcbond_other               ?      ?      ? ?    'X-RAY DIFFRACTION' ? 
r_mcangle_it                 1.499  2.000  ? 1252 'X-RAY DIFFRACTION' ? 
r_scbond_it                  1.700  3.000  ? 456  'X-RAY DIFFRACTION' ? 
r_scangle_it                 3.023  4.500  ? 415  'X-RAY DIFFRACTION' ? 
r_rigid_bond_restr           ?      ?      ? ?    'X-RAY DIFFRACTION' ? 
r_sphericity_free            ?      ?      ? ?    'X-RAY DIFFRACTION' ? 
r_sphericity_bonded          ?      ?      ? ?    'X-RAY DIFFRACTION' ? 
# 
_refine_ls_shell.pdbx_total_number_of_bins_used   20 
_refine_ls_shell.d_res_high                       2.401 
_refine_ls_shell.d_res_low                        2.463 
_refine_ls_shell.number_reflns_R_work             475 
_refine_ls_shell.R_factor_R_work                  0.249 
_refine_ls_shell.percent_reflns_obs               99.60 
_refine_ls_shell.R_factor_R_free                  0.447 
_refine_ls_shell.R_factor_R_free_error            ? 
_refine_ls_shell.percent_reflns_R_free            ? 
_refine_ls_shell.number_reflns_R_free             18 
_refine_ls_shell.number_reflns_all                ? 
_refine_ls_shell.R_factor_all                     ? 
_refine_ls_shell.number_reflns_obs                ? 
_refine_ls_shell.redundancy_reflns_obs            ? 
_refine_ls_shell.pdbx_refine_id                   'X-RAY DIFFRACTION' 
# 
_struct.entry_id                  3EWT 
_struct.title                     'Crystal Structure of calmodulin complexed with a peptide' 
_struct.pdbx_model_details        ? 
_struct.pdbx_CASP_flag            ? 
_struct.pdbx_model_type_details   ? 
# 
_struct_keywords.entry_id        3EWT 
_struct_keywords.pdbx_keywords   'CALCIUM BINDING PROTEIN' 
_struct_keywords.text            'Calmodulin-peptide complex, Fas, death domain, CALCIUM BINDING PROTEIN' 
# 
loop_
_struct_asym.id 
_struct_asym.pdbx_blank_PDB_chainid_flag 
_struct_asym.pdbx_modified 
_struct_asym.entity_id 
_struct_asym.details 
A N N 1 ? 
B N N 2 ? 
C N N 3 ? 
D N N 3 ? 
E N N 3 ? 
F N N 3 ? 
G N N 4 ? 
H N N 4 ? 
# 
loop_
_struct_conf.conf_type_id 
_struct_conf.id 
_struct_conf.pdbx_PDB_helix_id 
_struct_conf.beg_label_comp_id 
_struct_conf.beg_label_asym_id 
_struct_conf.beg_label_seq_id 
_struct_conf.pdbx_beg_PDB_ins_code 
_struct_conf.end_label_comp_id 
_struct_conf.end_label_asym_id 
_struct_conf.end_label_seq_id 
_struct_conf.pdbx_end_PDB_ins_code 
_struct_conf.beg_auth_comp_id 
_struct_conf.beg_auth_asym_id 
_struct_conf.beg_auth_seq_id 
_struct_conf.end_auth_comp_id 
_struct_conf.end_auth_asym_id 
_struct_conf.end_auth_seq_id 
_struct_conf.pdbx_PDB_helix_class 
_struct_conf.details 
_struct_conf.pdbx_PDB_helix_length 
HELX_P HELX_P1 1 THR A 11  ? ASP A 26  ? THR A 5   ASP A 20  1 ? 16 
HELX_P HELX_P2 2 THR A 34  ? LEU A 45  ? THR A 28  LEU A 39  1 ? 12 
HELX_P HELX_P3 3 THR A 50  ? ASP A 62  ? THR A 44  ASP A 56  1 ? 13 
HELX_P HELX_P4 4 PHE A 71  ? ASP A 84  ? PHE A 65  ASP A 78  1 ? 14 
HELX_P HELX_P5 5 SER A 87  ? ASP A 99  ? SER A 81  ASP A 93  1 ? 13 
HELX_P HELX_P6 6 SER A 107 ? LEU A 118 ? SER A 101 LEU A 112 1 ? 12 
HELX_P HELX_P7 7 THR A 123 ? ASP A 135 ? THR A 117 ASP A 129 1 ? 13 
HELX_P HELX_P8 8 TYR A 144 ? MET A 151 ? TYR A 138 MET A 145 1 ? 8  
HELX_P HELX_P9 9 LYS B 2   ? SER B 14  ? LYS E 231 SER E 243 1 ? 13 
# 
_struct_conf_type.id          HELX_P 
_struct_conf_type.criteria    ? 
_struct_conf_type.reference   ? 
# 
loop_
_struct_conn.id 
_struct_conn.conn_type_id 
_struct_conn.pdbx_leaving_atom_flag 
_struct_conn.pdbx_PDB_id 
_struct_conn.ptnr1_label_asym_id 
_struct_conn.ptnr1_label_comp_id 
_struct_conn.ptnr1_label_seq_id 
_struct_conn.ptnr1_label_atom_id 
_struct_conn.pdbx_ptnr1_label_alt_id 
_struct_conn.pdbx_ptnr1_PDB_ins_code 
_struct_conn.pdbx_ptnr1_standard_comp_id 
_struct_conn.ptnr1_symmetry 
_struct_conn.ptnr2_label_asym_id 
_struct_conn.ptnr2_label_comp_id 
_struct_conn.ptnr2_label_seq_id 
_struct_conn.ptnr2_label_atom_id 
_struct_conn.pdbx_ptnr2_label_alt_id 
_struct_conn.pdbx_ptnr2_PDB_ins_code 
_struct_conn.ptnr1_auth_asym_id 
_struct_conn.ptnr1_auth_comp_id 
_struct_conn.ptnr1_auth_seq_id 
_struct_conn.ptnr2_auth_asym_id 
_struct_conn.ptnr2_auth_comp_id 
_struct_conn.ptnr2_auth_seq_id 
_struct_conn.ptnr2_symmetry 
_struct_conn.pdbx_ptnr3_label_atom_id 
_struct_conn.pdbx_ptnr3_label_seq_id 
_struct_conn.pdbx_ptnr3_label_comp_id 
_struct_conn.pdbx_ptnr3_label_asym_id 
_struct_conn.pdbx_ptnr3_label_alt_id 
_struct_conn.pdbx_ptnr3_PDB_ins_code 
_struct_conn.details 
_struct_conn.pdbx_dist_value 
_struct_conn.pdbx_value_order 
_struct_conn.pdbx_role 
metalc1  metalc ? ? A ASP 26  OD1 ? ? ? 1_555 C CA  . CA ? ? A ASP 20  A CA  601 1_555 ? ? ? ? ? ? ? 2.187 ? ? 
metalc2  metalc ? ? A ASP 28  OD1 ? ? ? 1_555 C CA  . CA ? ? A ASP 22  A CA  601 1_555 ? ? ? ? ? ? ? 2.318 ? ? 
metalc3  metalc ? ? A ASP 30  OD1 ? ? ? 1_555 C CA  . CA ? ? A ASP 24  A CA  601 1_555 ? ? ? ? ? ? ? 2.368 ? ? 
metalc4  metalc ? ? A THR 32  O   ? ? ? 1_555 C CA  . CA ? ? A THR 26  A CA  601 1_555 ? ? ? ? ? ? ? 2.351 ? ? 
metalc5  metalc ? ? A GLU 37  OE1 ? ? ? 1_555 C CA  . CA ? ? A GLU 31  A CA  601 1_555 ? ? ? ? ? ? ? 2.641 ? ? 
metalc6  metalc ? ? A GLU 37  OE2 ? ? ? 1_555 C CA  . CA ? ? A GLU 31  A CA  601 1_555 ? ? ? ? ? ? ? 2.558 ? ? 
metalc7  metalc ? ? A ASP 62  OD1 ? ? ? 1_555 D CA  . CA ? ? A ASP 56  A CA  602 1_555 ? ? ? ? ? ? ? 2.311 ? ? 
metalc8  metalc ? ? A ASP 64  OD1 ? ? ? 1_555 D CA  . CA ? ? A ASP 58  A CA  602 1_555 ? ? ? ? ? ? ? 2.412 ? ? 
metalc9  metalc ? ? A ASN 66  OD1 ? ? ? 1_555 D CA  . CA ? ? A ASN 60  A CA  602 1_555 ? ? ? ? ? ? ? 2.554 ? ? 
metalc10 metalc ? ? A THR 68  O   ? ? ? 1_555 D CA  . CA ? ? A THR 62  A CA  602 1_555 ? ? ? ? ? ? ? 2.368 ? ? 
metalc11 metalc ? ? A GLU 73  OE1 ? ? ? 1_555 D CA  . CA ? ? A GLU 67  A CA  602 1_555 ? ? ? ? ? ? ? 2.388 ? ? 
metalc12 metalc ? ? A GLU 73  OE2 ? ? ? 1_555 D CA  . CA ? ? A GLU 67  A CA  602 1_555 ? ? ? ? ? ? ? 2.331 ? ? 
metalc13 metalc ? ? A ASP 99  OD1 ? ? ? 1_555 E CA  . CA ? ? A ASP 93  A CA  603 1_555 ? ? ? ? ? ? ? 2.281 ? ? 
metalc14 metalc ? ? A ASP 101 OD1 ? ? ? 1_555 E CA  . CA ? ? A ASP 95  A CA  603 1_555 ? ? ? ? ? ? ? 2.369 ? ? 
metalc15 metalc ? ? A ASN 103 OD1 ? ? ? 1_555 E CA  . CA ? ? A ASN 97  A CA  603 1_555 ? ? ? ? ? ? ? 2.346 ? ? 
metalc16 metalc ? ? A TYR 105 O   ? ? ? 1_555 E CA  . CA ? ? A TYR 99  A CA  603 1_555 ? ? ? ? ? ? ? 2.297 ? ? 
metalc17 metalc ? ? A GLU 110 OE1 ? ? ? 1_555 E CA  . CA ? ? A GLU 104 A CA  603 1_555 ? ? ? ? ? ? ? 2.366 ? ? 
metalc18 metalc ? ? A GLU 110 OE2 ? ? ? 1_555 E CA  . CA ? ? A GLU 104 A CA  603 1_555 ? ? ? ? ? ? ? 2.365 ? ? 
metalc19 metalc ? ? A ASP 135 OD1 ? ? ? 1_555 F CA  . CA ? ? A ASP 129 A CA  604 1_555 ? ? ? ? ? ? ? 2.245 ? ? 
metalc20 metalc ? ? A ASP 137 OD1 ? ? ? 1_555 F CA  . CA ? ? A ASP 131 A CA  604 1_555 ? ? ? ? ? ? ? 2.425 ? ? 
metalc21 metalc ? ? A ASP 139 OD2 ? ? ? 1_555 F CA  . CA ? ? A ASP 133 A CA  604 1_555 ? ? ? ? ? ? ? 2.348 ? ? 
metalc22 metalc ? ? A GLN 141 O   ? ? ? 1_555 F CA  . CA ? ? A GLN 135 A CA  604 1_555 ? ? ? ? ? ? ? 2.357 ? ? 
metalc23 metalc ? ? A GLU 146 OE1 ? ? ? 1_555 F CA  . CA ? ? A GLU 140 A CA  604 1_555 ? ? ? ? ? ? ? 2.601 ? ? 
metalc24 metalc ? ? A GLU 146 OE2 ? ? ? 1_555 F CA  . CA ? ? A GLU 140 A CA  604 1_555 ? ? ? ? ? ? ? 2.462 ? ? 
metalc25 metalc ? ? C CA  .   CA  ? ? ? 1_555 G HOH . O  ? ? A CA  601 A HOH 607 1_555 ? ? ? ? ? ? ? 2.375 ? ? 
metalc26 metalc ? ? D CA  .   CA  ? ? ? 1_555 G HOH . O  ? ? A CA  602 A HOH 645 1_555 ? ? ? ? ? ? ? 2.329 ? ? 
metalc27 metalc ? ? E CA  .   CA  ? ? ? 1_555 G HOH . O  ? ? A CA  603 A HOH 617 1_555 ? ? ? ? ? ? ? 2.371 ? ? 
metalc28 metalc ? ? F CA  .   CA  ? ? ? 1_555 G HOH . O  ? ? A CA  604 A HOH 605 1_555 ? ? ? ? ? ? ? 2.532 ? ? 
# 
_struct_conn_type.id          metalc 
_struct_conn_type.criteria    ? 
_struct_conn_type.reference   ? 
# 
loop_
_struct_sheet.id 
_struct_sheet.type 
_struct_sheet.number_strands 
_struct_sheet.details 
A ? 2 ? 
B ? 2 ? 
# 
loop_
_struct_sheet_order.sheet_id 
_struct_sheet_order.range_id_1 
_struct_sheet_order.range_id_2 
_struct_sheet_order.offset 
_struct_sheet_order.sense 
A 1 2 ? anti-parallel 
B 1 2 ? anti-parallel 
# 
loop_
_struct_sheet_range.sheet_id 
_struct_sheet_range.id 
_struct_sheet_range.beg_label_comp_id 
_struct_sheet_range.beg_label_asym_id 
_struct_sheet_range.beg_label_seq_id 
_struct_sheet_range.pdbx_beg_PDB_ins_code 
_struct_sheet_range.end_label_comp_id 
_struct_sheet_range.end_label_asym_id 
_struct_sheet_range.end_label_seq_id 
_struct_sheet_range.pdbx_end_PDB_ins_code 
_struct_sheet_range.beg_auth_comp_id 
_struct_sheet_range.beg_auth_asym_id 
_struct_sheet_range.beg_auth_seq_id 
_struct_sheet_range.end_auth_comp_id 
_struct_sheet_range.end_auth_asym_id 
_struct_sheet_range.end_auth_seq_id 
A 1 THR A 32  ? ILE A 33  ? THR A 26  ILE A 27  
A 2 ILE A 69  ? ASP A 70  ? ILE A 63  ASP A 64  
B 1 TYR A 105 ? ILE A 106 ? TYR A 99  ILE A 100 
B 2 VAL A 142 ? ASN A 143 ? VAL A 136 ASN A 137 
# 
loop_
_pdbx_struct_sheet_hbond.sheet_id 
_pdbx_struct_sheet_hbond.range_id_1 
_pdbx_struct_sheet_hbond.range_id_2 
_pdbx_struct_sheet_hbond.range_1_label_atom_id 
_pdbx_struct_sheet_hbond.range_1_label_comp_id 
_pdbx_struct_sheet_hbond.range_1_label_asym_id 
_pdbx_struct_sheet_hbond.range_1_label_seq_id 
_pdbx_struct_sheet_hbond.range_1_PDB_ins_code 
_pdbx_struct_sheet_hbond.range_1_auth_atom_id 
_pdbx_struct_sheet_hbond.range_1_auth_comp_id 
_pdbx_struct_sheet_hbond.range_1_auth_asym_id 
_pdbx_struct_sheet_hbond.range_1_auth_seq_id 
_pdbx_struct_sheet_hbond.range_2_label_atom_id 
_pdbx_struct_sheet_hbond.range_2_label_comp_id 
_pdbx_struct_sheet_hbond.range_2_label_asym_id 
_pdbx_struct_sheet_hbond.range_2_label_seq_id 
_pdbx_struct_sheet_hbond.range_2_PDB_ins_code 
_pdbx_struct_sheet_hbond.range_2_auth_atom_id 
_pdbx_struct_sheet_hbond.range_2_auth_comp_id 
_pdbx_struct_sheet_hbond.range_2_auth_asym_id 
_pdbx_struct_sheet_hbond.range_2_auth_seq_id 
A 1 2 N ILE A 33  ? N ILE A 27  O ILE A 69  ? O ILE A 63  
B 1 2 N ILE A 106 ? N ILE A 100 O VAL A 142 ? O VAL A 136 
# 
loop_
_struct_site.id 
_struct_site.pdbx_evidence_code 
_struct_site.pdbx_auth_asym_id 
_struct_site.pdbx_auth_comp_id 
_struct_site.pdbx_auth_seq_id 
_struct_site.pdbx_auth_ins_code 
_struct_site.pdbx_num_residues 
_struct_site.details 
AC1 Software A CA 601 ? 6 'BINDING SITE FOR RESIDUE CA A 601' 
AC2 Software A CA 602 ? 6 'BINDING SITE FOR RESIDUE CA A 602' 
AC3 Software A CA 603 ? 6 'BINDING SITE FOR RESIDUE CA A 603' 
AC4 Software A CA 604 ? 6 'BINDING SITE FOR RESIDUE CA A 604' 
# 
loop_
_struct_site_gen.id 
_struct_site_gen.site_id 
_struct_site_gen.pdbx_num_res 
_struct_site_gen.label_comp_id 
_struct_site_gen.label_asym_id 
_struct_site_gen.label_seq_id 
_struct_site_gen.pdbx_auth_ins_code 
_struct_site_gen.auth_comp_id 
_struct_site_gen.auth_asym_id 
_struct_site_gen.auth_seq_id 
_struct_site_gen.label_atom_id 
_struct_site_gen.label_alt_id 
_struct_site_gen.symmetry 
_struct_site_gen.details 
1  AC1 6 ASP A 26  ? ASP A 20  . ? 1_555 ? 
2  AC1 6 ASP A 28  ? ASP A 22  . ? 1_555 ? 
3  AC1 6 ASP A 30  ? ASP A 24  . ? 1_555 ? 
4  AC1 6 THR A 32  ? THR A 26  . ? 1_555 ? 
5  AC1 6 GLU A 37  ? GLU A 31  . ? 1_555 ? 
6  AC1 6 HOH G .   ? HOH A 607 . ? 1_555 ? 
7  AC2 6 ASP A 62  ? ASP A 56  . ? 1_555 ? 
8  AC2 6 ASP A 64  ? ASP A 58  . ? 1_555 ? 
9  AC2 6 ASN A 66  ? ASN A 60  . ? 1_555 ? 
10 AC2 6 THR A 68  ? THR A 62  . ? 1_555 ? 
11 AC2 6 GLU A 73  ? GLU A 67  . ? 1_555 ? 
12 AC2 6 HOH G .   ? HOH A 645 . ? 1_555 ? 
13 AC3 6 ASP A 99  ? ASP A 93  . ? 1_555 ? 
14 AC3 6 ASP A 101 ? ASP A 95  . ? 1_555 ? 
15 AC3 6 ASN A 103 ? ASN A 97  . ? 1_555 ? 
16 AC3 6 TYR A 105 ? TYR A 99  . ? 1_555 ? 
17 AC3 6 GLU A 110 ? GLU A 104 . ? 1_555 ? 
18 AC3 6 HOH G .   ? HOH A 617 . ? 1_555 ? 
19 AC4 6 ASP A 135 ? ASP A 129 . ? 1_555 ? 
20 AC4 6 ASP A 137 ? ASP A 131 . ? 1_555 ? 
21 AC4 6 ASP A 139 ? ASP A 133 . ? 1_555 ? 
22 AC4 6 GLN A 141 ? GLN A 135 . ? 1_555 ? 
23 AC4 6 GLU A 146 ? GLU A 140 . ? 1_555 ? 
24 AC4 6 HOH G .   ? HOH A 605 . ? 1_555 ? 
# 
_atom_sites.entry_id                    3EWT 
_atom_sites.fract_transf_matrix[1][1]   -0.01472919 
_atom_sites.fract_transf_matrix[1][2]   0.02047285 
_atom_sites.fract_transf_matrix[1][3]   0.01395141 
_atom_sites.fract_transf_matrix[2][1]   -0.02865839 
_atom_sites.fract_transf_matrix[2][2]   -0.00195047 
_atom_sites.fract_transf_matrix[2][3]   0.00237861 
_atom_sites.fract_transf_matrix[3][1]   0.00060488 
_atom_sites.fract_transf_matrix[3][2]   -0.00290686 
_atom_sites.fract_transf_matrix[3][3]   0.00490424 
_atom_sites.fract_transf_vector[1]      0.923299 
_atom_sites.fract_transf_vector[2]      0.492822 
_atom_sites.fract_transf_vector[3]      0.239842 
# 
loop_
_atom_type.symbol 
C  
CA 
N  
O  
S  
# 
loop_
_atom_site.group_PDB 
_atom_site.id 
_atom_site.type_symbol 
_atom_site.label_atom_id 
_atom_site.label_alt_id 
_atom_site.label_comp_id 
_atom_site.label_asym_id 
_atom_site.label_entity_id 
_atom_site.label_seq_id 
_atom_site.pdbx_PDB_ins_code 
_atom_site.Cartn_x 
_atom_site.Cartn_y 
_atom_site.Cartn_z 
_atom_site.occupancy 
_atom_site.B_iso_or_equiv 
_atom_site.pdbx_formal_charge 
_atom_site.auth_seq_id 
_atom_site.auth_comp_id 
_atom_site.auth_asym_id 
_atom_site.auth_atom_id 
_atom_site.pdbx_PDB_model_num 
ATOM   1    N  N   . ALA A 1 7   ? 10.002  -17.841 8.048   1.00 51.19 ? 1   ALA A N   1 
ATOM   2    C  CA  . ALA A 1 7   ? 9.307   -18.217 6.742   1.00 51.04 ? 1   ALA A CA  1 
ATOM   3    C  C   . ALA A 1 7   ? 8.032   -17.299 6.553   1.00 50.85 ? 1   ALA A C   1 
ATOM   4    O  O   . ALA A 1 7   ? 8.122   -16.102 6.192   1.00 50.87 ? 1   ALA A O   1 
ATOM   5    C  CB  . ALA A 1 7   ? 8.917   -19.713 6.745   1.00 50.79 ? 1   ALA A CB  1 
ATOM   6    N  N   . ASP A 1 8   ? 6.856   -17.895 6.766   1.00 40.09 ? 2   ASP A N   1 
ATOM   7    C  CA  . ASP A 1 8   ? 5.651   -17.158 7.162   1.00 40.09 ? 2   ASP A CA  1 
ATOM   8    C  C   . ASP A 1 8   ? 5.810   -16.669 8.614   1.00 40.09 ? 2   ASP A C   1 
ATOM   9    O  O   . ASP A 1 8   ? 5.222   -17.250 9.548   1.00 49.50 ? 2   ASP A O   1 
ATOM   10   C  CB  . ASP A 1 8   ? 4.430   -18.082 7.078   1.00 40.09 ? 2   ASP A CB  1 
ATOM   11   C  CG  . ASP A 1 8   ? 4.384   -18.857 5.770   1.00 40.09 ? 2   ASP A CG  1 
ATOM   12   O  OD1 . ASP A 1 8   ? 5.262   -18.589 4.874   1.00 35.67 ? 2   ASP A OD1 1 
ATOM   13   O  OD2 . ASP A 1 8   ? 3.467   -19.733 5.633   1.00 36.42 ? 2   ASP A OD2 1 
ATOM   14   N  N   . GLN A 1 9   ? 6.611   -15.616 8.791   1.00 48.64 ? 3   GLN A N   1 
ATOM   15   C  CA  . GLN A 1 9   ? 6.687   -14.899 10.062  1.00 49.28 ? 3   GLN A CA  1 
ATOM   16   C  C   . GLN A 1 9   ? 7.221   -13.474 9.878   1.00 50.40 ? 3   GLN A C   1 
ATOM   17   O  O   . GLN A 1 9   ? 8.327   -13.259 9.372   1.00 50.65 ? 3   GLN A O   1 
ATOM   18   C  CB  . GLN A 1 9   ? 7.518   -15.668 11.098  1.00 49.35 ? 3   GLN A CB  1 
ATOM   19   C  CG  . GLN A 1 9   ? 9.045   -15.534 10.917  1.00 51.16 ? 3   GLN A CG  1 
ATOM   20   C  CD  . GLN A 1 9   ? 9.758   -15.634 12.257  1.00 53.36 ? 3   GLN A CD  1 
ATOM   21   O  OE1 . GLN A 1 9   ? 9.443   -14.892 13.205  1.00 54.38 ? 3   GLN A OE1 1 
ATOM   22   N  NE2 . GLN A 1 9   ? 10.734  -16.557 12.345  1.00 54.17 ? 3   GLN A NE2 1 
ATOM   23   N  N   . LEU A 1 10  ? 6.414   -12.506 10.294  1.00 51.80 ? 4   LEU A N   1 
ATOM   24   C  CA  . LEU A 1 10  ? 6.815   -11.101 10.297  1.00 53.00 ? 4   LEU A CA  1 
ATOM   25   C  C   . LEU A 1 10  ? 7.685   -10.769 11.511  1.00 53.33 ? 4   LEU A C   1 
ATOM   26   O  O   . LEU A 1 10  ? 7.374   -11.174 12.634  1.00 53.67 ? 4   LEU A O   1 
ATOM   27   C  CB  . LEU A 1 10  ? 5.592   -10.162 10.208  1.00 53.28 ? 4   LEU A CB  1 
ATOM   28   C  CG  . LEU A 1 10  ? 4.192   -10.519 10.759  1.00 53.91 ? 4   LEU A CG  1 
ATOM   29   C  CD1 . LEU A 1 10  ? 3.460   -11.641 9.944   1.00 55.74 ? 4   LEU A CD1 1 
ATOM   30   C  CD2 . LEU A 1 10  ? 4.192   -10.871 12.246  1.00 54.16 ? 4   LEU A CD2 1 
ATOM   31   N  N   . THR A 1 11  ? 8.775   -10.030 11.279  1.00 53.63 ? 5   THR A N   1 
ATOM   32   C  CA  . THR A 1 11  ? 9.703   -9.720  12.362  1.00 53.76 ? 5   THR A CA  1 
ATOM   33   C  C   . THR A 1 11  ? 9.344   -8.401  13.034  1.00 53.99 ? 5   THR A C   1 
ATOM   34   O  O   . THR A 1 11  ? 8.413   -7.709  12.608  1.00 53.92 ? 5   THR A O   1 
ATOM   35   C  CB  . THR A 1 11  ? 11.178  -9.679  11.878  1.00 53.86 ? 5   THR A CB  1 
ATOM   36   O  OG1 . THR A 1 11  ? 11.644  -8.321  11.826  1.00 53.15 ? 5   THR A OG1 1 
ATOM   37   C  CG2 . THR A 1 11  ? 11.331  -10.365 10.502  1.00 54.19 ? 5   THR A CG2 1 
ATOM   38   N  N   . GLU A 1 12  ? 10.107  -8.066  14.079  1.00 54.22 ? 6   GLU A N   1 
ATOM   39   C  CA  . GLU A 1 12  ? 9.899   -6.858  14.873  1.00 54.54 ? 6   GLU A CA  1 
ATOM   40   C  C   . GLU A 1 12  ? 9.980   -5.596  14.022  1.00 54.28 ? 6   GLU A C   1 
ATOM   41   O  O   . GLU A 1 12  ? 9.241   -4.629  14.249  1.00 54.40 ? 6   GLU A O   1 
ATOM   42   C  CB  . GLU A 1 12  ? 10.955  -6.797  15.968  1.00 54.79 ? 6   GLU A CB  1 
ATOM   43   C  CG  . GLU A 1 12  ? 10.468  -6.181  17.279  1.00 56.86 ? 6   GLU A CG  1 
ATOM   44   C  CD  . GLU A 1 12  ? 11.263  -6.707  18.474  1.00 60.21 ? 6   GLU A CD  1 
ATOM   45   O  OE1 . GLU A 1 12  ? 12.274  -7.433  18.252  1.00 60.79 ? 6   GLU A OE1 1 
ATOM   46   O  OE2 . GLU A 1 12  ? 10.872  -6.401  19.633  1.00 60.37 ? 6   GLU A OE2 1 
ATOM   47   N  N   . GLU A 1 13  ? 10.879  -5.613  13.044  1.00 53.71 ? 7   GLU A N   1 
ATOM   48   C  CA  . GLU A 1 13  ? 11.064  -4.475  12.163  1.00 53.30 ? 7   GLU A CA  1 
ATOM   49   C  C   . GLU A 1 13  ? 10.014  -4.438  11.068  1.00 52.10 ? 7   GLU A C   1 
ATOM   50   O  O   . GLU A 1 13  ? 9.623   -3.356  10.620  1.00 52.23 ? 7   GLU A O   1 
ATOM   51   C  CB  . GLU A 1 13  ? 12.466  -4.480  11.565  1.00 54.04 ? 7   GLU A CB  1 
ATOM   52   C  CG  . GLU A 1 13  ? 13.570  -4.164  12.578  1.00 56.54 ? 7   GLU A CG  1 
ATOM   53   C  CD  . GLU A 1 13  ? 14.902  -3.889  11.900  1.00 60.20 ? 7   GLU A CD  1 
ATOM   54   O  OE1 . GLU A 1 13  ? 15.953  -4.003  12.577  1.00 61.37 ? 7   GLU A OE1 1 
ATOM   55   O  OE2 . GLU A 1 13  ? 14.899  -3.556  10.689  1.00 61.51 ? 7   GLU A OE2 1 
ATOM   56   N  N   . GLN A 1 14  ? 9.566   -5.616  10.640  1.00 50.42 ? 8   GLN A N   1 
ATOM   57   C  CA  . GLN A 1 14  ? 8.483   -5.730  9.669   1.00 49.03 ? 8   GLN A CA  1 
ATOM   58   C  C   . GLN A 1 14  ? 7.164   -5.236  10.265  1.00 47.70 ? 8   GLN A C   1 
ATOM   59   O  O   . GLN A 1 14  ? 6.327   -4.665  9.569   1.00 47.44 ? 8   GLN A O   1 
ATOM   60   C  CB  . GLN A 1 14  ? 8.332   -7.173  9.205   1.00 49.51 ? 8   GLN A CB  1 
ATOM   61   C  CG  . GLN A 1 14  ? 9.324   -7.627  8.151   1.00 50.62 ? 8   GLN A CG  1 
ATOM   62   C  CD  . GLN A 1 14  ? 8.777   -8.794  7.334   1.00 53.04 ? 8   GLN A CD  1 
ATOM   63   O  OE1 . GLN A 1 14  ? 8.304   -9.791  7.884   1.00 54.15 ? 8   GLN A OE1 1 
ATOM   64   N  NE2 . GLN A 1 14  ? 8.828   -8.665  6.014   1.00 54.00 ? 8   GLN A NE2 1 
ATOM   65   N  N   . ILE A 1 15  ? 6.994   -5.473  11.561  1.00 46.18 ? 9   ILE A N   1 
ATOM   66   C  CA  . ILE A 1 15  ? 5.856   -4.978  12.316  1.00 44.37 ? 9   ILE A CA  1 
ATOM   67   C  C   . ILE A 1 15  ? 5.893   -3.455  12.379  1.00 43.35 ? 9   ILE A C   1 
ATOM   68   O  O   . ILE A 1 15  ? 4.889   -2.801  12.116  1.00 42.98 ? 9   ILE A O   1 
ATOM   69   C  CB  . ILE A 1 15  ? 5.836   -5.545  13.770  1.00 44.41 ? 9   ILE A CB  1 
ATOM   70   C  CG1 . ILE A 1 15  ? 5.621   -7.067  13.792  1.00 44.08 ? 9   ILE A CG1 1 
ATOM   71   C  CG2 . ILE A 1 15  ? 4.783   -4.848  14.591  1.00 43.87 ? 9   ILE A CG2 1 
ATOM   72   C  CD1 . ILE A 1 15  ? 4.339   -7.523  13.145  1.00 45.43 ? 9   ILE A CD1 1 
ATOM   73   N  N   . ALA A 1 16  ? 7.052   -2.902  12.738  1.00 42.31 ? 10  ALA A N   1 
ATOM   74   C  CA  . ALA A 1 16  ? 7.244   -1.443  12.815  1.00 41.55 ? 10  ALA A CA  1 
ATOM   75   C  C   . ALA A 1 16  ? 7.032   -0.733  11.468  1.00 40.80 ? 10  ALA A C   1 
ATOM   76   O  O   . ALA A 1 16  ? 6.535   0.388   11.436  1.00 41.10 ? 10  ALA A O   1 
ATOM   77   C  CB  . ALA A 1 16  ? 8.624   -1.105  13.397  1.00 41.41 ? 10  ALA A CB  1 
ATOM   78   N  N   . GLU A 1 17  ? 7.404   -1.388  10.370  1.00 39.80 ? 11  GLU A N   1 
ATOM   79   C  CA  . GLU A 1 17  ? 7.172   -0.857  9.025   1.00 38.95 ? 11  GLU A CA  1 
ATOM   80   C  C   . GLU A 1 17  ? 5.696   -0.848  8.651   1.00 37.77 ? 11  GLU A C   1 
ATOM   81   O  O   . GLU A 1 17  ? 5.231   0.084   8.009   1.00 37.87 ? 11  GLU A O   1 
ATOM   82   C  CB  . GLU A 1 17  ? 7.968   -1.644  7.983   1.00 39.31 ? 11  GLU A CB  1 
ATOM   83   C  CG  . GLU A 1 17  ? 9.468   -1.527  8.172   1.00 41.55 ? 11  GLU A CG  1 
ATOM   84   C  CD  . GLU A 1 17  ? 10.274  -2.266  7.128   1.00 44.40 ? 11  GLU A CD  1 
ATOM   85   O  OE1 . GLU A 1 17  ? 9.771   -3.228  6.514   1.00 44.81 ? 11  GLU A OE1 1 
ATOM   86   O  OE2 . GLU A 1 17  ? 11.443  -1.870  6.926   1.00 47.24 ? 11  GLU A OE2 1 
ATOM   87   N  N   . PHE A 1 18  ? 4.967   -1.889  9.047   1.00 36.51 ? 12  PHE A N   1 
ATOM   88   C  CA  . PHE A 1 18  ? 3.518   -1.947  8.846   1.00 35.09 ? 12  PHE A CA  1 
ATOM   89   C  C   . PHE A 1 18  ? 2.788   -0.913  9.707   1.00 34.69 ? 12  PHE A C   1 
ATOM   90   O  O   . PHE A 1 18  ? 1.781   -0.337  9.284   1.00 34.59 ? 12  PHE A O   1 
ATOM   91   C  CB  . PHE A 1 18  ? 2.977   -3.347  9.134   1.00 34.63 ? 12  PHE A CB  1 
ATOM   92   C  CG  . PHE A 1 18  ? 3.231   -4.346  8.032   1.00 34.09 ? 12  PHE A CG  1 
ATOM   93   C  CD1 . PHE A 1 18  ? 2.770   -4.112  6.740   1.00 32.62 ? 12  PHE A CD1 1 
ATOM   94   C  CD2 . PHE A 1 18  ? 3.893   -5.544  8.299   1.00 34.02 ? 12  PHE A CD2 1 
ATOM   95   C  CE1 . PHE A 1 18  ? 2.986   -5.040  5.719   1.00 32.51 ? 12  PHE A CE1 1 
ATOM   96   C  CE2 . PHE A 1 18  ? 4.128   -6.486  7.276   1.00 33.19 ? 12  PHE A CE2 1 
ATOM   97   C  CZ  . PHE A 1 18  ? 3.670   -6.231  5.986   1.00 33.07 ? 12  PHE A CZ  1 
ATOM   98   N  N   . LYS A 1 19  ? 3.299   -0.670  10.910  1.00 34.15 ? 13  LYS A N   1 
ATOM   99   C  CA  . LYS A 1 19  ? 2.685   0.309   11.793  1.00 33.82 ? 13  LYS A CA  1 
ATOM   100  C  C   . LYS A 1 19  ? 2.821   1.705   11.202  1.00 33.93 ? 13  LYS A C   1 
ATOM   101  O  O   . LYS A 1 19  ? 1.909   2.526   11.314  1.00 34.02 ? 13  LYS A O   1 
ATOM   102  C  CB  . LYS A 1 19  ? 3.262   0.230   13.209  1.00 33.13 ? 13  LYS A CB  1 
ATOM   103  C  CG  . LYS A 1 19  ? 2.854   1.383   14.132  1.00 32.45 ? 13  LYS A CG  1 
ATOM   104  C  CD  . LYS A 1 19  ? 1.351   1.452   14.384  1.00 31.72 ? 13  LYS A CD  1 
ATOM   105  C  CE  . LYS A 1 19  ? 1.034   2.507   15.429  1.00 32.23 ? 13  LYS A CE  1 
ATOM   106  N  NZ  . LYS A 1 19  ? -0.439  2.826   15.450  1.00 34.80 ? 13  LYS A NZ  1 
ATOM   107  N  N   . GLU A 1 20  ? 3.966   1.942   10.570  1.00 34.12 ? 14  GLU A N   1 
ATOM   108  C  CA  . GLU A 1 20  ? 4.284   3.188   9.880   1.00 34.86 ? 14  GLU A CA  1 
ATOM   109  C  C   . GLU A 1 20  ? 3.355   3.362   8.679   1.00 34.48 ? 14  GLU A C   1 
ATOM   110  O  O   . GLU A 1 20  ? 2.670   4.378   8.552   1.00 34.23 ? 14  GLU A O   1 
ATOM   111  C  CB  . GLU A 1 20  ? 5.747   3.126   9.449   1.00 35.64 ? 14  GLU A CB  1 
ATOM   112  C  CG  . GLU A 1 20  ? 6.294   4.304   8.685   1.00 38.29 ? 14  GLU A CG  1 
ATOM   113  C  CD  . GLU A 1 20  ? 7.738   4.047   8.247   1.00 42.77 ? 14  GLU A CD  1 
ATOM   114  O  OE1 . GLU A 1 20  ? 7.954   3.376   7.204   1.00 43.71 ? 14  GLU A OE1 1 
ATOM   115  O  OE2 . GLU A 1 20  ? 8.661   4.510   8.965   1.00 44.94 ? 14  GLU A OE2 1 
ATOM   116  N  N   . ALA A 1 21  ? 3.305   2.343   7.829   1.00 33.84 ? 15  ALA A N   1 
ATOM   117  C  CA  . ALA A 1 21  ? 2.348   2.294   6.735   1.00 33.64 ? 15  ALA A CA  1 
ATOM   118  C  C   . ALA A 1 21  ? 0.904   2.556   7.173   1.00 33.40 ? 15  ALA A C   1 
ATOM   119  O  O   . ALA A 1 21  ? 0.168   3.238   6.467   1.00 33.92 ? 15  ALA A O   1 
ATOM   120  C  CB  . ALA A 1 21  ? 2.449   0.955   6.008   1.00 33.92 ? 15  ALA A CB  1 
ATOM   121  N  N   . PHE A 1 22  ? 0.500   1.990   8.314   1.00 32.88 ? 16  PHE A N   1 
ATOM   122  C  CA  . PHE A 1 22  ? -0.847  2.160   8.880   1.00 32.34 ? 16  PHE A CA  1 
ATOM   123  C  C   . PHE A 1 22  ? -1.181  3.637   9.109   1.00 33.44 ? 16  PHE A C   1 
ATOM   124  O  O   . PHE A 1 22  ? -2.340  4.050   8.952   1.00 33.63 ? 16  PHE A O   1 
ATOM   125  C  CB  . PHE A 1 22  ? -0.956  1.367   10.196  1.00 31.36 ? 16  PHE A CB  1 
ATOM   126  C  CG  . PHE A 1 22  ? -2.294  1.480   10.910  1.00 27.71 ? 16  PHE A CG  1 
ATOM   127  C  CD1 . PHE A 1 22  ? -3.381  0.715   10.519  1.00 25.23 ? 16  PHE A CD1 1 
ATOM   128  C  CD2 . PHE A 1 22  ? -2.436  2.304   12.016  1.00 24.98 ? 16  PHE A CD2 1 
ATOM   129  C  CE1 . PHE A 1 22  ? -4.601  0.796   11.197  1.00 22.82 ? 16  PHE A CE1 1 
ATOM   130  C  CE2 . PHE A 1 22  ? -3.652  2.397   12.691  1.00 24.79 ? 16  PHE A CE2 1 
ATOM   131  C  CZ  . PHE A 1 22  ? -4.735  1.635   12.276  1.00 23.44 ? 16  PHE A CZ  1 
ATOM   132  N  N   . SER A 1 23  ? -0.163  4.421   9.474   1.00 34.09 ? 17  SER A N   1 
ATOM   133  C  CA  . SER A 1 23  ? -0.327  5.853   9.721   1.00 34.97 ? 17  SER A CA  1 
ATOM   134  C  C   . SER A 1 23  ? -0.609  6.666   8.452   1.00 34.90 ? 17  SER A C   1 
ATOM   135  O  O   . SER A 1 23  ? -1.217  7.741   8.530   1.00 35.10 ? 17  SER A O   1 
ATOM   136  C  CB  . SER A 1 23  ? 0.876   6.424   10.486  1.00 35.31 ? 17  SER A CB  1 
ATOM   137  O  OG  . SER A 1 23  ? 2.007   6.564   9.637   1.00 37.98 ? 17  SER A OG  1 
ATOM   138  N  N   . LEU A 1 24  ? -0.184  6.161   7.290   1.00 34.84 ? 18  LEU A N   1 
ATOM   139  C  CA  . LEU A 1 24  ? -0.585  6.758   6.002   1.00 35.07 ? 18  LEU A CA  1 
ATOM   140  C  C   . LEU A 1 24  ? -2.115  6.863   5.859   1.00 34.30 ? 18  LEU A C   1 
ATOM   141  O  O   . LEU A 1 24  ? -2.625  7.866   5.376   1.00 33.60 ? 18  LEU A O   1 
ATOM   142  C  CB  . LEU A 1 24  ? -0.040  5.952   4.810   1.00 35.39 ? 18  LEU A CB  1 
ATOM   143  C  CG  . LEU A 1 24  ? 1.433   6.043   4.403   1.00 37.77 ? 18  LEU A CG  1 
ATOM   144  C  CD1 . LEU A 1 24  ? 1.582   5.715   2.913   1.00 39.53 ? 18  LEU A CD1 1 
ATOM   145  C  CD2 . LEU A 1 24  ? 2.018   7.407   4.699   1.00 38.83 ? 18  LEU A CD2 1 
ATOM   146  N  N   . PHE A 1 25  ? -2.810  5.806   6.286   1.00 33.69 ? 19  PHE A N   1 
ATOM   147  C  CA  . PHE A 1 25  ? -4.254  5.665   6.164   1.00 33.17 ? 19  PHE A CA  1 
ATOM   148  C  C   . PHE A 1 25  ? -4.998  6.285   7.334   1.00 32.80 ? 19  PHE A C   1 
ATOM   149  O  O   . PHE A 1 25  ? -6.033  6.915   7.156   1.00 32.67 ? 19  PHE A O   1 
ATOM   150  C  CB  . PHE A 1 25  ? -4.636  4.184   6.018   1.00 33.04 ? 19  PHE A CB  1 
ATOM   151  C  CG  . PHE A 1 25  ? -3.894  3.479   4.933   1.00 34.18 ? 19  PHE A CG  1 
ATOM   152  C  CD1 . PHE A 1 25  ? -2.632  2.938   5.166   1.00 34.95 ? 19  PHE A CD1 1 
ATOM   153  C  CD2 . PHE A 1 25  ? -4.445  3.359   3.668   1.00 36.30 ? 19  PHE A CD2 1 
ATOM   154  C  CE1 . PHE A 1 25  ? -1.930  2.293   4.158   1.00 35.26 ? 19  PHE A CE1 1 
ATOM   155  C  CE2 . PHE A 1 25  ? -3.743  2.710   2.650   1.00 36.16 ? 19  PHE A CE2 1 
ATOM   156  C  CZ  . PHE A 1 25  ? -2.489  2.182   2.897   1.00 35.90 ? 19  PHE A CZ  1 
ATOM   157  N  N   . ASP A 1 26  ? -4.474  6.100   8.532   1.00 32.61 ? 20  ASP A N   1 
ATOM   158  C  CA  . ASP A 1 26  ? -5.061  6.694   9.724   1.00 32.76 ? 20  ASP A CA  1 
ATOM   159  C  C   . ASP A 1 26  ? -4.673  8.182   9.846   1.00 33.03 ? 20  ASP A C   1 
ATOM   160  O  O   . ASP A 1 26  ? -3.854  8.576   10.663  1.00 33.01 ? 20  ASP A O   1 
ATOM   161  C  CB  . ASP A 1 26  ? -4.653  5.860   10.951  1.00 32.59 ? 20  ASP A CB  1 
ATOM   162  C  CG  . ASP A 1 26  ? -5.204  6.400   12.254  1.00 31.78 ? 20  ASP A CG  1 
ATOM   163  O  OD1 . ASP A 1 26  ? -6.254  7.074   12.263  1.00 31.67 ? 20  ASP A OD1 1 
ATOM   164  O  OD2 . ASP A 1 26  ? -4.580  6.125   13.291  1.00 32.96 ? 20  ASP A OD2 1 
ATOM   165  N  N   . LYS A 1 27  ? -5.292  9.012   9.021   1.00 33.96 ? 21  LYS A N   1 
ATOM   166  C  CA  . LYS A 1 27  ? -4.923  10.430  8.915   1.00 34.65 ? 21  LYS A CA  1 
ATOM   167  C  C   . LYS A 1 27  ? -4.963  11.227  10.233  1.00 35.18 ? 21  LYS A C   1 
ATOM   168  O  O   . LYS A 1 27  ? -4.226  12.208  10.386  1.00 35.62 ? 21  LYS A O   1 
ATOM   169  C  CB  . LYS A 1 27  ? -5.781  11.136  7.852   1.00 34.34 ? 21  LYS A CB  1 
ATOM   170  C  CG  . LYS A 1 27  ? -5.711  10.519  6.454   1.00 33.90 ? 21  LYS A CG  1 
ATOM   171  C  CD  . LYS A 1 27  ? -4.483  10.969  5.682   1.00 32.72 ? 21  LYS A CD  1 
ATOM   172  C  CE  . LYS A 1 27  ? -4.475  10.339  4.304   1.00 33.21 ? 21  LYS A CE  1 
ATOM   173  N  NZ  . LYS A 1 27  ? -3.080  10.200  3.773   1.00 33.59 ? 21  LYS A NZ  1 
ATOM   174  N  N   . ASP A 1 28  ? -5.818  10.826  11.173  1.00 35.26 ? 22  ASP A N   1 
ATOM   175  C  CA  . ASP A 1 28  ? -5.966  11.591  12.415  1.00 35.22 ? 22  ASP A CA  1 
ATOM   176  C  C   . ASP A 1 28  ? -5.275  10.926  13.595  1.00 35.30 ? 22  ASP A C   1 
ATOM   177  O  O   . ASP A 1 28  ? -5.305  11.430  14.709  1.00 35.71 ? 22  ASP A O   1 
ATOM   178  C  CB  . ASP A 1 28  ? -7.444  11.919  12.712  1.00 34.81 ? 22  ASP A CB  1 
ATOM   179  C  CG  . ASP A 1 28  ? -8.288  10.692  12.998  1.00 34.18 ? 22  ASP A CG  1 
ATOM   180  O  OD1 . ASP A 1 28  ? -7.770  9.560   12.939  1.00 33.19 ? 22  ASP A OD1 1 
ATOM   181  O  OD2 . ASP A 1 28  ? -9.493  10.864  13.287  1.00 33.77 ? 22  ASP A OD2 1 
ATOM   182  N  N   . GLY A 1 29  ? -4.652  9.786   13.332  1.00 35.72 ? 23  GLY A N   1 
ATOM   183  C  CA  . GLY A 1 29  ? -3.899  9.056   14.347  1.00 35.51 ? 23  GLY A CA  1 
ATOM   184  C  C   . GLY A 1 29  ? -4.693  8.593   15.553  1.00 35.39 ? 23  GLY A C   1 
ATOM   185  O  O   . GLY A 1 29  ? -4.124  8.440   16.639  1.00 36.19 ? 23  GLY A O   1 
ATOM   186  N  N   . ASP A 1 30  ? -5.994  8.361   15.381  1.00 34.80 ? 24  ASP A N   1 
ATOM   187  C  CA  . ASP A 1 30  ? -6.831  7.864   16.479  1.00 34.33 ? 24  ASP A CA  1 
ATOM   188  C  C   . ASP A 1 30  ? -6.737  6.342   16.630  1.00 33.90 ? 24  ASP A C   1 
ATOM   189  O  O   . ASP A 1 30  ? -7.352  5.784   17.534  1.00 34.28 ? 24  ASP A O   1 
ATOM   190  C  CB  . ASP A 1 30  ? -8.295  8.325   16.344  1.00 33.93 ? 24  ASP A CB  1 
ATOM   191  C  CG  . ASP A 1 30  ? -9.098  7.538   15.272  1.00 35.21 ? 24  ASP A CG  1 
ATOM   192  O  OD1 . ASP A 1 30  ? -8.510  6.880   14.368  1.00 34.11 ? 24  ASP A OD1 1 
ATOM   193  O  OD2 . ASP A 1 30  ? -10.349 7.612   15.319  1.00 35.04 ? 24  ASP A OD2 1 
ATOM   194  N  N   . GLY A 1 31  ? -5.990  5.689   15.731  1.00 33.23 ? 25  GLY A N   1 
ATOM   195  C  CA  . GLY A 1 31  ? -5.741  4.246   15.784  1.00 32.43 ? 25  GLY A CA  1 
ATOM   196  C  C   . GLY A 1 31  ? -6.684  3.367   14.964  1.00 32.51 ? 25  GLY A C   1 
ATOM   197  O  O   . GLY A 1 31  ? -6.578  2.126   14.988  1.00 32.65 ? 25  GLY A O   1 
ATOM   198  N  N   . THR A 1 32  ? -7.606  4.004   14.239  1.00 31.60 ? 26  THR A N   1 
ATOM   199  C  CA  . THR A 1 32  ? -8.563  3.308   13.378  1.00 30.78 ? 26  THR A CA  1 
ATOM   200  C  C   . THR A 1 32  ? -8.578  3.942   11.987  1.00 29.83 ? 26  THR A C   1 
ATOM   201  O  O   . THR A 1 32  ? -8.490  5.158   11.869  1.00 29.56 ? 26  THR A O   1 
ATOM   202  C  CB  . THR A 1 32  ? -10.007 3.346   13.979  1.00 30.96 ? 26  THR A CB  1 
ATOM   203  O  OG1 . THR A 1 32  ? -10.435 4.706   14.143  1.00 32.49 ? 26  THR A OG1 1 
ATOM   204  C  CG2 . THR A 1 32  ? -10.064 2.665   15.337  1.00 31.06 ? 26  THR A CG2 1 
ATOM   205  N  N   . ILE A 1 33  ? -8.655  3.122   10.938  1.00 28.95 ? 27  ILE A N   1 
ATOM   206  C  CA  . ILE A 1 33  ? -8.992  3.619   9.601   1.00 27.59 ? 27  ILE A CA  1 
ATOM   207  C  C   . ILE A 1 33  ? -10.522 3.603   9.441   1.00 26.72 ? 27  ILE A C   1 
ATOM   208  O  O   . ILE A 1 33  ? -11.158 2.547   9.533   1.00 26.12 ? 27  ILE A O   1 
ATOM   209  C  CB  . ILE A 1 33  ? -8.429  2.756   8.429   1.00 27.98 ? 27  ILE A CB  1 
ATOM   210  C  CG1 . ILE A 1 33  ? -7.028  2.152   8.698   1.00 28.90 ? 27  ILE A CG1 1 
ATOM   211  C  CG2 . ILE A 1 33  ? -8.539  3.510   7.100   1.00 26.70 ? 27  ILE A CG2 1 
ATOM   212  C  CD1 . ILE A 1 33  ? -5.948  3.107   8.881   1.00 32.88 ? 27  ILE A CD1 1 
ATOM   213  N  N   . THR A 1 34  ? -11.099 4.771   9.182   1.00 25.58 ? 28  THR A N   1 
ATOM   214  C  CA  . THR A 1 34  ? -12.504 4.870   8.824   1.00 24.27 ? 28  THR A CA  1 
ATOM   215  C  C   . THR A 1 34  ? -12.705 4.771   7.300   1.00 23.39 ? 28  THR A C   1 
ATOM   216  O  O   . THR A 1 34  ? -11.749 4.841   6.534   1.00 23.27 ? 28  THR A O   1 
ATOM   217  C  CB  . THR A 1 34  ? -13.089 6.182   9.345   1.00 24.71 ? 28  THR A CB  1 
ATOM   218  O  OG1 . THR A 1 34  ? -12.390 7.276   8.751   1.00 25.27 ? 28  THR A OG1 1 
ATOM   219  C  CG2 . THR A 1 34  ? -12.965 6.283   10.872  1.00 23.88 ? 28  THR A CG2 1 
ATOM   220  N  N   . THR A 1 35  ? -13.948 4.602   6.861   1.00 22.85 ? 29  THR A N   1 
ATOM   221  C  CA  . THR A 1 35  ? -14.298 4.643   5.433   1.00 21.87 ? 29  THR A CA  1 
ATOM   222  C  C   . THR A 1 35  ? -13.895 5.966   4.793   1.00 22.02 ? 29  THR A C   1 
ATOM   223  O  O   . THR A 1 35  ? -13.495 5.999   3.635   1.00 21.97 ? 29  THR A O   1 
ATOM   224  C  CB  . THR A 1 35  ? -15.811 4.551   5.225   1.00 22.13 ? 29  THR A CB  1 
ATOM   225  O  OG1 . THR A 1 35  ? -16.451 5.556   6.033   1.00 21.78 ? 29  THR A OG1 1 
ATOM   226  C  CG2 . THR A 1 35  ? -16.356 3.159   5.540   1.00 19.57 ? 29  THR A CG2 1 
ATOM   227  N  N   . LYS A 1 36  ? -14.033 7.049   5.559   1.00 22.11 ? 30  LYS A N   1 
ATOM   228  C  CA  . LYS A 1 36  ? -13.703 8.393   5.107   1.00 22.43 ? 30  LYS A CA  1 
ATOM   229  C  C   . LYS A 1 36  ? -12.224 8.528   4.844   1.00 22.18 ? 30  LYS A C   1 
ATOM   230  O  O   . LYS A 1 36  ? -11.837 9.092   3.841   1.00 21.40 ? 30  LYS A O   1 
ATOM   231  C  CB  . LYS A 1 36  ? -14.141 9.450   6.125   1.00 22.65 ? 30  LYS A CB  1 
ATOM   232  C  CG  . LYS A 1 36  ? -15.645 9.494   6.334   1.00 24.12 ? 30  LYS A CG  1 
ATOM   233  C  CD  . LYS A 1 36  ? -16.036 10.819  7.016   1.00 27.10 ? 30  LYS A CD  1 
ATOM   234  C  CE  . LYS A 1 36  ? -15.624 10.863  8.489   1.00 28.10 ? 30  LYS A CE  1 
ATOM   235  N  NZ  . LYS A 1 36  ? -16.315 9.798   9.248   1.00 28.60 ? 30  LYS A NZ  1 
ATOM   236  N  N   . GLU A 1 37  ? -11.411 7.992   5.748   1.00 22.50 ? 31  GLU A N   1 
ATOM   237  C  CA  . GLU A 1 37  ? -9.965  7.968   5.583   1.00 22.65 ? 31  GLU A CA  1 
ATOM   238  C  C   . GLU A 1 37  ? -9.529  7.042   4.449   1.00 23.20 ? 31  GLU A C   1 
ATOM   239  O  O   . GLU A 1 37  ? -8.597  7.358   3.694   1.00 23.76 ? 31  GLU A O   1 
ATOM   240  C  CB  . GLU A 1 37  ? -9.316  7.583   6.889   1.00 22.68 ? 31  GLU A CB  1 
ATOM   241  C  CG  . GLU A 1 37  ? -9.441  8.673   7.943   1.00 22.64 ? 31  GLU A CG  1 
ATOM   242  C  CD  . GLU A 1 37  ? -8.933  8.202   9.279   1.00 24.79 ? 31  GLU A CD  1 
ATOM   243  O  OE1 . GLU A 1 37  ? -9.099  7.000   9.589   1.00 24.31 ? 31  GLU A OE1 1 
ATOM   244  O  OE2 . GLU A 1 37  ? -8.365  9.017   10.027  1.00 24.80 ? 31  GLU A OE2 1 
ATOM   245  N  N   . LEU A 1 38  ? -10.236 5.929   4.285   1.00 23.30 ? 32  LEU A N   1 
ATOM   246  C  CA  . LEU A 1 38  ? -9.965  5.042   3.171   1.00 23.25 ? 32  LEU A CA  1 
ATOM   247  C  C   . LEU A 1 38  ? -10.262 5.705   1.823   1.00 23.53 ? 32  LEU A C   1 
ATOM   248  O  O   . LEU A 1 38  ? -9.512  5.528   0.856   1.00 23.01 ? 32  LEU A O   1 
ATOM   249  C  CB  . LEU A 1 38  ? -10.761 3.749   3.326   1.00 23.73 ? 32  LEU A CB  1 
ATOM   250  C  CG  . LEU A 1 38  ? -10.396 2.586   2.405   1.00 24.07 ? 32  LEU A CG  1 
ATOM   251  C  CD1 . LEU A 1 38  ? -8.887  2.305   2.442   1.00 23.36 ? 32  LEU A CD1 1 
ATOM   252  C  CD2 . LEU A 1 38  ? -11.196 1.390   2.839   1.00 24.20 ? 32  LEU A CD2 1 
ATOM   253  N  N   . GLY A 1 39  ? -11.363 6.460   1.761   1.00 23.63 ? 33  GLY A N   1 
ATOM   254  C  CA  . GLY A 1 39  ? -11.783 7.119   0.527   1.00 23.21 ? 33  GLY A CA  1 
ATOM   255  C  C   . GLY A 1 39  ? -10.804 8.192   0.123   1.00 23.55 ? 33  GLY A C   1 
ATOM   256  O  O   . GLY A 1 39  ? -10.466 8.305   -1.060  1.00 23.49 ? 33  GLY A O   1 
ATOM   257  N  N   . THR A 1 40  ? -10.325 8.959   1.105   1.00 23.65 ? 34  THR A N   1 
ATOM   258  C  CA  . THR A 1 40  ? -9.310  9.974   0.844   1.00 24.39 ? 34  THR A CA  1 
ATOM   259  C  C   . THR A 1 40  ? -7.968  9.376   0.376   1.00 24.56 ? 34  THR A C   1 
ATOM   260  O  O   . THR A 1 40  ? -7.321  9.939   -0.504  1.00 25.00 ? 34  THR A O   1 
ATOM   261  C  CB  . THR A 1 40  ? -9.172  11.098  1.992   1.00 25.11 ? 34  THR A CB  1 
ATOM   262  O  OG1 . THR A 1 40  ? -7.998  10.918  2.792   1.00 27.23 ? 34  THR A OG1 1 
ATOM   263  C  CG2 . THR A 1 40  ? -10.374 11.195  2.863   1.00 22.62 ? 34  THR A CG2 1 
ATOM   264  N  N   . VAL A 1 41  ? -7.561  8.244   0.945   1.00 24.48 ? 35  VAL A N   1 
ATOM   265  C  CA  . VAL A 1 41  ? -6.396  7.512   0.435   1.00 24.57 ? 35  VAL A CA  1 
ATOM   266  C  C   . VAL A 1 41  ? -6.636  6.978   -0.985  1.00 24.53 ? 35  VAL A C   1 
ATOM   267  O  O   . VAL A 1 41  ? -5.821  7.180   -1.874  1.00 24.58 ? 35  VAL A O   1 
ATOM   268  C  CB  . VAL A 1 41  ? -5.929  6.356   1.395   1.00 24.69 ? 35  VAL A CB  1 
ATOM   269  C  CG1 . VAL A 1 41  ? -4.835  5.514   0.736   1.00 23.77 ? 35  VAL A CG1 1 
ATOM   270  C  CG2 . VAL A 1 41  ? -5.435  6.923   2.737   1.00 23.53 ? 35  VAL A CG2 1 
ATOM   271  N  N   . MET A 1 42  ? -7.756  6.302   -1.183  1.00 24.94 ? 36  MET A N   1 
ATOM   272  C  CA  . MET A 1 42  ? -8.153  5.791   -2.490  1.00 25.10 ? 36  MET A CA  1 
ATOM   273  C  C   . MET A 1 42  ? -8.133  6.844   -3.586  1.00 25.52 ? 36  MET A C   1 
ATOM   274  O  O   . MET A 1 42  ? -7.588  6.613   -4.669  1.00 26.16 ? 36  MET A O   1 
ATOM   275  C  CB  . MET A 1 42  ? -9.531  5.121   -2.406  1.00 25.02 ? 36  MET A CB  1 
ATOM   276  C  CG  . MET A 1 42  ? -9.498  3.768   -1.689  1.00 25.32 ? 36  MET A CG  1 
ATOM   277  S  SD  . MET A 1 42  ? -8.134  2.716   -2.240  1.00 28.80 ? 36  MET A SD  1 
ATOM   278  C  CE  . MET A 1 42  ? -8.860  2.002   -3.715  1.00 28.24 ? 36  MET A CE  1 
ATOM   279  N  N   . ARG A 1 43  ? -8.731  8.000   -3.308  1.00 25.64 ? 37  ARG A N   1 
ATOM   280  C  CA  . ARG A 1 43  ? -8.780  9.075   -4.289  1.00 25.21 ? 37  ARG A CA  1 
ATOM   281  C  C   . ARG A 1 43  ? -7.418  9.728   -4.511  1.00 25.66 ? 37  ARG A C   1 
ATOM   282  O  O   . ARG A 1 43  ? -7.133  10.216  -5.607  1.00 25.73 ? 37  ARG A O   1 
ATOM   283  C  CB  . ARG A 1 43  ? -9.820  10.114  -3.896  1.00 24.94 ? 37  ARG A CB  1 
ATOM   284  C  CG  . ARG A 1 43  ? -11.269 9.630   -4.040  1.00 23.37 ? 37  ARG A CG  1 
ATOM   285  C  CD  . ARG A 1 43  ? -12.234 10.735  -3.699  1.00 21.45 ? 37  ARG A CD  1 
ATOM   286  N  NE  . ARG A 1 43  ? -12.162 11.171  -2.298  1.00 22.28 ? 37  ARG A NE  1 
ATOM   287  C  CZ  . ARG A 1 43  ? -12.886 10.659  -1.296  1.00 21.20 ? 37  ARG A CZ  1 
ATOM   288  N  NH1 . ARG A 1 43  ? -13.741 9.667   -1.520  1.00 19.19 ? 37  ARG A NH1 1 
ATOM   289  N  NH2 . ARG A 1 43  ? -12.753 11.139  -0.057  1.00 19.25 ? 37  ARG A NH2 1 
ATOM   290  N  N   . SER A 1 44  ? -6.581  9.736   -3.477  1.00 25.87 ? 38  SER A N   1 
ATOM   291  C  CA  . SER A 1 44  ? -5.221  10.238  -3.610  1.00 26.43 ? 38  SER A CA  1 
ATOM   292  C  C   . SER A 1 44  ? -4.340  9.291   -4.443  1.00 26.66 ? 38  SER A C   1 
ATOM   293  O  O   . SER A 1 44  ? -3.252  9.668   -4.846  1.00 27.34 ? 38  SER A O   1 
ATOM   294  C  CB  . SER A 1 44  ? -4.599  10.538  -2.245  1.00 26.09 ? 38  SER A CB  1 
ATOM   295  O  OG  . SER A 1 44  ? -4.327  9.352   -1.538  1.00 26.34 ? 38  SER A OG  1 
ATOM   296  N  N   . LEU A 1 45  ? -4.840  8.089   -4.712  1.00 26.87 ? 39  LEU A N   1 
ATOM   297  C  CA  . LEU A 1 45  ? -4.205  7.119   -5.599  1.00 27.13 ? 39  LEU A CA  1 
ATOM   298  C  C   . LEU A 1 45  ? -4.960  6.960   -6.942  1.00 27.71 ? 39  LEU A C   1 
ATOM   299  O  O   . LEU A 1 45  ? -4.817  5.929   -7.622  1.00 27.75 ? 39  LEU A O   1 
ATOM   300  C  CB  . LEU A 1 45  ? -4.116  5.745   -4.901  1.00 26.99 ? 39  LEU A CB  1 
ATOM   301  C  CG  . LEU A 1 45  ? -3.427  5.661   -3.533  1.00 26.55 ? 39  LEU A CG  1 
ATOM   302  C  CD1 . LEU A 1 45  ? -3.798  4.380   -2.808  1.00 25.08 ? 39  LEU A CD1 1 
ATOM   303  C  CD2 . LEU A 1 45  ? -1.940  5.817   -3.656  1.00 25.76 ? 39  LEU A CD2 1 
ATOM   304  N  N   . GLY A 1 46  ? -5.785  7.950   -7.293  1.00 27.72 ? 40  GLY A N   1 
ATOM   305  C  CA  . GLY A 1 46  ? -6.505  7.966   -8.564  1.00 28.43 ? 40  GLY A CA  1 
ATOM   306  C  C   . GLY A 1 46  ? -7.731  7.074   -8.661  1.00 29.17 ? 40  GLY A C   1 
ATOM   307  O  O   . GLY A 1 46  ? -8.302  6.920   -9.735  1.00 29.45 ? 40  GLY A O   1 
ATOM   308  N  N   . GLN A 1 47  ? -8.143  6.480   -7.549  1.00 29.82 ? 41  GLN A N   1 
ATOM   309  C  CA  . GLN A 1 47  ? -9.359  5.659   -7.523  1.00 30.31 ? 41  GLN A CA  1 
ATOM   310  C  C   . GLN A 1 47  ? -10.576 6.486   -7.102  1.00 30.24 ? 41  GLN A C   1 
ATOM   311  O  O   . GLN A 1 47  ? -10.441 7.604   -6.589  1.00 30.48 ? 41  GLN A O   1 
ATOM   312  C  CB  . GLN A 1 47  ? -9.190  4.455   -6.575  1.00 30.56 ? 41  GLN A CB  1 
ATOM   313  C  CG  . GLN A 1 47  ? -7.885  3.698   -6.713  1.00 32.13 ? 41  GLN A CG  1 
ATOM   314  C  CD  . GLN A 1 47  ? -7.597  3.263   -8.148  1.00 34.91 ? 41  GLN A CD  1 
ATOM   315  O  OE1 . GLN A 1 47  ? -8.360  2.507   -8.747  1.00 35.95 ? 41  GLN A OE1 1 
ATOM   316  N  NE2 . GLN A 1 47  ? -6.485  3.742   -8.699  1.00 35.86 ? 41  GLN A NE2 1 
ATOM   317  N  N   . ASN A 1 48  ? -11.766 5.934   -7.307  1.00 30.18 ? 42  ASN A N   1 
ATOM   318  C  CA  . ASN A 1 48  ? -12.979 6.622   -6.923  1.00 30.44 ? 42  ASN A CA  1 
ATOM   319  C  C   . ASN A 1 48  ? -14.062 5.681   -6.377  1.00 29.56 ? 42  ASN A C   1 
ATOM   320  O  O   . ASN A 1 48  ? -15.164 5.621   -6.909  1.00 29.74 ? 42  ASN A O   1 
ATOM   321  C  CB  . ASN A 1 48  ? -13.491 7.489   -8.091  1.00 31.15 ? 42  ASN A CB  1 
ATOM   322  C  CG  . ASN A 1 48  ? -14.508 8.558   -7.646  1.00 33.71 ? 42  ASN A CG  1 
ATOM   323  O  OD1 . ASN A 1 48  ? -14.339 9.247   -6.620  1.00 34.18 ? 42  ASN A OD1 1 
ATOM   324  N  ND2 . ASN A 1 48  ? -15.575 8.696   -8.435  1.00 37.11 ? 42  ASN A ND2 1 
ATOM   325  N  N   . PRO A 1 49  ? -13.763 4.967   -5.278  1.00 28.69 ? 43  PRO A N   1 
ATOM   326  C  CA  . PRO A 1 49  ? -14.780 4.056   -4.722  1.00 27.77 ? 43  PRO A CA  1 
ATOM   327  C  C   . PRO A 1 49  ? -16.012 4.796   -4.148  1.00 26.98 ? 43  PRO A C   1 
ATOM   328  O  O   . PRO A 1 49  ? -15.892 5.945   -3.697  1.00 25.85 ? 43  PRO A O   1 
ATOM   329  C  CB  . PRO A 1 49  ? -14.016 3.316   -3.617  1.00 27.61 ? 43  PRO A CB  1 
ATOM   330  C  CG  . PRO A 1 49  ? -12.918 4.258   -3.227  1.00 28.11 ? 43  PRO A CG  1 
ATOM   331  C  CD  . PRO A 1 49  ? -12.521 4.966   -4.481  1.00 28.36 ? 43  PRO A CD  1 
ATOM   332  N  N   . THR A 1 50  ? -17.177 4.139   -4.176  1.00 26.50 ? 44  THR A N   1 
ATOM   333  C  CA  . THR A 1 50  ? -18.415 4.736   -3.646  1.00 26.58 ? 44  THR A CA  1 
ATOM   334  C  C   . THR A 1 50  ? -18.445 4.509   -2.137  1.00 26.40 ? 44  THR A C   1 
ATOM   335  O  O   . THR A 1 50  ? -17.581 3.829   -1.608  1.00 26.24 ? 44  THR A O   1 
ATOM   336  C  CB  . THR A 1 50  ? -19.699 4.159   -4.294  1.00 26.34 ? 44  THR A CB  1 
ATOM   337  O  OG1 . THR A 1 50  ? -19.871 2.798   -3.887  1.00 27.24 ? 44  THR A OG1 1 
ATOM   338  C  CG2 . THR A 1 50  ? -19.622 4.216   -5.810  1.00 26.33 ? 44  THR A CG2 1 
ATOM   339  N  N   . GLU A 1 51  ? -19.422 5.075   -1.442  1.00 26.37 ? 45  GLU A N   1 
ATOM   340  C  CA  . GLU A 1 51  ? -19.500 4.876   -0.007  1.00 27.21 ? 45  GLU A CA  1 
ATOM   341  C  C   . GLU A 1 51  ? -19.628 3.382   0.342   1.00 27.57 ? 45  GLU A C   1 
ATOM   342  O  O   . GLU A 1 51  ? -18.979 2.913   1.288   1.00 27.87 ? 45  GLU A O   1 
ATOM   343  C  CB  . GLU A 1 51  ? -20.616 5.733   0.634   1.00 27.26 ? 45  GLU A CB  1 
ATOM   344  C  CG  . GLU A 1 51  ? -22.039 5.247   0.413   1.00 28.08 ? 45  GLU A CG  1 
ATOM   345  C  CD  . GLU A 1 51  ? -22.457 5.327   -1.048  1.00 29.36 ? 45  GLU A CD  1 
ATOM   346  O  OE1 . GLU A 1 51  ? -22.503 6.454   -1.585  1.00 28.70 ? 45  GLU A OE1 1 
ATOM   347  O  OE2 . GLU A 1 51  ? -22.728 4.263   -1.660  1.00 31.27 ? 45  GLU A OE2 1 
ATOM   348  N  N   . ALA A 1 52  ? -20.430 2.657   -0.450  1.00 27.75 ? 46  ALA A N   1 
ATOM   349  C  CA  . ALA A 1 52  ? -20.742 1.230   -0.250  1.00 28.16 ? 46  ALA A CA  1 
ATOM   350  C  C   . ALA A 1 52  ? -19.538 0.338   -0.540  1.00 28.30 ? 46  ALA A C   1 
ATOM   351  O  O   . ALA A 1 52  ? -19.273 -0.621  0.184   1.00 28.14 ? 46  ALA A O   1 
ATOM   352  C  CB  . ALA A 1 52  ? -21.952 0.809   -1.137  1.00 27.69 ? 46  ALA A CB  1 
ATOM   353  N  N   . GLU A 1 53  ? -18.834 0.653   -1.623  1.00 28.79 ? 47  GLU A N   1 
ATOM   354  C  CA  . GLU A 1 53  ? -17.558 0.032   -1.940  1.00 29.43 ? 47  GLU A CA  1 
ATOM   355  C  C   . GLU A 1 53  ? -16.529 0.203   -0.811  1.00 29.27 ? 47  GLU A C   1 
ATOM   356  O  O   . GLU A 1 53  ? -15.824 -0.742  -0.457  1.00 29.16 ? 47  GLU A O   1 
ATOM   357  C  CB  . GLU A 1 53  ? -17.032 0.581   -3.261  1.00 29.53 ? 47  GLU A CB  1 
ATOM   358  C  CG  . GLU A 1 53  ? -17.748 -0.038  -4.447  1.00 31.87 ? 47  GLU A CG  1 
ATOM   359  C  CD  . GLU A 1 53  ? -17.437 0.621   -5.769  1.00 36.01 ? 47  GLU A CD  1 
ATOM   360  O  OE1 . GLU A 1 53  ? -16.774 1.686   -5.814  1.00 38.20 ? 47  GLU A OE1 1 
ATOM   361  O  OE2 . GLU A 1 53  ? -17.886 0.060   -6.787  1.00 39.57 ? 47  GLU A OE2 1 
ATOM   362  N  N   . LEU A 1 54  ? -16.473 1.395   -0.228  1.00 29.22 ? 48  LEU A N   1 
ATOM   363  C  CA  . LEU A 1 54  ? -15.566 1.649   0.893   1.00 29.46 ? 48  LEU A CA  1 
ATOM   364  C  C   . LEU A 1 54  ? -15.929 0.791   2.111   1.00 30.29 ? 48  LEU A C   1 
ATOM   365  O  O   . LEU A 1 54  ? -15.042 0.273   2.798   1.00 30.31 ? 48  LEU A O   1 
ATOM   366  C  CB  . LEU A 1 54  ? -15.510 3.145   1.249   1.00 28.69 ? 48  LEU A CB  1 
ATOM   367  C  CG  . LEU A 1 54  ? -14.794 4.042   0.233   1.00 26.31 ? 48  LEU A CG  1 
ATOM   368  C  CD1 . LEU A 1 54  ? -15.094 5.505   0.475   1.00 23.41 ? 48  LEU A CD1 1 
ATOM   369  C  CD2 . LEU A 1 54  ? -13.303 3.778   0.250   1.00 23.51 ? 48  LEU A CD2 1 
ATOM   370  N  N   . GLN A 1 55  ? -17.229 0.635   2.357   1.00 31.09 ? 49  GLN A N   1 
ATOM   371  C  CA  . GLN A 1 55  ? -17.710 -0.226  3.434   1.00 32.35 ? 49  GLN A CA  1 
ATOM   372  C  C   . GLN A 1 55  ? -17.390 -1.693  3.183   1.00 33.10 ? 49  GLN A C   1 
ATOM   373  O  O   . GLN A 1 55  ? -17.027 -2.398  4.122   1.00 33.25 ? 49  GLN A O   1 
ATOM   374  C  CB  . GLN A 1 55  ? -19.210 -0.047  3.665   1.00 31.99 ? 49  GLN A CB  1 
ATOM   375  C  CG  . GLN A 1 55  ? -19.545 1.246   4.396   1.00 33.26 ? 49  GLN A CG  1 
ATOM   376  C  CD  . GLN A 1 55  ? -21.030 1.568   4.378   1.00 32.65 ? 49  GLN A CD  1 
ATOM   377  O  OE1 . GLN A 1 55  ? -21.609 1.886   5.407   1.00 32.86 ? 49  GLN A OE1 1 
ATOM   378  N  NE2 . GLN A 1 55  ? -21.648 1.466   3.216   1.00 32.78 ? 49  GLN A NE2 1 
ATOM   379  N  N   . ASP A 1 56  ? -17.528 -2.138  1.926   1.00 33.87 ? 50  ASP A N   1 
ATOM   380  C  CA  . ASP A 1 56  ? -17.155 -3.499  1.518   1.00 34.66 ? 50  ASP A CA  1 
ATOM   381  C  C   . ASP A 1 56  ? -15.672 -3.769  1.740   1.00 35.04 ? 50  ASP A C   1 
ATOM   382  O  O   . ASP A 1 56  ? -15.307 -4.835  2.204   1.00 35.03 ? 50  ASP A O   1 
ATOM   383  C  CB  . ASP A 1 56  ? -17.448 -3.730  0.029   1.00 35.02 ? 50  ASP A CB  1 
ATOM   384  C  CG  . ASP A 1 56  ? -18.941 -3.773  -0.297  1.00 35.81 ? 50  ASP A CG  1 
ATOM   385  O  OD1 . ASP A 1 56  ? -19.763 -4.072  0.609   1.00 36.00 ? 50  ASP A OD1 1 
ATOM   386  O  OD2 . ASP A 1 56  ? -19.277 -3.508  -1.481  1.00 35.58 ? 50  ASP A OD2 1 
ATOM   387  N  N   . MET A 1 57  ? -14.823 -2.810  1.357   1.00 35.90 ? 51  MET A N   1 
ATOM   388  C  CA  . MET A 1 57  ? -13.375 -2.886  1.585   1.00 36.42 ? 51  MET A CA  1 
ATOM   389  C  C   . MET A 1 57  ? -13.063 -3.066  3.076   1.00 37.16 ? 51  MET A C   1 
ATOM   390  O  O   . MET A 1 57  ? -12.408 -4.031  3.458   1.00 37.44 ? 51  MET A O   1 
ATOM   391  C  CB  . MET A 1 57  ? -12.670 -1.636  1.055   1.00 36.02 ? 51  MET A CB  1 
ATOM   392  C  CG  . MET A 1 57  ? -12.595 -1.531  -0.447  1.00 36.00 ? 51  MET A CG  1 
ATOM   393  S  SD  . MET A 1 57  ? -11.789 0.004   -0.977  1.00 37.61 ? 51  MET A SD  1 
ATOM   394  C  CE  . MET A 1 57  ? -10.100 -0.227  -0.428  1.00 35.94 ? 51  MET A CE  1 
ATOM   395  N  N   . ILE A 1 58  ? -13.537 -2.134  3.907   1.00 37.81 ? 52  ILE A N   1 
ATOM   396  C  CA  . ILE A 1 58  ? -13.393 -2.223  5.362   1.00 38.53 ? 52  ILE A CA  1 
ATOM   397  C  C   . ILE A 1 58  ? -13.869 -3.584  5.866   1.00 39.28 ? 52  ILE A C   1 
ATOM   398  O  O   . ILE A 1 58  ? -13.229 -4.186  6.725   1.00 39.59 ? 52  ILE A O   1 
ATOM   399  C  CB  . ILE A 1 58  ? -14.198 -1.113  6.113   1.00 38.37 ? 52  ILE A CB  1 
ATOM   400  C  CG1 . ILE A 1 58  ? -13.762 0.310   5.717   1.00 37.14 ? 52  ILE A CG1 1 
ATOM   401  C  CG2 . ILE A 1 58  ? -14.139 -1.325  7.634   1.00 39.50 ? 52  ILE A CG2 1 
ATOM   402  C  CD1 . ILE A 1 58  ? -12.585 0.878   6.449   1.00 36.03 ? 52  ILE A CD1 1 
ATOM   403  N  N   . ASN A 1 59  ? -14.977 -4.069  5.306   1.00 39.92 ? 53  ASN A N   1 
ATOM   404  C  CA  . ASN A 1 59  ? -15.610 -5.304  5.747   1.00 40.53 ? 53  ASN A CA  1 
ATOM   405  C  C   . ASN A 1 59  ? -14.757 -6.568  5.564   1.00 40.64 ? 53  ASN A C   1 
ATOM   406  O  O   . ASN A 1 59  ? -14.780 -7.457  6.411   1.00 40.89 ? 53  ASN A O   1 
ATOM   407  C  CB  . ASN A 1 59  ? -16.975 -5.465  5.067   1.00 40.73 ? 53  ASN A CB  1 
ATOM   408  C  CG  . ASN A 1 59  ? -17.839 -6.517  5.741   1.00 42.19 ? 53  ASN A CG  1 
ATOM   409  O  OD1 . ASN A 1 59  ? -18.352 -6.306  6.838   1.00 43.99 ? 53  ASN A OD1 1 
ATOM   410  N  ND2 . ASN A 1 59  ? -17.996 -7.662  5.085   1.00 42.47 ? 53  ASN A ND2 1 
ATOM   411  N  N   . GLU A 1 60  ? -14.005 -6.647  4.471   1.00 40.60 ? 54  GLU A N   1 
ATOM   412  C  CA  . GLU A 1 60  ? -13.156 -7.814  4.205   1.00 41.06 ? 54  GLU A CA  1 
ATOM   413  C  C   . GLU A 1 60  ? -12.032 -7.933  5.247   1.00 40.47 ? 54  GLU A C   1 
ATOM   414  O  O   . GLU A 1 60  ? -11.440 -8.996  5.422   1.00 40.48 ? 54  GLU A O   1 
ATOM   415  C  CB  . GLU A 1 60  ? -12.569 -7.742  2.788   1.00 41.40 ? 54  GLU A CB  1 
ATOM   416  C  CG  . GLU A 1 60  ? -12.271 -9.106  2.157   1.00 44.99 ? 54  GLU A CG  1 
ATOM   417  C  CD  . GLU A 1 60  ? -11.707 -9.019  0.726   1.00 49.59 ? 54  GLU A CD  1 
ATOM   418  O  OE1 . GLU A 1 60  ? -11.015 -8.025  0.392   1.00 50.57 ? 54  GLU A OE1 1 
ATOM   419  O  OE2 . GLU A 1 60  ? -11.952 -9.963  -0.068  1.00 51.43 ? 54  GLU A OE2 1 
ATOM   420  N  N   . VAL A 1 61  ? -11.775 -6.830  5.947   1.00 39.75 ? 55  VAL A N   1 
ATOM   421  C  CA  . VAL A 1 61  ? -10.637 -6.685  6.842   1.00 38.93 ? 55  VAL A CA  1 
ATOM   422  C  C   . VAL A 1 61  ? -11.090 -6.516  8.297   1.00 38.27 ? 55  VAL A C   1 
ATOM   423  O  O   . VAL A 1 61  ? -10.336 -6.790  9.218   1.00 38.20 ? 55  VAL A O   1 
ATOM   424  C  CB  . VAL A 1 61  ? -9.757  -5.482  6.376   1.00 39.02 ? 55  VAL A CB  1 
ATOM   425  C  CG1 . VAL A 1 61  ? -8.696  -5.132  7.386   1.00 39.13 ? 55  VAL A CG1 1 
ATOM   426  C  CG2 . VAL A 1 61  ? -9.099  -5.809  5.047   1.00 39.73 ? 55  VAL A CG2 1 
ATOM   427  N  N   . ASP A 1 62  ? -12.341 -6.105  8.486   1.00 37.77 ? 56  ASP A N   1 
ATOM   428  C  CA  . ASP A 1 62  ? -12.864 -5.702  9.785   1.00 37.48 ? 56  ASP A CA  1 
ATOM   429  C  C   . ASP A 1 62  ? -13.300 -6.913  10.596  1.00 37.80 ? 56  ASP A C   1 
ATOM   430  O  O   . ASP A 1 62  ? -14.494 -7.178  10.761  1.00 38.10 ? 56  ASP A O   1 
ATOM   431  C  CB  . ASP A 1 62  ? -14.017 -4.700  9.594   1.00 37.01 ? 56  ASP A CB  1 
ATOM   432  C  CG  . ASP A 1 62  ? -14.649 -4.252  10.897  1.00 35.99 ? 56  ASP A CG  1 
ATOM   433  O  OD1 . ASP A 1 62  ? -13.983 -4.237  11.966  1.00 34.44 ? 56  ASP A OD1 1 
ATOM   434  O  OD2 . ASP A 1 62  ? -15.839 -3.898  10.834  1.00 34.72 ? 56  ASP A OD2 1 
ATOM   435  N  N   . ALA A 1 63  ? -12.318 -7.632  11.125  1.00 37.96 ? 57  ALA A N   1 
ATOM   436  C  CA  . ALA A 1 63  ? -12.563 -8.911  11.784  1.00 38.27 ? 57  ALA A CA  1 
ATOM   437  C  C   . ALA A 1 63  ? -13.582 -8.844  12.939  1.00 38.24 ? 57  ALA A C   1 
ATOM   438  O  O   . ALA A 1 63  ? -14.343 -9.789  13.127  1.00 38.08 ? 57  ALA A O   1 
ATOM   439  C  CB  . ALA A 1 63  ? -11.234 -9.544  12.244  1.00 38.18 ? 57  ALA A CB  1 
ATOM   440  N  N   . ASP A 1 64  ? -13.602 -7.737  13.690  1.00 38.22 ? 58  ASP A N   1 
ATOM   441  C  CA  . ASP A 1 64  ? -14.545 -7.590  14.818  1.00 38.13 ? 58  ASP A CA  1 
ATOM   442  C  C   . ASP A 1 64  ? -15.868 -6.864  14.523  1.00 38.14 ? 58  ASP A C   1 
ATOM   443  O  O   . ASP A 1 64  ? -16.666 -6.633  15.436  1.00 38.18 ? 58  ASP A O   1 
ATOM   444  C  CB  . ASP A 1 64  ? -13.862 -7.006  16.068  1.00 37.82 ? 58  ASP A CB  1 
ATOM   445  C  CG  . ASP A 1 64  ? -13.587 -5.514  15.968  1.00 37.99 ? 58  ASP A CG  1 
ATOM   446  O  OD1 . ASP A 1 64  ? -13.826 -4.856  14.900  1.00 36.41 ? 58  ASP A OD1 1 
ATOM   447  O  OD2 . ASP A 1 64  ? -13.077 -4.995  16.986  1.00 38.82 ? 58  ASP A OD2 1 
ATOM   448  N  N   . GLY A 1 65  ? -16.109 -6.527  13.258  1.00 38.07 ? 59  GLY A N   1 
ATOM   449  C  CA  . GLY A 1 65  ? -17.376 -5.918  12.852  1.00 37.82 ? 59  GLY A CA  1 
ATOM   450  C  C   . GLY A 1 65  ? -17.731 -4.576  13.488  1.00 37.90 ? 59  GLY A C   1 
ATOM   451  O  O   . GLY A 1 65  ? -18.904 -4.184  13.463  1.00 38.23 ? 59  GLY A O   1 
ATOM   452  N  N   . ASN A 1 66  ? -16.753 -3.859  14.057  1.00 37.34 ? 60  ASN A N   1 
ATOM   453  C  CA  . ASN A 1 66  ? -17.054 -2.537  14.641  1.00 36.72 ? 60  ASN A CA  1 
ATOM   454  C  C   . ASN A 1 66  ? -17.118 -1.360  13.639  1.00 36.26 ? 60  ASN A C   1 
ATOM   455  O  O   . ASN A 1 66  ? -17.429 -0.239  14.024  1.00 36.17 ? 60  ASN A O   1 
ATOM   456  C  CB  . ASN A 1 66  ? -16.166 -2.216  15.858  1.00 36.51 ? 60  ASN A CB  1 
ATOM   457  C  CG  . ASN A 1 66  ? -14.778 -1.724  15.479  1.00 36.71 ? 60  ASN A CG  1 
ATOM   458  O  OD1 . ASN A 1 66  ? -14.319 -1.905  14.354  1.00 36.53 ? 60  ASN A OD1 1 
ATOM   459  N  ND2 . ASN A 1 66  ? -14.089 -1.122  16.441  1.00 34.54 ? 60  ASN A ND2 1 
ATOM   460  N  N   . GLY A 1 67  ? -16.835 -1.626  12.363  1.00 35.90 ? 61  GLY A N   1 
ATOM   461  C  CA  . GLY A 1 67  ? -16.891 -0.587  11.319  1.00 35.29 ? 61  GLY A CA  1 
ATOM   462  C  C   . GLY A 1 67  ? -15.557 0.028   10.908  1.00 34.88 ? 61  GLY A C   1 
ATOM   463  O  O   . GLY A 1 67  ? -15.427 0.540   9.801   1.00 35.21 ? 61  GLY A O   1 
ATOM   464  N  N   . THR A 1 68  ? -14.559 -0.007  11.789  1.00 34.14 ? 62  THR A N   1 
ATOM   465  C  CA  . THR A 1 68  ? -13.245 0.542   11.450  1.00 33.25 ? 62  THR A CA  1 
ATOM   466  C  C   . THR A 1 68  ? -12.151 -0.532  11.442  1.00 33.05 ? 62  THR A C   1 
ATOM   467  O  O   . THR A 1 68  ? -12.355 -1.637  11.973  1.00 33.28 ? 62  THR A O   1 
ATOM   468  C  CB  . THR A 1 68  ? -12.885 1.741   12.353  1.00 33.13 ? 62  THR A CB  1 
ATOM   469  O  OG1 . THR A 1 68  ? -12.816 1.317   13.713  1.00 33.74 ? 62  THR A OG1 1 
ATOM   470  C  CG2 . THR A 1 68  ? -13.943 2.860   12.239  1.00 31.85 ? 62  THR A CG2 1 
ATOM   471  N  N   . ILE A 1 69  ? -11.021 -0.228  10.791  1.00 32.65 ? 63  ILE A N   1 
ATOM   472  C  CA  . ILE A 1 69  ? -9.845  -1.112  10.802  1.00 32.07 ? 63  ILE A CA  1 
ATOM   473  C  C   . ILE A 1 69  ? -8.819  -0.603  11.812  1.00 31.74 ? 63  ILE A C   1 
ATOM   474  O  O   . ILE A 1 69  ? -8.260  0.486   11.617  1.00 32.01 ? 63  ILE A O   1 
ATOM   475  C  CB  . ILE A 1 69  ? -9.098  -1.205  9.438   1.00 32.19 ? 63  ILE A CB  1 
ATOM   476  C  CG1 . ILE A 1 69  ? -10.037 -1.340  8.232   1.00 33.06 ? 63  ILE A CG1 1 
ATOM   477  C  CG2 . ILE A 1 69  ? -8.096  -2.343  9.467   1.00 31.08 ? 63  ILE A CG2 1 
ATOM   478  C  CD1 . ILE A 1 69  ? -11.024 -2.481  8.331   1.00 37.18 ? 63  ILE A CD1 1 
ATOM   479  N  N   . ASP A 1 70  ? -8.561  -1.381  12.870  1.00 30.53 ? 64  ASP A N   1 
ATOM   480  C  CA  . ASP A 1 70  ? -7.501  -1.054  13.826  1.00 29.27 ? 64  ASP A CA  1 
ATOM   481  C  C   . ASP A 1 70  ? -6.175  -1.633  13.357  1.00 29.02 ? 64  ASP A C   1 
ATOM   482  O  O   . ASP A 1 70  ? -6.136  -2.313  12.341  1.00 28.88 ? 64  ASP A O   1 
ATOM   483  C  CB  . ASP A 1 70  ? -7.865  -1.504  15.246  1.00 29.12 ? 64  ASP A CB  1 
ATOM   484  C  CG  . ASP A 1 70  ? -8.038  -3.017  15.384  1.00 28.97 ? 64  ASP A CG  1 
ATOM   485  O  OD1 . ASP A 1 70  ? -7.555  -3.807  14.544  1.00 28.59 ? 64  ASP A OD1 1 
ATOM   486  O  OD2 . ASP A 1 70  ? -8.653  -3.429  16.386  1.00 30.48 ? 64  ASP A OD2 1 
ATOM   487  N  N   . PHE A 1 71  ? -5.085  -1.380  14.078  1.00 29.29 ? 65  PHE A N   1 
ATOM   488  C  CA  . PHE A 1 71  ? -3.790  -1.922  13.647  1.00 29.10 ? 65  PHE A CA  1 
ATOM   489  C  C   . PHE A 1 71  ? -3.704  -3.466  13.572  1.00 29.42 ? 65  PHE A C   1 
ATOM   490  O  O   . PHE A 1 71  ? -3.213  -4.000  12.563  1.00 29.03 ? 65  PHE A O   1 
ATOM   491  C  CB  . PHE A 1 71  ? -2.616  -1.342  14.434  1.00 29.25 ? 65  PHE A CB  1 
ATOM   492  C  CG  . PHE A 1 71  ? -1.293  -1.867  13.964  1.00 29.61 ? 65  PHE A CG  1 
ATOM   493  C  CD1 . PHE A 1 71  ? -0.813  -1.528  12.696  1.00 30.01 ? 65  PHE A CD1 1 
ATOM   494  C  CD2 . PHE A 1 71  ? -0.560  -2.751  14.748  1.00 28.82 ? 65  PHE A CD2 1 
ATOM   495  C  CE1 . PHE A 1 71  ? 0.399   -2.048  12.226  1.00 30.61 ? 65  PHE A CE1 1 
ATOM   496  C  CE2 . PHE A 1 71  ? 0.651   -3.276  14.290  1.00 29.49 ? 65  PHE A CE2 1 
ATOM   497  C  CZ  . PHE A 1 71  ? 1.130   -2.925  13.021  1.00 29.95 ? 65  PHE A CZ  1 
ATOM   498  N  N   . PRO A 1 72  ? -4.158  -4.192  14.636  1.00 29.83 ? 66  PRO A N   1 
ATOM   499  C  CA  . PRO A 1 72  ? -4.189  -5.665  14.526  1.00 29.85 ? 66  PRO A CA  1 
ATOM   500  C  C   . PRO A 1 72  ? -4.901  -6.201  13.277  1.00 30.15 ? 66  PRO A C   1 
ATOM   501  O  O   . PRO A 1 72  ? -4.411  -7.156  12.654  1.00 29.91 ? 66  PRO A O   1 
ATOM   502  C  CB  . PRO A 1 72  ? -4.928  -6.108  15.796  1.00 29.32 ? 66  PRO A CB  1 
ATOM   503  C  CG  . PRO A 1 72  ? -4.742  -5.029  16.753  1.00 29.62 ? 66  PRO A CG  1 
ATOM   504  C  CD  . PRO A 1 72  ? -4.599  -3.743  15.974  1.00 29.55 ? 66  PRO A CD  1 
ATOM   505  N  N   . GLU A 1 73  ? -6.042  -5.601  12.918  1.00 30.59 ? 67  GLU A N   1 
ATOM   506  C  CA  . GLU A 1 73  ? -6.784  -6.022  11.710  1.00 30.85 ? 67  GLU A CA  1 
ATOM   507  C  C   . GLU A 1 73  ? -5.999  -5.731  10.439  1.00 30.64 ? 67  GLU A C   1 
ATOM   508  O  O   . GLU A 1 73  ? -5.941  -6.560  9.529   1.00 30.22 ? 67  GLU A O   1 
ATOM   509  C  CB  . GLU A 1 73  ? -8.169  -5.382  11.651  1.00 31.05 ? 67  GLU A CB  1 
ATOM   510  C  CG  . GLU A 1 73  ? -9.117  -5.892  12.719  1.00 31.87 ? 67  GLU A CG  1 
ATOM   511  C  CD  . GLU A 1 73  ? -10.305 -4.974  12.972  1.00 34.16 ? 67  GLU A CD  1 
ATOM   512  O  OE1 . GLU A 1 73  ? -10.299 -3.793  12.553  1.00 34.29 ? 67  GLU A OE1 1 
ATOM   513  O  OE2 . GLU A 1 73  ? -11.270 -5.440  13.610  1.00 34.80 ? 67  GLU A OE2 1 
ATOM   514  N  N   . PHE A 1 74  ? -5.383  -4.553  10.397  1.00 31.19 ? 68  PHE A N   1 
ATOM   515  C  CA  . PHE A 1 74  ? -4.513  -4.158  9.297   1.00 32.13 ? 68  PHE A CA  1 
ATOM   516  C  C   . PHE A 1 74  ? -3.329  -5.131  9.166   1.00 33.04 ? 68  PHE A C   1 
ATOM   517  O  O   . PHE A 1 74  ? -3.039  -5.630  8.068   1.00 32.60 ? 68  PHE A O   1 
ATOM   518  C  CB  . PHE A 1 74  ? -4.053  -2.727  9.531   1.00 32.06 ? 68  PHE A CB  1 
ATOM   519  C  CG  . PHE A 1 74  ? -3.193  -2.161  8.441   1.00 32.80 ? 68  PHE A CG  1 
ATOM   520  C  CD1 . PHE A 1 74  ? -3.774  -1.573  7.305   1.00 32.26 ? 68  PHE A CD1 1 
ATOM   521  C  CD2 . PHE A 1 74  ? -1.800  -2.141  8.578   1.00 32.98 ? 68  PHE A CD2 1 
ATOM   522  C  CE1 . PHE A 1 74  ? -2.987  -1.016  6.305   1.00 31.59 ? 68  PHE A CE1 1 
ATOM   523  C  CE2 . PHE A 1 74  ? -0.991  -1.586  7.578   1.00 32.39 ? 68  PHE A CE2 1 
ATOM   524  C  CZ  . PHE A 1 74  ? -1.588  -1.022  6.439   1.00 32.57 ? 68  PHE A CZ  1 
ATOM   525  N  N   . LEU A 1 75  ? -2.676  -5.419  10.297  1.00 33.93 ? 69  LEU A N   1 
ATOM   526  C  CA  . LEU A 1 75  ? -1.546  -6.361  10.333  1.00 35.09 ? 69  LEU A CA  1 
ATOM   527  C  C   . LEU A 1 75  ? -1.958  -7.764  9.874   1.00 35.41 ? 69  LEU A C   1 
ATOM   528  O  O   . LEU A 1 75  ? -1.220  -8.421  9.155   1.00 35.45 ? 69  LEU A O   1 
ATOM   529  C  CB  . LEU A 1 75  ? -0.959  -6.441  11.740  1.00 35.10 ? 69  LEU A CB  1 
ATOM   530  C  CG  . LEU A 1 75  ? 0.537   -6.561  12.032  1.00 36.02 ? 69  LEU A CG  1 
ATOM   531  C  CD1 . LEU A 1 75  ? 0.695   -7.471  13.247  1.00 36.89 ? 69  LEU A CD1 1 
ATOM   532  C  CD2 . LEU A 1 75  ? 1.369   -7.078  10.874  1.00 36.69 ? 69  LEU A CD2 1 
ATOM   533  N  N   . THR A 1 76  ? -3.130  -8.214  10.302  1.00 36.20 ? 70  THR A N   1 
ATOM   534  C  CA  . THR A 1 76  ? -3.702  -9.473  9.833   1.00 37.56 ? 70  THR A CA  1 
ATOM   535  C  C   . THR A 1 76  ? -3.864  -9.512  8.308   1.00 38.64 ? 70  THR A C   1 
ATOM   536  O  O   . THR A 1 76  ? -3.432  -10.470 7.659   1.00 38.89 ? 70  THR A O   1 
ATOM   537  C  CB  . THR A 1 76  ? -5.064  -9.725  10.497  1.00 37.54 ? 70  THR A CB  1 
ATOM   538  O  OG1 . THR A 1 76  ? -4.917  -9.612  11.916  1.00 37.53 ? 70  THR A OG1 1 
ATOM   539  C  CG2 . THR A 1 76  ? -5.613  -11.097 10.135  1.00 37.40 ? 70  THR A CG2 1 
ATOM   540  N  N   . MET A 1 77  ? -4.489  -8.481  7.741   1.00 39.78 ? 71  MET A N   1 
ATOM   541  C  CA  . MET A 1 77  ? -4.699  -8.421  6.300   1.00 41.10 ? 71  MET A CA  1 
ATOM   542  C  C   . MET A 1 77  ? -3.364  -8.437  5.545   1.00 41.75 ? 71  MET A C   1 
ATOM   543  O  O   . MET A 1 77  ? -3.225  -9.122  4.535   1.00 41.50 ? 71  MET A O   1 
ATOM   544  C  CB  . MET A 1 77  ? -5.545  -7.193  5.935   1.00 41.47 ? 71  MET A CB  1 
ATOM   545  C  CG  . MET A 1 77  ? -5.396  -6.691  4.495   1.00 42.61 ? 71  MET A CG  1 
ATOM   546  S  SD  . MET A 1 77  ? -5.695  -4.909  4.343   1.00 46.65 ? 71  MET A SD  1 
ATOM   547  C  CE  . MET A 1 77  ? -4.665  -4.250  5.638   1.00 45.87 ? 71  MET A CE  1 
ATOM   548  N  N   . MET A 1 78  ? -2.392  -7.691  6.061   1.00 42.99 ? 72  MET A N   1 
ATOM   549  C  CA  . MET A 1 78  ? -1.063  -7.595  5.466   1.00 44.42 ? 72  MET A CA  1 
ATOM   550  C  C   . MET A 1 78  ? -0.237  -8.878  5.576   1.00 46.37 ? 72  MET A C   1 
ATOM   551  O  O   . MET A 1 78  ? 0.423   -9.280  4.615   1.00 46.53 ? 72  MET A O   1 
ATOM   552  C  CB  . MET A 1 78  ? -0.318  -6.398  6.045   1.00 44.05 ? 72  MET A CB  1 
ATOM   553  C  CG  . MET A 1 78  ? -0.873  -5.067  5.568   1.00 42.61 ? 72  MET A CG  1 
ATOM   554  S  SD  . MET A 1 78  ? -1.191  -5.088  3.787   1.00 40.96 ? 72  MET A SD  1 
ATOM   555  C  CE  . MET A 1 78  ? -2.297  -3.690  3.645   1.00 41.22 ? 72  MET A CE  1 
ATOM   556  N  N   . ALA A 1 79  ? -0.284  -9.528  6.737   1.00 48.76 ? 73  ALA A N   1 
ATOM   557  C  CA  . ALA A 1 79  ? 0.293   -10.861 6.892   1.00 51.08 ? 73  ALA A CA  1 
ATOM   558  C  C   . ALA A 1 79  ? -0.262  -11.802 5.818   1.00 52.69 ? 73  ALA A C   1 
ATOM   559  O  O   . ALA A 1 79  ? 0.498   -12.527 5.167   1.00 53.02 ? 73  ALA A O   1 
ATOM   560  C  CB  . ALA A 1 79  ? 0.013   -11.423 8.303   1.00 51.03 ? 73  ALA A CB  1 
ATOM   561  N  N   . ARG A 1 80  ? -1.580  -11.765 5.623   1.00 54.49 ? 74  ARG A N   1 
ATOM   562  C  CA  . ARG A 1 80  ? -2.247  -12.654 4.676   1.00 56.68 ? 74  ARG A CA  1 
ATOM   563  C  C   . ARG A 1 80  ? -1.912  -12.295 3.220   1.00 57.74 ? 74  ARG A C   1 
ATOM   564  O  O   . ARG A 1 80  ? -1.547  -13.175 2.439   1.00 57.96 ? 74  ARG A O   1 
ATOM   565  C  CB  . ARG A 1 80  ? -3.761  -12.659 4.921   1.00 56.86 ? 74  ARG A CB  1 
ATOM   566  C  CG  . ARG A 1 80  ? -4.474  -13.933 4.485   1.00 58.62 ? 74  ARG A CG  1 
ATOM   567  C  CD  . ARG A 1 80  ? -4.966  -13.854 3.037   1.00 61.45 ? 74  ARG A CD  1 
ATOM   568  N  NE  . ARG A 1 80  ? -5.576  -15.111 2.602   1.00 64.11 ? 74  ARG A NE  1 
ATOM   569  C  CZ  . ARG A 1 80  ? -4.910  -16.151 2.092   1.00 65.15 ? 74  ARG A CZ  1 
ATOM   570  N  NH1 . ARG A 1 80  ? -5.574  -17.251 1.743   1.00 65.33 ? 74  ARG A NH1 1 
ATOM   571  N  NH2 . ARG A 1 80  ? -3.588  -16.104 1.934   1.00 65.01 ? 74  ARG A NH2 1 
ATOM   572  N  N   . LYS A 1 81  ? -2.019  -11.009 2.877   1.00 59.14 ? 75  LYS A N   1 
ATOM   573  C  CA  . LYS A 1 81  ? -1.703  -10.500 1.527   1.00 60.64 ? 75  LYS A CA  1 
ATOM   574  C  C   . LYS A 1 81  ? -0.259  -10.753 1.079   1.00 61.69 ? 75  LYS A C   1 
ATOM   575  O  O   . LYS A 1 81  ? 0.015   -10.860 -0.128  1.00 62.01 ? 75  LYS A O   1 
ATOM   576  C  CB  . LYS A 1 81  ? -2.024  -9.002  1.409   1.00 60.58 ? 75  LYS A CB  1 
ATOM   577  C  CG  . LYS A 1 81  ? -3.479  -8.692  1.093   1.00 61.19 ? 75  LYS A CG  1 
ATOM   578  C  CD  . LYS A 1 81  ? -3.816  -9.060  -0.344  1.00 62.40 ? 75  LYS A CD  1 
ATOM   579  C  CE  . LYS A 1 81  ? -5.228  -9.614  -0.452  1.00 63.48 ? 75  LYS A CE  1 
ATOM   580  N  NZ  . LYS A 1 81  ? -5.420  -10.423 -1.701  1.00 63.55 ? 75  LYS A NZ  1 
ATOM   581  N  N   . MET A 1 82  ? 0.654   -10.834 2.049   1.00 62.73 ? 76  MET A N   1 
ATOM   582  C  CA  . MET A 1 82  ? 2.048   -11.197 1.798   1.00 63.70 ? 76  MET A CA  1 
ATOM   583  C  C   . MET A 1 82  ? 2.147   -12.623 1.261   1.00 64.39 ? 76  MET A C   1 
ATOM   584  O  O   . MET A 1 82  ? 3.003   -12.917 0.423   1.00 64.74 ? 76  MET A O   1 
ATOM   585  C  CB  . MET A 1 82  ? 2.881   -11.061 3.079   1.00 63.80 ? 76  MET A CB  1 
ATOM   586  N  N   . LYS A 1 83  ? 1.262   -13.496 1.739   1.00 65.06 ? 77  LYS A N   1 
ATOM   587  C  CA  . LYS A 1 83  ? 1.239   -14.897 1.314   1.00 65.55 ? 77  LYS A CA  1 
ATOM   588  C  C   . LYS A 1 83  ? 0.478   -15.119 -0.008  1.00 65.90 ? 77  LYS A C   1 
ATOM   589  O  O   . LYS A 1 83  ? 1.010   -15.758 -0.921  1.00 66.10 ? 77  LYS A O   1 
ATOM   590  C  CB  . LYS A 1 83  ? 0.685   -15.798 2.428   1.00 65.43 ? 77  LYS A CB  1 
ATOM   591  N  N   . ASP A 1 84  ? -0.743  -14.587 -0.114  1.00 66.05 ? 78  ASP A N   1 
ATOM   592  C  CA  . ASP A 1 84  ? -1.620  -14.885 -1.262  1.00 66.10 ? 78  ASP A CA  1 
ATOM   593  C  C   . ASP A 1 84  ? -1.231  -14.200 -2.587  1.00 65.81 ? 78  ASP A C   1 
ATOM   594  O  O   . ASP A 1 84  ? -0.460  -13.233 -2.606  1.00 65.79 ? 78  ASP A O   1 
ATOM   595  C  CB  . ASP A 1 84  ? -3.110  -14.669 -0.914  1.00 66.31 ? 78  ASP A CB  1 
ATOM   596  C  CG  . ASP A 1 84  ? -3.551  -13.200 -0.977  1.00 67.21 ? 78  ASP A CG  1 
ATOM   597  O  OD1 . ASP A 1 84  ? -4.785  -12.972 -0.959  1.00 67.96 ? 78  ASP A OD1 1 
ATOM   598  O  OD2 . ASP A 1 84  ? -2.699  -12.283 -1.039  1.00 67.27 ? 78  ASP A OD2 1 
ATOM   599  N  N   . THR A 1 85  ? -1.774  -14.734 -3.683  1.00 65.44 ? 79  THR A N   1 
ATOM   600  C  CA  . THR A 1 85  ? -1.553  -14.212 -5.029  1.00 65.04 ? 79  THR A CA  1 
ATOM   601  C  C   . THR A 1 85  ? -2.842  -13.583 -5.559  1.00 64.69 ? 79  THR A C   1 
ATOM   602  O  O   . THR A 1 85  ? -3.944  -14.100 -5.346  1.00 64.59 ? 79  THR A O   1 
ATOM   603  C  CB  . THR A 1 85  ? -1.066  -15.319 -5.999  1.00 65.22 ? 79  THR A CB  1 
ATOM   604  O  OG1 . THR A 1 85  ? -0.029  -16.085 -5.369  1.00 65.33 ? 79  THR A OG1 1 
ATOM   605  C  CG2 . THR A 1 85  ? -0.527  -14.717 -7.312  1.00 65.26 ? 79  THR A CG2 1 
ATOM   606  N  N   . ASP A 1 86  ? -2.688  -12.461 -6.254  1.00 64.19 ? 80  ASP A N   1 
ATOM   607  C  CA  . ASP A 1 86  ? -3.822  -11.692 -6.746  1.00 63.62 ? 80  ASP A CA  1 
ATOM   608  C  C   . ASP A 1 86  ? -3.990  -11.861 -8.252  1.00 63.03 ? 80  ASP A C   1 
ATOM   609  O  O   . ASP A 1 86  ? -3.126  -12.443 -8.922  1.00 63.16 ? 80  ASP A O   1 
ATOM   610  C  CB  . ASP A 1 86  ? -3.641  -10.218 -6.373  1.00 63.79 ? 80  ASP A CB  1 
ATOM   611  C  CG  . ASP A 1 86  ? -3.480  -10.013 -4.870  1.00 64.55 ? 80  ASP A CG  1 
ATOM   612  O  OD1 . ASP A 1 86  ? -4.484  -10.179 -4.135  1.00 64.86 ? 80  ASP A OD1 1 
ATOM   613  O  OD2 . ASP A 1 86  ? -2.348  -9.697  -4.427  1.00 64.88 ? 80  ASP A OD2 1 
ATOM   614  N  N   . SER A 1 87  ? -5.111  -11.372 -8.778  1.00 62.01 ? 81  SER A N   1 
ATOM   615  C  CA  . SER A 1 87  ? -5.345  -11.367 -10.218 1.00 61.05 ? 81  SER A CA  1 
ATOM   616  C  C   . SER A 1 87  ? -4.357  -10.428 -10.905 1.00 60.13 ? 81  SER A C   1 
ATOM   617  O  O   . SER A 1 87  ? -4.047  -9.352  -10.382 1.00 60.15 ? 81  SER A O   1 
ATOM   618  C  CB  . SER A 1 87  ? -6.787  -10.945 -10.525 1.00 61.24 ? 81  SER A CB  1 
ATOM   619  O  OG  . SER A 1 87  ? -7.214  -9.903  -9.655  1.00 61.84 ? 81  SER A OG  1 
ATOM   620  N  N   . GLU A 1 88  ? -3.861  -10.840 -12.070 1.00 58.85 ? 82  GLU A N   1 
ATOM   621  C  CA  . GLU A 1 88  ? -2.947  -10.014 -12.856 1.00 57.81 ? 82  GLU A CA  1 
ATOM   622  C  C   . GLU A 1 88  ? -3.408  -8.562  -13.002 1.00 56.61 ? 82  GLU A C   1 
ATOM   623  O  O   . GLU A 1 88  ? -2.576  -7.662  -13.028 1.00 56.76 ? 82  GLU A O   1 
ATOM   624  C  CB  . GLU A 1 88  ? -2.657  -10.636 -14.230 1.00 57.96 ? 82  GLU A CB  1 
ATOM   625  C  CG  . GLU A 1 88  ? -2.545  -9.608  -15.344 1.00 59.21 ? 82  GLU A CG  1 
ATOM   626  C  CD  . GLU A 1 88  ? -1.215  -9.636  -16.061 1.00 61.16 ? 82  GLU A CD  1 
ATOM   627  O  OE1 . GLU A 1 88  ? -0.990  -10.561 -16.870 1.00 62.44 ? 82  GLU A OE1 1 
ATOM   628  O  OE2 . GLU A 1 88  ? -0.401  -8.715  -15.833 1.00 61.88 ? 82  GLU A OE2 1 
ATOM   629  N  N   . GLU A 1 89  ? -4.719  -8.335  -13.076 1.00 55.32 ? 83  GLU A N   1 
ATOM   630  C  CA  . GLU A 1 89  ? -5.233  -6.973  -13.246 1.00 54.01 ? 83  GLU A CA  1 
ATOM   631  C  C   . GLU A 1 89  ? -5.484  -6.181  -11.956 1.00 52.43 ? 83  GLU A C   1 
ATOM   632  O  O   . GLU A 1 89  ? -5.607  -4.950  -11.999 1.00 52.22 ? 83  GLU A O   1 
ATOM   633  C  CB  . GLU A 1 89  ? -6.449  -6.920  -14.172 1.00 54.55 ? 83  GLU A CB  1 
ATOM   634  C  CG  . GLU A 1 89  ? -6.508  -5.591  -14.965 1.00 55.88 ? 83  GLU A CG  1 
ATOM   635  C  CD  . GLU A 1 89  ? -5.511  -5.513  -16.139 1.00 56.97 ? 83  GLU A CD  1 
ATOM   636  O  OE1 . GLU A 1 89  ? -5.226  -6.546  -16.797 1.00 57.57 ? 83  GLU A OE1 1 
ATOM   637  O  OE2 . GLU A 1 89  ? -5.037  -4.394  -16.423 1.00 57.46 ? 83  GLU A OE2 1 
ATOM   638  N  N   . GLU A 1 90  ? -5.545  -6.870  -10.821 1.00 50.42 ? 84  GLU A N   1 
ATOM   639  C  CA  . GLU A 1 90  ? -5.535  -6.177  -9.536  1.00 48.45 ? 84  GLU A CA  1 
ATOM   640  C  C   . GLU A 1 90  ? -4.145  -5.549  -9.298  1.00 47.09 ? 84  GLU A C   1 
ATOM   641  O  O   . GLU A 1 90  ? -4.032  -4.354  -8.982  1.00 46.69 ? 84  GLU A O   1 
ATOM   642  C  CB  . GLU A 1 90  ? -5.929  -7.119  -8.397  1.00 48.46 ? 84  GLU A CB  1 
ATOM   643  N  N   . ILE A 1 91  ? -3.097  -6.350  -9.485  1.00 45.08 ? 85  ILE A N   1 
ATOM   644  C  CA  . ILE A 1 91  ? -1.724  -5.863  -9.364  1.00 43.73 ? 85  ILE A CA  1 
ATOM   645  C  C   . ILE A 1 91  ? -1.313  -4.879  -10.482 1.00 42.21 ? 85  ILE A C   1 
ATOM   646  O  O   . ILE A 1 91  ? -0.523  -3.965  -10.257 1.00 41.65 ? 85  ILE A O   1 
ATOM   647  C  CB  . ILE A 1 91  ? -0.694  -7.024  -9.203  1.00 43.92 ? 85  ILE A CB  1 
ATOM   648  C  CG1 . ILE A 1 91  ? 0.697   -6.572  -9.641  1.00 44.27 ? 85  ILE A CG1 1 
ATOM   649  C  CG2 . ILE A 1 91  ? -1.108  -8.250  -9.986  1.00 43.92 ? 85  ILE A CG2 1 
ATOM   650  C  CD1 . ILE A 1 91  ? 1.739   -6.890  -8.647  1.00 45.65 ? 85  ILE A CD1 1 
ATOM   651  N  N   . ARG A 1 92  ? -1.864  -5.065  -11.672 1.00 40.54 ? 86  ARG A N   1 
ATOM   652  C  CA  . ARG A 1 92  ? -1.644  -4.130  -12.760 1.00 39.62 ? 86  ARG A CA  1 
ATOM   653  C  C   . ARG A 1 92  ? -2.157  -2.713  -12.434 1.00 38.38 ? 86  ARG A C   1 
ATOM   654  O  O   . ARG A 1 92  ? -1.468  -1.724  -12.689 1.00 37.85 ? 86  ARG A O   1 
ATOM   655  C  CB  . ARG A 1 92  ? -2.272  -4.664  -14.049 1.00 39.97 ? 86  ARG A CB  1 
ATOM   656  C  CG  . ARG A 1 92  ? -1.629  -4.133  -15.295 1.00 40.97 ? 86  ARG A CG  1 
ATOM   657  C  CD  . ARG A 1 92  ? -0.494  -5.022  -15.777 1.00 43.39 ? 86  ARG A CD  1 
ATOM   658  N  NE  . ARG A 1 92  ? 0.631   -4.186  -16.199 1.00 45.12 ? 86  ARG A NE  1 
ATOM   659  C  CZ  . ARG A 1 92  ? 1.696   -4.595  -16.878 1.00 43.74 ? 86  ARG A CZ  1 
ATOM   660  N  NH1 . ARG A 1 92  ? 1.838   -5.860  -17.265 1.00 42.98 ? 86  ARG A NH1 1 
ATOM   661  N  NH2 . ARG A 1 92  ? 2.626   -3.707  -17.172 1.00 43.84 ? 86  ARG A NH2 1 
ATOM   662  N  N   . GLU A 1 93  ? -3.359  -2.629  -11.865 1.00 37.36 ? 87  GLU A N   1 
ATOM   663  C  CA  . GLU A 1 93  ? -3.939  -1.353  -11.431 1.00 36.36 ? 87  GLU A CA  1 
ATOM   664  C  C   . GLU A 1 93  ? -3.131  -0.700  -10.314 1.00 34.71 ? 87  GLU A C   1 
ATOM   665  O  O   . GLU A 1 93  ? -3.002  0.523   -10.274 1.00 34.25 ? 87  GLU A O   1 
ATOM   666  C  CB  . GLU A 1 93  ? -5.399  -1.531  -11.002 1.00 37.05 ? 87  GLU A CB  1 
ATOM   667  C  CG  . GLU A 1 93  ? -6.053  -0.252  -10.443 1.00 40.73 ? 87  GLU A CG  1 
ATOM   668  C  CD  . GLU A 1 93  ? -6.141  0.870   -11.476 1.00 46.49 ? 87  GLU A CD  1 
ATOM   669  O  OE1 . GLU A 1 93  ? -6.993  0.759   -12.386 1.00 49.02 ? 87  GLU A OE1 1 
ATOM   670  O  OE2 . GLU A 1 93  ? -5.366  1.864   -11.380 1.00 48.31 ? 87  GLU A OE2 1 
ATOM   671  N  N   . ALA A 1 94  ? -2.598  -1.518  -9.407  1.00 33.01 ? 88  ALA A N   1 
ATOM   672  C  CA  . ALA A 1 94  ? -1.724  -1.021  -8.353  1.00 31.20 ? 88  ALA A CA  1 
ATOM   673  C  C   . ALA A 1 94  ? -0.440  -0.437  -8.942  1.00 29.97 ? 88  ALA A C   1 
ATOM   674  O  O   . ALA A 1 94  ? -0.025  0.644   -8.558  1.00 29.50 ? 88  ALA A O   1 
ATOM   675  C  CB  . ALA A 1 94  ? -1.420  -2.115  -7.355  1.00 31.33 ? 88  ALA A CB  1 
ATOM   676  N  N   . PHE A 1 95  ? 0.152   -1.140  -9.902  1.00 29.01 ? 89  PHE A N   1 
ATOM   677  C  CA  . PHE A 1 95  ? 1.370   -0.707  -10.583 1.00 28.20 ? 89  PHE A CA  1 
ATOM   678  C  C   . PHE A 1 95  ? 1.203   0.633   -11.287 1.00 28.08 ? 89  PHE A C   1 
ATOM   679  O  O   . PHE A 1 95  ? 2.079   1.493   -11.203 1.00 27.99 ? 89  PHE A O   1 
ATOM   680  C  CB  . PHE A 1 95  ? 1.810   -1.786  -11.578 1.00 28.27 ? 89  PHE A CB  1 
ATOM   681  C  CG  . PHE A 1 95  ? 3.110   -1.484  -12.295 1.00 26.88 ? 89  PHE A CG  1 
ATOM   682  C  CD1 . PHE A 1 95  ? 4.338   -1.627  -11.642 1.00 26.14 ? 89  PHE A CD1 1 
ATOM   683  C  CD2 . PHE A 1 95  ? 3.106   -1.107  -13.636 1.00 23.92 ? 89  PHE A CD2 1 
ATOM   684  C  CE1 . PHE A 1 95  ? 5.541   -1.373  -12.315 1.00 25.09 ? 89  PHE A CE1 1 
ATOM   685  C  CE2 . PHE A 1 95  ? 4.290   -0.856  -14.312 1.00 23.94 ? 89  PHE A CE2 1 
ATOM   686  C  CZ  . PHE A 1 95  ? 5.516   -0.980  -13.649 1.00 24.25 ? 89  PHE A CZ  1 
ATOM   687  N  N   . ARG A 1 96  ? 0.070   0.804   -11.968 1.00 27.91 ? 90  ARG A N   1 
ATOM   688  C  CA  . ARG A 1 96  ? -0.261  2.043   -12.666 1.00 27.76 ? 90  ARG A CA  1 
ATOM   689  C  C   . ARG A 1 96  ? -0.355  3.261   -11.757 1.00 27.34 ? 90  ARG A C   1 
ATOM   690  O  O   . ARG A 1 96  ? -0.173  4.386   -12.231 1.00 26.87 ? 90  ARG A O   1 
ATOM   691  C  CB  . ARG A 1 96  ? -1.560  1.905   -13.471 1.00 28.24 ? 90  ARG A CB  1 
ATOM   692  C  CG  . ARG A 1 96  ? -1.434  1.094   -14.760 1.00 30.70 ? 90  ARG A CG  1 
ATOM   693  C  CD  . ARG A 1 96  ? -2.668  1.293   -15.692 1.00 35.69 ? 90  ARG A CD  1 
ATOM   694  N  NE  . ARG A 1 96  ? -3.922  0.926   -15.021 1.00 37.93 ? 90  ARG A NE  1 
ATOM   695  C  CZ  . ARG A 1 96  ? -4.508  -0.268  -15.101 1.00 39.60 ? 90  ARG A CZ  1 
ATOM   696  N  NH1 . ARG A 1 96  ? -3.997  -1.228  -15.858 1.00 39.28 ? 90  ARG A NH1 1 
ATOM   697  N  NH2 . ARG A 1 96  ? -5.632  -0.499  -14.431 1.00 41.60 ? 90  ARG A NH2 1 
ATOM   698  N  N   . VAL A 1 97  ? -0.636  3.076   -10.464 1.00 27.10 ? 91  VAL A N   1 
ATOM   699  C  CA  . VAL A 1 97  ? -0.690  4.267   -9.600  1.00 27.19 ? 91  VAL A CA  1 
ATOM   700  C  C   . VAL A 1 97  ? 0.707   4.890   -9.434  1.00 27.17 ? 91  VAL A C   1 
ATOM   701  O  O   . VAL A 1 97  ? 0.852   6.117   -9.478  1.00 27.66 ? 91  VAL A O   1 
ATOM   702  C  CB  . VAL A 1 97  ? -1.470  4.094   -8.243  1.00 27.30 ? 91  VAL A CB  1 
ATOM   703  C  CG1 . VAL A 1 97  ? -2.526  2.991   -8.322  1.00 27.26 ? 91  VAL A CG1 1 
ATOM   704  C  CG2 . VAL A 1 97  ? -0.556  3.904   -7.050  1.00 28.19 ? 91  VAL A CG2 1 
ATOM   705  N  N   . PHE A 1 98  ? 1.717   4.034   -9.290  1.00 26.18 ? 92  PHE A N   1 
ATOM   706  C  CA  . PHE A 1 98  ? 3.117   4.447   -9.221  1.00 25.60 ? 92  PHE A CA  1 
ATOM   707  C  C   . PHE A 1 98  ? 3.714   4.827   -10.580 1.00 25.33 ? 92  PHE A C   1 
ATOM   708  O  O   . PHE A 1 98  ? 4.375   5.848   -10.704 1.00 24.80 ? 92  PHE A O   1 
ATOM   709  C  CB  . PHE A 1 98  ? 3.951   3.326   -8.608  1.00 25.09 ? 92  PHE A CB  1 
ATOM   710  C  CG  . PHE A 1 98  ? 3.517   2.940   -7.239  1.00 24.91 ? 92  PHE A CG  1 
ATOM   711  C  CD1 . PHE A 1 98  ? 3.926   3.687   -6.132  1.00 24.08 ? 92  PHE A CD1 1 
ATOM   712  C  CD2 . PHE A 1 98  ? 2.688   1.841   -7.051  1.00 24.05 ? 92  PHE A CD2 1 
ATOM   713  C  CE1 . PHE A 1 98  ? 3.500   3.335   -4.839  1.00 25.94 ? 92  PHE A CE1 1 
ATOM   714  C  CE2 . PHE A 1 98  ? 2.266   1.478   -5.771  1.00 25.84 ? 92  PHE A CE2 1 
ATOM   715  C  CZ  . PHE A 1 98  ? 2.677   2.221   -4.666  1.00 26.48 ? 92  PHE A CZ  1 
ATOM   716  N  N   . ASP A 1 99  ? 3.496   3.987   -11.585 1.00 25.21 ? 93  ASP A N   1 
ATOM   717  C  CA  . ASP A 1 99  ? 4.039   4.255   -12.904 1.00 25.74 ? 93  ASP A CA  1 
ATOM   718  C  C   . ASP A 1 99  ? 3.251   5.362   -13.641 1.00 26.20 ? 93  ASP A C   1 
ATOM   719  O  O   . ASP A 1 99  ? 2.510   5.093   -14.597 1.00 25.59 ? 93  ASP A O   1 
ATOM   720  C  CB  . ASP A 1 99  ? 4.113   2.961   -13.723 1.00 25.27 ? 93  ASP A CB  1 
ATOM   721  C  CG  . ASP A 1 99  ? 4.802   3.161   -15.035 1.00 24.34 ? 93  ASP A CG  1 
ATOM   722  O  OD1 . ASP A 1 99  ? 5.587   4.124   -15.145 1.00 23.86 ? 93  ASP A OD1 1 
ATOM   723  O  OD2 . ASP A 1 99  ? 4.568   2.365   -15.957 1.00 23.12 ? 93  ASP A OD2 1 
ATOM   724  N  N   . LYS A 1 100 ? 3.439   6.607   -13.191 1.00 26.96 ? 94  LYS A N   1 
ATOM   725  C  CA  . LYS A 1 100 ? 2.633   7.740   -13.657 1.00 27.73 ? 94  LYS A CA  1 
ATOM   726  C  C   . LYS A 1 100 ? 2.775   8.040   -15.164 1.00 27.54 ? 94  LYS A C   1 
ATOM   727  O  O   . LYS A 1 100 ? 1.793   8.403   -15.827 1.00 28.15 ? 94  LYS A O   1 
ATOM   728  C  CB  . LYS A 1 100 ? 2.938   8.992   -12.833 1.00 28.64 ? 94  LYS A CB  1 
ATOM   729  C  CG  . LYS A 1 100 ? 2.493   8.932   -11.361 1.00 31.47 ? 94  LYS A CG  1 
ATOM   730  C  CD  . LYS A 1 100 ? 0.961   8.891   -11.237 1.00 35.99 ? 94  LYS A CD  1 
ATOM   731  C  CE  . LYS A 1 100 ? 0.502   8.981   -9.771  1.00 39.42 ? 94  LYS A CE  1 
ATOM   732  N  NZ  . LYS A 1 100 ? -0.814  8.289   -9.529  1.00 39.97 ? 94  LYS A NZ  1 
ATOM   733  N  N   . ASP A 1 101 ? 3.977   7.873   -15.711 1.00 26.41 ? 95  ASP A N   1 
ATOM   734  C  CA  . ASP A 1 101 ? 4.184   8.134   -17.132 1.00 25.35 ? 95  ASP A CA  1 
ATOM   735  C  C   . ASP A 1 101 ? 3.949   6.929   -18.048 1.00 24.64 ? 95  ASP A C   1 
ATOM   736  O  O   . ASP A 1 101 ? 4.210   7.001   -19.247 1.00 24.85 ? 95  ASP A O   1 
ATOM   737  C  CB  . ASP A 1 101 ? 5.553   8.781   -17.378 1.00 25.26 ? 95  ASP A CB  1 
ATOM   738  C  CG  . ASP A 1 101 ? 6.712   7.840   -17.132 1.00 25.73 ? 95  ASP A CG  1 
ATOM   739  O  OD1 . ASP A 1 101 ? 6.529   6.629   -16.858 1.00 25.73 ? 95  ASP A OD1 1 
ATOM   740  O  OD2 . ASP A 1 101 ? 7.842   8.343   -17.213 1.00 27.34 ? 95  ASP A OD2 1 
ATOM   741  N  N   . GLY A 1 102 ? 3.473   5.823   -17.483 1.00 24.04 ? 96  GLY A N   1 
ATOM   742  C  CA  . GLY A 1 102 ? 3.153   4.616   -18.258 1.00 22.72 ? 96  GLY A CA  1 
ATOM   743  C  C   . GLY A 1 102 ? 4.327   3.884   -18.911 1.00 22.07 ? 96  GLY A C   1 
ATOM   744  O  O   . GLY A 1 102 ? 4.105   2.934   -19.677 1.00 22.26 ? 96  GLY A O   1 
ATOM   745  N  N   . ASN A 1 103 ? 5.571   4.281   -18.605 1.00 20.69 ? 97  ASN A N   1 
ATOM   746  C  CA  . ASN A 1 103 ? 6.749   3.728   -19.322 1.00 19.95 ? 97  ASN A CA  1 
ATOM   747  C  C   . ASN A 1 103 ? 7.174   2.303   -18.963 1.00 19.01 ? 97  ASN A C   1 
ATOM   748  O  O   . ASN A 1 103 ? 8.020   1.731   -19.649 1.00 19.46 ? 97  ASN A O   1 
ATOM   749  C  CB  . ASN A 1 103 ? 7.942   4.702   -19.330 1.00 19.57 ? 97  ASN A CB  1 
ATOM   750  C  CG  . ASN A 1 103 ? 8.763   4.664   -18.042 1.00 21.28 ? 97  ASN A CG  1 
ATOM   751  O  OD1 . ASN A 1 103 ? 8.247   4.360   -16.952 1.00 21.71 ? 97  ASN A OD1 1 
ATOM   752  N  ND2 . ASN A 1 103 ? 10.058  5.014   -18.159 1.00 20.41 ? 97  ASN A ND2 1 
ATOM   753  N  N   . GLY A 1 104 ? 6.575   1.733   -17.916 1.00 18.07 ? 98  GLY A N   1 
ATOM   754  C  CA  . GLY A 1 104 ? 6.884   0.377   -17.479 1.00 17.73 ? 98  GLY A CA  1 
ATOM   755  C  C   . GLY A 1 104 ? 7.862   0.285   -16.317 1.00 17.62 ? 98  GLY A C   1 
ATOM   756  O  O   . GLY A 1 104 ? 8.245   -0.815  -15.907 1.00 17.12 ? 98  GLY A O   1 
ATOM   757  N  N   . TYR A 1 105 ? 8.250   1.446   -15.780 1.00 17.60 ? 99  TYR A N   1 
ATOM   758  C  CA  . TYR A 1 105 ? 9.247   1.534   -14.720 1.00 17.37 ? 99  TYR A CA  1 
ATOM   759  C  C   . TYR A 1 105 ? 8.827   2.537   -13.689 1.00 17.76 ? 99  TYR A C   1 
ATOM   760  O  O   . TYR A 1 105 ? 8.551   3.685   -14.035 1.00 18.31 ? 99  TYR A O   1 
ATOM   761  C  CB  . TYR A 1 105 ? 10.620  1.919   -15.300 1.00 17.18 ? 99  TYR A CB  1 
ATOM   762  C  CG  . TYR A 1 105 ? 11.145  0.830   -16.207 1.00 16.66 ? 99  TYR A CG  1 
ATOM   763  C  CD1 . TYR A 1 105 ? 11.840  -0.252  -15.694 1.00 16.03 ? 99  TYR A CD1 1 
ATOM   764  C  CD2 . TYR A 1 105 ? 10.889  0.856   -17.573 1.00 16.79 ? 99  TYR A CD2 1 
ATOM   765  C  CE1 . TYR A 1 105 ? 12.275  -1.274  -16.520 1.00 16.46 ? 99  TYR A CE1 1 
ATOM   766  C  CE2 . TYR A 1 105 ? 11.317  -0.173  -18.407 1.00 16.10 ? 99  TYR A CE2 1 
ATOM   767  C  CZ  . TYR A 1 105 ? 11.999  -1.231  -17.871 1.00 16.49 ? 99  TYR A CZ  1 
ATOM   768  O  OH  . TYR A 1 105 ? 12.435  -2.243  -18.700 1.00 18.29 ? 99  TYR A OH  1 
ATOM   769  N  N   . ILE A 1 106 ? 8.784   2.109   -12.423 1.00 17.53 ? 100 ILE A N   1 
ATOM   770  C  CA  . ILE A 1 106 ? 8.590   3.039   -11.320 1.00 17.37 ? 100 ILE A CA  1 
ATOM   771  C  C   . ILE A 1 106 ? 9.979   3.599   -10.960 1.00 18.17 ? 100 ILE A C   1 
ATOM   772  O  O   . ILE A 1 106 ? 10.890  2.864   -10.582 1.00 17.94 ? 100 ILE A O   1 
ATOM   773  C  CB  . ILE A 1 106 ? 7.874   2.402   -10.083 1.00 17.07 ? 100 ILE A CB  1 
ATOM   774  C  CG1 . ILE A 1 106 ? 6.586   1.689   -10.488 1.00 16.51 ? 100 ILE A CG1 1 
ATOM   775  C  CG2 . ILE A 1 106 ? 7.563   3.443   -9.013  1.00 15.45 ? 100 ILE A CG2 1 
ATOM   776  C  CD1 . ILE A 1 106 ? 6.073   0.736   -9.422  1.00 16.68 ? 100 ILE A CD1 1 
ATOM   777  N  N   . SER A 1 107 ? 10.124  4.902   -11.146 1.00 19.11 ? 101 SER A N   1 
ATOM   778  C  CA  . SER A 1 107 ? 11.324  5.627   -10.812 1.00 20.57 ? 101 SER A CA  1 
ATOM   779  C  C   . SER A 1 107 ? 11.148  6.140   -9.389  1.00 21.05 ? 101 SER A C   1 
ATOM   780  O  O   . SER A 1 107 ? 10.031  6.126   -8.862  1.00 21.03 ? 101 SER A O   1 
ATOM   781  C  CB  . SER A 1 107 ? 11.491  6.817   -11.772 1.00 20.45 ? 101 SER A CB  1 
ATOM   782  O  OG  . SER A 1 107 ? 10.480  7.790   -11.525 1.00 22.07 ? 101 SER A OG  1 
ATOM   783  N  N   . ALA A 1 108 ? 12.259  6.565   -8.786  1.00 21.57 ? 102 ALA A N   1 
ATOM   784  C  CA  . ALA A 1 108 ? 12.302  7.262   -7.502  1.00 22.73 ? 102 ALA A CA  1 
ATOM   785  C  C   . ALA A 1 108 ? 11.403  8.486   -7.474  1.00 23.17 ? 102 ALA A C   1 
ATOM   786  O  O   . ALA A 1 108 ? 10.710  8.717   -6.494  1.00 23.92 ? 102 ALA A O   1 
ATOM   787  C  CB  . ALA A 1 108 ? 13.749  7.674   -7.163  1.00 22.43 ? 102 ALA A CB  1 
ATOM   788  N  N   . ALA A 1 109 ? 11.442  9.275   -8.542  1.00 23.99 ? 103 ALA A N   1 
ATOM   789  C  CA  . ALA A 1 109 ? 10.592  10.460  -8.672  1.00 24.58 ? 103 ALA A CA  1 
ATOM   790  C  C   . ALA A 1 109 ? 9.111   10.080  -8.624  1.00 25.10 ? 103 ALA A C   1 
ATOM   791  O  O   . ALA A 1 109 ? 8.308   10.782  -7.993  1.00 25.32 ? 103 ALA A O   1 
ATOM   792  C  CB  . ALA A 1 109 ? 10.909  11.209  -9.956  1.00 24.17 ? 103 ALA A CB  1 
ATOM   793  N  N   . GLU A 1 110 ? 8.748   8.970   -9.272  1.00 25.60 ? 104 GLU A N   1 
ATOM   794  C  CA  . GLU A 1 110 ? 7.347   8.570   -9.331  1.00 26.16 ? 104 GLU A CA  1 
ATOM   795  C  C   . GLU A 1 110 ? 6.833   8.100   -7.955  1.00 27.05 ? 104 GLU A C   1 
ATOM   796  O  O   . GLU A 1 110 ? 5.707   8.432   -7.554  1.00 26.76 ? 104 GLU A O   1 
ATOM   797  C  CB  . GLU A 1 110 ? 7.120   7.529   -10.431 1.00 26.36 ? 104 GLU A CB  1 
ATOM   798  C  CG  . GLU A 1 110 ? 6.934   8.118   -11.847 1.00 25.54 ? 104 GLU A CG  1 
ATOM   799  C  CD  . GLU A 1 110 ? 6.947   7.043   -12.932 1.00 26.60 ? 104 GLU A CD  1 
ATOM   800  O  OE1 . GLU A 1 110 ? 7.640   6.026   -12.745 1.00 24.99 ? 104 GLU A OE1 1 
ATOM   801  O  OE2 . GLU A 1 110 ? 6.279   7.208   -13.982 1.00 26.12 ? 104 GLU A OE2 1 
ATOM   802  N  N   . LEU A 1 111 ? 7.672   7.343   -7.247  1.00 27.47 ? 105 LEU A N   1 
ATOM   803  C  CA  . LEU A 1 111 ? 7.432   6.947   -5.867  1.00 28.28 ? 105 LEU A CA  1 
ATOM   804  C  C   . LEU A 1 111 ? 7.326   8.150   -4.920  1.00 28.65 ? 105 LEU A C   1 
ATOM   805  O  O   . LEU A 1 111 ? 6.497   8.165   -4.005  1.00 28.15 ? 105 LEU A O   1 
ATOM   806  C  CB  . LEU A 1 111 ? 8.582   6.064   -5.400  1.00 28.55 ? 105 LEU A CB  1 
ATOM   807  C  CG  . LEU A 1 111 ? 8.338   4.829   -4.523  1.00 30.10 ? 105 LEU A CG  1 
ATOM   808  C  CD1 . LEU A 1 111 ? 9.661   4.345   -3.946  1.00 28.57 ? 105 LEU A CD1 1 
ATOM   809  C  CD2 . LEU A 1 111 ? 7.341   5.053   -3.411  1.00 30.47 ? 105 LEU A CD2 1 
ATOM   810  N  N   . ARG A 1 112 ? 8.191   9.138   -5.137  1.00 29.06 ? 106 ARG A N   1 
ATOM   811  C  CA  . ARG A 1 112 ? 8.194   10.375  -4.371  1.00 30.23 ? 106 ARG A CA  1 
ATOM   812  C  C   . ARG A 1 112 ? 6.879   11.137  -4.591  1.00 30.33 ? 106 ARG A C   1 
ATOM   813  O  O   . ARG A 1 112 ? 6.273   11.639  -3.645  1.00 30.43 ? 106 ARG A O   1 
ATOM   814  C  CB  . ARG A 1 112 ? 9.412   11.220  -4.767  1.00 30.49 ? 106 ARG A CB  1 
ATOM   815  C  CG  . ARG A 1 112 ? 9.538   12.571  -4.076  1.00 33.77 ? 106 ARG A CG  1 
ATOM   816  C  CD  . ARG A 1 112 ? 10.988  13.112  -4.127  1.00 39.00 ? 106 ARG A CD  1 
ATOM   817  N  NE  . ARG A 1 112 ? 11.612  13.043  -5.459  1.00 43.20 ? 106 ARG A NE  1 
ATOM   818  C  CZ  . ARG A 1 112 ? 12.632  12.243  -5.790  1.00 45.47 ? 106 ARG A CZ  1 
ATOM   819  N  NH1 . ARG A 1 112 ? 13.169  11.423  -4.896  1.00 45.34 ? 106 ARG A NH1 1 
ATOM   820  N  NH2 . ARG A 1 112 ? 13.122  12.261  -7.031  1.00 46.54 ? 106 ARG A NH2 1 
ATOM   821  N  N   . HIS A 1 113 ? 6.432   11.205  -5.838  1.00 30.64 ? 107 HIS A N   1 
ATOM   822  C  CA  . HIS A 1 113 ? 5.149   11.817  -6.146  1.00 31.19 ? 107 HIS A CA  1 
ATOM   823  C  C   . HIS A 1 113 ? 3.992   11.112  -5.400  1.00 30.28 ? 107 HIS A C   1 
ATOM   824  O  O   . HIS A 1 113 ? 3.207   11.765  -4.733  1.00 29.74 ? 107 HIS A O   1 
ATOM   825  C  CB  . HIS A 1 113 ? 4.898   11.849  -7.664  1.00 31.76 ? 107 HIS A CB  1 
ATOM   826  C  CG  . HIS A 1 113 ? 5.930   12.613  -8.457  1.00 35.67 ? 107 HIS A CG  1 
ATOM   827  N  ND1 . HIS A 1 113 ? 6.676   13.651  -7.931  1.00 39.18 ? 107 HIS A ND1 1 
ATOM   828  C  CD2 . HIS A 1 113 ? 6.311   12.507  -9.757  1.00 38.34 ? 107 HIS A CD2 1 
ATOM   829  C  CE1 . HIS A 1 113 ? 7.486   14.131  -8.861  1.00 39.08 ? 107 HIS A CE1 1 
ATOM   830  N  NE2 . HIS A 1 113 ? 7.280   13.458  -9.980  1.00 39.66 ? 107 HIS A NE2 1 
ATOM   831  N  N   . VAL A 1 114 ? 3.919   9.786   -5.490  1.00 29.79 ? 108 VAL A N   1 
ATOM   832  C  CA  . VAL A 1 114 ? 2.821   9.020   -4.872  1.00 29.63 ? 108 VAL A CA  1 
ATOM   833  C  C   . VAL A 1 114 ? 2.791   9.223   -3.355  1.00 29.80 ? 108 VAL A C   1 
ATOM   834  O  O   . VAL A 1 114 ? 1.731   9.495   -2.777  1.00 29.43 ? 108 VAL A O   1 
ATOM   835  C  CB  . VAL A 1 114 ? 2.858   7.494   -5.223  1.00 28.98 ? 108 VAL A CB  1 
ATOM   836  C  CG1 . VAL A 1 114 ? 1.881   6.712   -4.377  1.00 28.11 ? 108 VAL A CG1 1 
ATOM   837  C  CG2 . VAL A 1 114 ? 2.558   7.271   -6.693  1.00 28.23 ? 108 VAL A CG2 1 
ATOM   838  N  N   . MET A 1 115 ? 3.962   9.110   -2.741  1.00 30.11 ? 109 MET A N   1 
ATOM   839  C  CA  . MET A 1 115 ? 4.113   9.262   -1.304  1.00 30.99 ? 109 MET A CA  1 
ATOM   840  C  C   . MET A 1 115 ? 3.734   10.671  -0.845  1.00 31.55 ? 109 MET A C   1 
ATOM   841  O  O   . MET A 1 115 ? 3.024   10.822  0.136   1.00 31.20 ? 109 MET A O   1 
ATOM   842  C  CB  . MET A 1 115 ? 5.539   8.923   -0.874  1.00 30.30 ? 109 MET A CB  1 
ATOM   843  C  CG  . MET A 1 115 ? 5.872   7.450   -0.890  1.00 31.59 ? 109 MET A CG  1 
ATOM   844  S  SD  . MET A 1 115 ? 4.624   6.331   -0.188  1.00 35.06 ? 109 MET A SD  1 
ATOM   845  C  CE  . MET A 1 115 ? 4.072   5.586   -1.698  1.00 35.71 ? 109 MET A CE  1 
ATOM   846  N  N   . THR A 1 116 ? 4.184   11.683  -1.583  1.00 32.66 ? 110 THR A N   1 
ATOM   847  C  CA  . THR A 1 116 ? 3.802   13.074  -1.332  1.00 33.78 ? 110 THR A CA  1 
ATOM   848  C  C   . THR A 1 116 ? 2.291   13.281  -1.404  1.00 34.44 ? 110 THR A C   1 
ATOM   849  O  O   . THR A 1 116 ? 1.710   13.876  -0.497  1.00 34.62 ? 110 THR A O   1 
ATOM   850  C  CB  . THR A 1 116 ? 4.495   14.038  -2.317  1.00 33.63 ? 110 THR A CB  1 
ATOM   851  O  OG1 . THR A 1 116 ? 5.893   14.026  -2.057  1.00 33.67 ? 110 THR A OG1 1 
ATOM   852  C  CG2 . THR A 1 116 ? 3.964   15.477  -2.160  1.00 34.58 ? 110 THR A CG2 1 
ATOM   853  N  N   . ASN A 1 117 ? 1.669   12.797  -2.479  1.00 35.13 ? 111 ASN A N   1 
ATOM   854  C  CA  . ASN A 1 117 ? 0.227   12.898  -2.640  1.00 36.31 ? 111 ASN A CA  1 
ATOM   855  C  C   . ASN A 1 117 ? -0.514  12.179  -1.501  1.00 36.91 ? 111 ASN A C   1 
ATOM   856  O  O   . ASN A 1 117 ? -1.639  12.545  -1.156  1.00 36.74 ? 111 ASN A O   1 
ATOM   857  C  CB  . ASN A 1 117 ? -0.217  12.402  -4.026  1.00 36.20 ? 111 ASN A CB  1 
ATOM   858  C  CG  . ASN A 1 117 ? -1.461  13.134  -4.545  1.00 38.47 ? 111 ASN A CG  1 
ATOM   859  O  OD1 . ASN A 1 117 ? -2.432  12.510  -5.005  1.00 41.24 ? 111 ASN A OD1 1 
ATOM   860  N  ND2 . ASN A 1 117 ? -1.441  14.458  -4.467  1.00 37.72 ? 111 ASN A ND2 1 
ATOM   861  N  N   . LEU A 1 118 ? 0.145   11.186  -0.902  1.00 37.87 ? 112 LEU A N   1 
ATOM   862  C  CA  . LEU A 1 118 ? -0.367  10.487  0.281   1.00 39.12 ? 112 LEU A CA  1 
ATOM   863  C  C   . LEU A 1 118 ? -0.060  11.181  1.618   1.00 40.43 ? 112 LEU A C   1 
ATOM   864  O  O   . LEU A 1 118 ? -0.382  10.649  2.686   1.00 40.46 ? 112 LEU A O   1 
ATOM   865  C  CB  . LEU A 1 118 ? 0.156   9.054   0.313   1.00 38.50 ? 112 LEU A CB  1 
ATOM   866  C  CG  . LEU A 1 118 ? -0.571  8.031   -0.550  1.00 37.88 ? 112 LEU A CG  1 
ATOM   867  C  CD1 . LEU A 1 118 ? 0.318   6.814   -0.706  1.00 36.91 ? 112 LEU A CD1 1 
ATOM   868  C  CD2 . LEU A 1 118 ? -1.906  7.651   0.071   1.00 35.73 ? 112 LEU A CD2 1 
ATOM   869  N  N   . GLY A 1 119 ? 0.577   12.351  1.552   1.00 42.32 ? 113 GLY A N   1 
ATOM   870  C  CA  . GLY A 1 119 ? 0.868   13.165  2.741   1.00 44.71 ? 113 GLY A CA  1 
ATOM   871  C  C   . GLY A 1 119 ? 2.206   12.865  3.395   1.00 46.46 ? 113 GLY A C   1 
ATOM   872  O  O   . GLY A 1 119 ? 2.494   13.349  4.494   1.00 46.43 ? 113 GLY A O   1 
ATOM   873  N  N   . GLU A 1 120 ? 3.033   12.083  2.705   1.00 48.35 ? 114 GLU A N   1 
ATOM   874  C  CA  . GLU A 1 120 ? 4.297   11.613  3.269   1.00 50.16 ? 114 GLU A CA  1 
ATOM   875  C  C   . GLU A 1 120 ? 5.564   12.407  2.971   1.00 51.10 ? 114 GLU A C   1 
ATOM   876  O  O   . GLU A 1 120 ? 5.912   12.676  1.819   1.00 51.34 ? 114 GLU A O   1 
ATOM   877  C  CB  . GLU A 1 120 ? 4.516   10.128  2.997   1.00 50.25 ? 114 GLU A CB  1 
ATOM   878  C  CG  . GLU A 1 120 ? 4.227   9.296   4.206   1.00 52.43 ? 114 GLU A CG  1 
ATOM   879  C  CD  . GLU A 1 120 ? 4.593   10.015  5.498   1.00 55.77 ? 114 GLU A CD  1 
ATOM   880  O  OE1 . GLU A 1 120 ? 3.676   10.527  6.180   1.00 56.93 ? 114 GLU A OE1 1 
ATOM   881  O  OE2 . GLU A 1 120 ? 5.802   10.091  5.815   1.00 57.53 ? 114 GLU A OE2 1 
ATOM   882  N  N   . LYS A 1 121 ? 6.247   12.720  4.069   1.00 52.30 ? 115 LYS A N   1 
ATOM   883  C  CA  . LYS A 1 121 ? 7.507   13.454  4.147   1.00 53.29 ? 115 LYS A CA  1 
ATOM   884  C  C   . LYS A 1 121 ? 8.724   12.594  3.784   1.00 53.08 ? 115 LYS A C   1 
ATOM   885  O  O   . LYS A 1 121 ? 9.367   12.054  4.678   1.00 53.48 ? 115 LYS A O   1 
ATOM   886  C  CB  . LYS A 1 121 ? 7.669   13.938  5.613   1.00 53.87 ? 115 LYS A CB  1 
ATOM   887  C  CG  . LYS A 1 121 ? 7.413   12.818  6.716   1.00 56.07 ? 115 LYS A CG  1 
ATOM   888  C  CD  . LYS A 1 121 ? 8.711   12.094  7.196   1.00 58.10 ? 115 LYS A CD  1 
ATOM   889  C  CE  . LYS A 1 121 ? 8.738   10.573  6.861   1.00 58.35 ? 115 LYS A CE  1 
ATOM   890  N  NZ  . LYS A 1 121 ? 8.783   9.638   8.024   1.00 59.37 ? 115 LYS A NZ  1 
ATOM   891  N  N   . LEU A 1 122 ? 9.085   12.452  2.511   1.00 52.63 ? 116 LEU A N   1 
ATOM   892  C  CA  . LEU A 1 122 ? 10.240  11.572  2.230   1.00 52.15 ? 116 LEU A CA  1 
ATOM   893  C  C   . LEU A 1 122 ? 11.489  12.253  1.674   1.00 51.81 ? 116 LEU A C   1 
ATOM   894  O  O   . LEU A 1 122 ? 11.432  12.961  0.663   1.00 52.05 ? 116 LEU A O   1 
ATOM   895  C  CB  . LEU A 1 122 ? 9.856   10.348  1.376   1.00 52.01 ? 116 LEU A CB  1 
ATOM   896  C  CG  . LEU A 1 122 ? 8.842   9.313   1.902   1.00 51.91 ? 116 LEU A CG  1 
ATOM   897  C  CD1 . LEU A 1 122 ? 9.012   8.005   1.157   1.00 51.78 ? 116 LEU A CD1 1 
ATOM   898  C  CD2 . LEU A 1 122 ? 8.980   9.048   3.391   1.00 52.10 ? 116 LEU A CD2 1 
ATOM   899  N  N   . THR A 1 123 ? 12.622  12.013  2.339   1.00 51.23 ? 117 THR A N   1 
ATOM   900  C  CA  . THR A 1 123 ? 13.938  12.377  1.789   1.00 50.41 ? 117 THR A CA  1 
ATOM   901  C  C   . THR A 1 123 ? 14.189  11.457  0.599   1.00 49.89 ? 117 THR A C   1 
ATOM   902  O  O   . THR A 1 123 ? 13.548  10.410  0.487   1.00 49.68 ? 117 THR A O   1 
ATOM   903  C  CB  . THR A 1 123 ? 15.083  12.216  2.828   1.00 50.29 ? 117 THR A CB  1 
ATOM   904  O  OG1 . THR A 1 123 ? 15.411  10.833  2.988   1.00 50.23 ? 117 THR A OG1 1 
ATOM   905  C  CG2 . THR A 1 123 ? 14.698  12.802  4.193   1.00 50.38 ? 117 THR A CG2 1 
ATOM   906  N  N   . ASP A 1 124 ? 15.097  11.828  -0.297  1.00 49.42 ? 118 ASP A N   1 
ATOM   907  C  CA  . ASP A 1 124 ? 15.383  10.932  -1.421  1.00 49.13 ? 118 ASP A CA  1 
ATOM   908  C  C   . ASP A 1 124 ? 16.375  9.817   -1.111  1.00 48.10 ? 118 ASP A C   1 
ATOM   909  O  O   . ASP A 1 124 ? 16.667  9.008   -1.981  1.00 48.65 ? 118 ASP A O   1 
ATOM   910  C  CB  . ASP A 1 124 ? 15.723  11.657  -2.740  1.00 49.71 ? 118 ASP A CB  1 
ATOM   911  C  CG  . ASP A 1 124 ? 16.388  12.984  -2.535  1.00 50.83 ? 118 ASP A CG  1 
ATOM   912  O  OD1 . ASP A 1 124 ? 16.209  13.869  -3.401  1.00 52.57 ? 118 ASP A OD1 1 
ATOM   913  O  OD2 . ASP A 1 124 ? 17.097  13.145  -1.522  1.00 54.00 ? 118 ASP A OD2 1 
ATOM   914  N  N   . GLU A 1 125 ? 16.881  9.766   0.119   1.00 46.56 ? 119 GLU A N   1 
ATOM   915  C  CA  . GLU A 1 125 ? 17.618  8.597   0.578   1.00 44.91 ? 119 GLU A CA  1 
ATOM   916  C  C   . GLU A 1 125 ? 16.595  7.563   1.037   1.00 43.70 ? 119 GLU A C   1 
ATOM   917  O  O   . GLU A 1 125 ? 16.820  6.361   0.903   1.00 43.59 ? 119 GLU A O   1 
ATOM   918  C  CB  . GLU A 1 125 ? 18.600  8.951   1.704   1.00 44.99 ? 119 GLU A CB  1 
ATOM   919  N  N   . GLU A 1 126 ? 15.466  8.045   1.563   1.00 42.26 ? 120 GLU A N   1 
ATOM   920  C  CA  . GLU A 1 126 ? 14.344  7.182   1.944   1.00 41.14 ? 120 GLU A CA  1 
ATOM   921  C  C   . GLU A 1 126 ? 13.629  6.621   0.721   1.00 40.27 ? 120 GLU A C   1 
ATOM   922  O  O   . GLU A 1 126 ? 13.207  5.462   0.722   1.00 39.88 ? 120 GLU A O   1 
ATOM   923  C  CB  . GLU A 1 126 ? 13.346  7.933   2.810   1.00 41.06 ? 120 GLU A CB  1 
ATOM   924  C  CG  . GLU A 1 126 ? 13.819  8.230   4.221   1.00 40.97 ? 120 GLU A CG  1 
ATOM   925  C  CD  . GLU A 1 126 ? 12.868  9.172   4.959   1.00 41.96 ? 120 GLU A CD  1 
ATOM   926  O  OE1 . GLU A 1 126 ? 12.497  8.840   6.095   1.00 43.07 ? 120 GLU A OE1 1 
ATOM   927  O  OE2 . GLU A 1 126 ? 12.487  10.238  4.410   1.00 41.60 ? 120 GLU A OE2 1 
ATOM   928  N  N   . VAL A 1 127 ? 13.504  7.448   -0.317  1.00 39.24 ? 121 VAL A N   1 
ATOM   929  C  CA  . VAL A 1 127 ? 12.942  7.017   -1.593  1.00 38.71 ? 121 VAL A CA  1 
ATOM   930  C  C   . VAL A 1 127 ? 13.834  5.988   -2.295  1.00 38.54 ? 121 VAL A C   1 
ATOM   931  O  O   . VAL A 1 127 ? 13.352  4.905   -2.638  1.00 37.93 ? 121 VAL A O   1 
ATOM   932  C  CB  . VAL A 1 127 ? 12.610  8.217   -2.515  1.00 38.71 ? 121 VAL A CB  1 
ATOM   933  C  CG1 . VAL A 1 127 ? 12.253  7.750   -3.900  1.00 38.93 ? 121 VAL A CG1 1 
ATOM   934  C  CG2 . VAL A 1 127 ? 11.454  9.008   -1.940  1.00 38.44 ? 121 VAL A CG2 1 
ATOM   935  N  N   . ASP A 1 128 ? 15.121  6.302   -2.486  1.00 38.58 ? 122 ASP A N   1 
ATOM   936  C  CA  . ASP A 1 128 ? 16.053  5.358   -3.151  1.00 39.19 ? 122 ASP A CA  1 
ATOM   937  C  C   . ASP A 1 128 ? 16.099  4.021   -2.434  1.00 38.45 ? 122 ASP A C   1 
ATOM   938  O  O   . ASP A 1 128 ? 16.207  2.990   -3.077  1.00 38.64 ? 122 ASP A O   1 
ATOM   939  C  CB  . ASP A 1 128 ? 17.488  5.900   -3.277  1.00 39.69 ? 122 ASP A CB  1 
ATOM   940  C  CG  . ASP A 1 128 ? 17.574  7.221   -4.048  1.00 42.62 ? 122 ASP A CG  1 
ATOM   941  O  OD1 . ASP A 1 128 ? 18.569  7.958   -3.822  1.00 46.00 ? 122 ASP A OD1 1 
ATOM   942  O  OD2 . ASP A 1 128 ? 16.668  7.543   -4.865  1.00 45.03 ? 122 ASP A OD2 1 
ATOM   943  N  N   . GLU A 1 129 ? 16.008  4.052   -1.102  1.00 37.99 ? 123 GLU A N   1 
ATOM   944  C  CA  . GLU A 1 129 ? 16.033  2.837   -0.286  1.00 37.31 ? 123 GLU A CA  1 
ATOM   945  C  C   . GLU A 1 129 ? 14.795  1.950   -0.480  1.00 37.11 ? 123 GLU A C   1 
ATOM   946  O  O   . GLU A 1 129 ? 14.905  0.725   -0.464  1.00 36.94 ? 123 GLU A O   1 
ATOM   947  C  CB  . GLU A 1 129 ? 16.243  3.184   1.192   1.00 37.25 ? 123 GLU A CB  1 
ATOM   948  N  N   . MET A 1 130 ? 13.627  2.575   -0.661  1.00 36.83 ? 124 MET A N   1 
ATOM   949  C  CA  . MET A 1 130 ? 12.394  1.863   -1.015  1.00 36.72 ? 124 MET A CA  1 
ATOM   950  C  C   . MET A 1 130 ? 12.515  1.188   -2.370  1.00 36.31 ? 124 MET A C   1 
ATOM   951  O  O   . MET A 1 130 ? 12.094  0.055   -2.527  1.00 35.87 ? 124 MET A O   1 
ATOM   952  C  CB  . MET A 1 130 ? 11.191  2.809   -1.040  1.00 36.66 ? 124 MET A CB  1 
ATOM   953  C  CG  . MET A 1 130 ? 10.710  3.240   0.322   1.00 38.35 ? 124 MET A CG  1 
ATOM   954  S  SD  . MET A 1 130 ? 9.556   4.630   0.235   1.00 41.55 ? 124 MET A SD  1 
ATOM   955  C  CE  . MET A 1 130 ? 8.133   3.839   -0.515  1.00 41.47 ? 124 MET A CE  1 
ATOM   956  N  N   . ILE A 1 131 ? 13.069  1.908   -3.349  1.00 36.62 ? 125 ILE A N   1 
ATOM   957  C  CA  . ILE A 1 131 ? 13.384  1.337   -4.663  1.00 36.80 ? 125 ILE A CA  1 
ATOM   958  C  C   . ILE A 1 131 ? 14.390  0.215   -4.522  1.00 36.64 ? 125 ILE A C   1 
ATOM   959  O  O   . ILE A 1 131 ? 14.254  -0.820  -5.165  1.00 36.88 ? 125 ILE A O   1 
ATOM   960  C  CB  . ILE A 1 131 ? 13.921  2.390   -5.689  1.00 36.81 ? 125 ILE A CB  1 
ATOM   961  C  CG1 . ILE A 1 131 ? 12.769  3.171   -6.320  1.00 37.76 ? 125 ILE A CG1 1 
ATOM   962  C  CG2 . ILE A 1 131 ? 14.657  1.714   -6.828  1.00 37.08 ? 125 ILE A CG2 1 
ATOM   963  C  CD1 . ILE A 1 131 ? 12.523  4.466   -5.664  1.00 40.35 ? 125 ILE A CD1 1 
ATOM   964  N  N   . ARG A 1 132 ? 15.387  0.422   -3.665  1.00 36.97 ? 126 ARG A N   1 
ATOM   965  C  CA  . ARG A 1 132 ? 16.452  -0.557  -3.471  1.00 36.87 ? 126 ARG A CA  1 
ATOM   966  C  C   . ARG A 1 132 ? 15.869  -1.904  -3.044  1.00 36.12 ? 126 ARG A C   1 
ATOM   967  O  O   . ARG A 1 132 ? 16.220  -2.938  -3.620  1.00 36.12 ? 126 ARG A O   1 
ATOM   968  C  CB  . ARG A 1 132 ? 17.487  -0.039  -2.467  1.00 37.34 ? 126 ARG A CB  1 
ATOM   969  C  CG  . ARG A 1 132 ? 18.924  -0.204  -2.944  1.00 38.76 ? 126 ARG A CG  1 
ATOM   970  C  CD  . ARG A 1 132 ? 19.943  0.521   -2.066  1.00 39.92 ? 126 ARG A CD  1 
ATOM   971  N  NE  . ARG A 1 132 ? 19.946  1.973   -2.281  1.00 41.55 ? 126 ARG A NE  1 
ATOM   972  C  CZ  . ARG A 1 132 ? 19.702  2.879   -1.327  1.00 44.05 ? 126 ARG A CZ  1 
ATOM   973  N  NH1 . ARG A 1 132 ? 19.442  2.491   -0.073  1.00 43.90 ? 126 ARG A NH1 1 
ATOM   974  N  NH2 . ARG A 1 132 ? 19.734  4.183   -1.616  1.00 44.06 ? 126 ARG A NH2 1 
ATOM   975  N  N   . GLU A 1 133 ? 14.944  -1.882  -2.084  1.00 35.05 ? 127 GLU A N   1 
ATOM   976  C  CA  . GLU A 1 133 ? 14.294  -3.111  -1.595  1.00 34.75 ? 127 GLU A CA  1 
ATOM   977  C  C   . GLU A 1 133 ? 13.498  -3.888  -2.643  1.00 33.16 ? 127 GLU A C   1 
ATOM   978  O  O   . GLU A 1 133 ? 13.452  -5.116  -2.587  1.00 33.15 ? 127 GLU A O   1 
ATOM   979  C  CB  . GLU A 1 133 ? 13.357  -2.812  -0.413  1.00 35.39 ? 127 GLU A CB  1 
ATOM   980  C  CG  . GLU A 1 133 ? 14.025  -2.241  0.826   1.00 38.38 ? 127 GLU A CG  1 
ATOM   981  C  CD  . GLU A 1 133 ? 13.017  -1.656  1.822   1.00 42.36 ? 127 GLU A CD  1 
ATOM   982  O  OE1 . GLU A 1 133 ? 11.860  -2.141  1.882   1.00 43.74 ? 127 GLU A OE1 1 
ATOM   983  O  OE2 . GLU A 1 133 ? 13.386  -0.702  2.550   1.00 44.03 ? 127 GLU A OE2 1 
ATOM   984  N  N   . ALA A 1 134 ? 12.846  -3.180  -3.567  1.00 31.46 ? 128 ALA A N   1 
ATOM   985  C  CA  . ALA A 1 134 ? 11.962  -3.821  -4.558  1.00 30.05 ? 128 ALA A CA  1 
ATOM   986  C  C   . ALA A 1 134 ? 12.689  -4.199  -5.866  1.00 29.00 ? 128 ALA A C   1 
ATOM   987  O  O   . ALA A 1 134 ? 12.234  -5.057  -6.629  1.00 28.09 ? 128 ALA A O   1 
ATOM   988  C  CB  . ALA A 1 134 ? 10.789  -2.919  -4.853  1.00 30.15 ? 128 ALA A CB  1 
ATOM   989  N  N   . ASP A 1 135 ? 13.819  -3.547  -6.100  1.00 27.48 ? 129 ASP A N   1 
ATOM   990  C  CA  . ASP A 1 135 ? 14.615  -3.728  -7.301  1.00 26.53 ? 129 ASP A CA  1 
ATOM   991  C  C   . ASP A 1 135 ? 15.292  -5.111  -7.298  1.00 25.88 ? 129 ASP A C   1 
ATOM   992  O  O   . ASP A 1 135 ? 15.947  -5.468  -6.335  1.00 25.78 ? 129 ASP A O   1 
ATOM   993  C  CB  . ASP A 1 135 ? 15.641  -2.584  -7.362  1.00 25.82 ? 129 ASP A CB  1 
ATOM   994  C  CG  . ASP A 1 135 ? 16.356  -2.483  -8.690  1.00 25.07 ? 129 ASP A CG  1 
ATOM   995  O  OD1 . ASP A 1 135 ? 16.009  -3.185  -9.663  1.00 21.98 ? 129 ASP A OD1 1 
ATOM   996  O  OD2 . ASP A 1 135 ? 17.288  -1.671  -8.767  1.00 25.85 ? 129 ASP A OD2 1 
ATOM   997  N  N   . ILE A 1 136 ? 15.086  -5.894  -8.359  1.00 25.60 ? 130 ILE A N   1 
ATOM   998  C  CA  . ILE A 1 136 ? 15.707  -7.213  -8.494  1.00 25.13 ? 130 ILE A CA  1 
ATOM   999  C  C   . ILE A 1 136 ? 16.907  -7.139  -9.442  1.00 24.73 ? 130 ILE A C   1 
ATOM   1000 O  O   . ILE A 1 136 ? 17.982  -7.640  -9.118  1.00 25.02 ? 130 ILE A O   1 
ATOM   1001 C  CB  . ILE A 1 136 ? 14.747  -8.324  -9.038  1.00 25.47 ? 130 ILE A CB  1 
ATOM   1002 C  CG1 . ILE A 1 136 ? 13.390  -8.405  -8.299  1.00 26.61 ? 130 ILE A CG1 1 
ATOM   1003 C  CG2 . ILE A 1 136 ? 15.439  -9.688  -9.061  1.00 24.99 ? 130 ILE A CG2 1 
ATOM   1004 C  CD1 . ILE A 1 136 ? 13.463  -8.518  -6.828  1.00 30.81 ? 130 ILE A CD1 1 
ATOM   1005 N  N   . ASP A 1 137 ? 16.726  -6.537  -10.615 1.00 23.72 ? 131 ASP A N   1 
ATOM   1006 C  CA  . ASP A 1 137 ? 17.786  -6.533  -11.633 1.00 22.74 ? 131 ASP A CA  1 
ATOM   1007 C  C   . ASP A 1 137 ? 18.906  -5.513  -11.369 1.00 22.05 ? 131 ASP A C   1 
ATOM   1008 O  O   . ASP A 1 137 ? 19.987  -5.617  -11.960 1.00 22.02 ? 131 ASP A O   1 
ATOM   1009 C  CB  . ASP A 1 137 ? 17.238  -6.424  -13.081 1.00 22.45 ? 131 ASP A CB  1 
ATOM   1010 C  CG  . ASP A 1 137 ? 16.220  -5.283  -13.273 1.00 22.41 ? 131 ASP A CG  1 
ATOM   1011 O  OD1 . ASP A 1 137 ? 16.379  -4.192  -12.696 1.00 21.85 ? 131 ASP A OD1 1 
ATOM   1012 O  OD2 . ASP A 1 137 ? 15.246  -5.476  -14.024 1.00 21.79 ? 131 ASP A OD2 1 
ATOM   1013 N  N   . GLY A 1 138 ? 18.638  -4.550  -10.489 1.00 20.94 ? 132 GLY A N   1 
ATOM   1014 C  CA  . GLY A 1 138 ? 19.619  -3.526  -10.123 1.00 20.76 ? 132 GLY A CA  1 
ATOM   1015 C  C   . GLY A 1 138 ? 19.670  -2.269  -10.991 1.00 20.21 ? 132 GLY A C   1 
ATOM   1016 O  O   . GLY A 1 138 ? 20.583  -1.454  -10.848 1.00 19.82 ? 132 GLY A O   1 
ATOM   1017 N  N   . ASP A 1 139 ? 18.700  -2.103  -11.888 1.00 20.26 ? 133 ASP A N   1 
ATOM   1018 C  CA  . ASP A 1 139 ? 18.608  -0.892  -12.722 1.00 20.25 ? 133 ASP A CA  1 
ATOM   1019 C  C   . ASP A 1 139 ? 18.133  0.391   -12.001 1.00 20.75 ? 133 ASP A C   1 
ATOM   1020 O  O   . ASP A 1 139 ? 18.136  1.488   -12.586 1.00 21.23 ? 133 ASP A O   1 
ATOM   1021 C  CB  . ASP A 1 139 ? 17.817  -1.168  -14.000 1.00 20.27 ? 133 ASP A CB  1 
ATOM   1022 C  CG  . ASP A 1 139 ? 16.341  -1.302  -13.766 1.00 20.32 ? 133 ASP A CG  1 
ATOM   1023 O  OD1 . ASP A 1 139 ? 15.587  -1.345  -14.757 1.00 19.86 ? 133 ASP A OD1 1 
ATOM   1024 O  OD2 . ASP A 1 139 ? 15.916  -1.380  -12.600 1.00 23.39 ? 133 ASP A OD2 1 
ATOM   1025 N  N   . GLY A 1 140 ? 17.750  0.262   -10.725 1.00 20.99 ? 134 GLY A N   1 
ATOM   1026 C  CA  . GLY A 1 140 ? 17.421  1.422   -9.889  1.00 20.12 ? 134 GLY A CA  1 
ATOM   1027 C  C   . GLY A 1 140 ? 15.999  1.894   -10.114 1.00 20.42 ? 134 GLY A C   1 
ATOM   1028 O  O   . GLY A 1 140 ? 15.655  3.030   -9.775  1.00 21.16 ? 134 GLY A O   1 
ATOM   1029 N  N   . GLN A 1 141 ? 15.180  1.022   -10.704 1.00 19.79 ? 135 GLN A N   1 
ATOM   1030 C  CA  . GLN A 1 141 ? 13.758  1.265   -10.940 1.00 19.22 ? 135 GLN A CA  1 
ATOM   1031 C  C   . GLN A 1 141 ? 12.991  -0.022  -10.673 1.00 19.40 ? 135 GLN A C   1 
ATOM   1032 O  O   . GLN A 1 141 ? 13.585  -1.108  -10.568 1.00 18.52 ? 135 GLN A O   1 
ATOM   1033 C  CB  . GLN A 1 141 ? 13.488  1.696   -12.399 1.00 19.43 ? 135 GLN A CB  1 
ATOM   1034 C  CG  . GLN A 1 141 ? 14.191  2.949   -12.825 1.00 18.64 ? 135 GLN A CG  1 
ATOM   1035 C  CD  . GLN A 1 141 ? 13.597  3.564   -14.050 1.00 18.49 ? 135 GLN A CD  1 
ATOM   1036 O  OE1 . GLN A 1 141 ? 13.804  3.089   -15.186 1.00 18.15 ? 135 GLN A OE1 1 
ATOM   1037 N  NE2 . GLN A 1 141 ? 12.874  4.652   -13.847 1.00 15.85 ? 135 GLN A NE2 1 
ATOM   1038 N  N   . VAL A 1 142 ? 11.663  0.095   -10.593 1.00 19.50 ? 136 VAL A N   1 
ATOM   1039 C  CA  . VAL A 1 142 ? 10.813  -1.069  -10.317 1.00 19.15 ? 136 VAL A CA  1 
ATOM   1040 C  C   . VAL A 1 142 ? 9.929   -1.341  -11.533 1.00 19.56 ? 136 VAL A C   1 
ATOM   1041 O  O   . VAL A 1 142 ? 9.106   -0.518  -11.943 1.00 19.75 ? 136 VAL A O   1 
ATOM   1042 C  CB  . VAL A 1 142 ? 10.016  -0.908  -8.970  1.00 19.28 ? 136 VAL A CB  1 
ATOM   1043 C  CG1 . VAL A 1 142 ? 9.187   -2.160  -8.628  1.00 16.89 ? 136 VAL A CG1 1 
ATOM   1044 C  CG2 . VAL A 1 142 ? 10.978  -0.537  -7.810  1.00 17.22 ? 136 VAL A CG2 1 
ATOM   1045 N  N   . ASN A 1 143 ? 10.147  -2.489  -12.141 1.00 20.51 ? 137 ASN A N   1 
ATOM   1046 C  CA  . ASN A 1 143 ? 9.388   -2.878  -13.315 1.00 21.63 ? 137 ASN A CA  1 
ATOM   1047 C  C   . ASN A 1 143 ? 8.237   -3.749  -12.859 1.00 22.50 ? 137 ASN A C   1 
ATOM   1048 O  O   . ASN A 1 143 ? 8.130   -4.038  -11.659 1.00 22.95 ? 137 ASN A O   1 
ATOM   1049 C  CB  . ASN A 1 143 ? 10.303  -3.524  -14.381 1.00 21.42 ? 137 ASN A CB  1 
ATOM   1050 C  CG  . ASN A 1 143 ? 10.717  -4.950  -14.049 1.00 21.79 ? 137 ASN A CG  1 
ATOM   1051 O  OD1 . ASN A 1 143 ? 10.286  -5.555  -13.054 1.00 24.51 ? 137 ASN A OD1 1 
ATOM   1052 N  ND2 . ASN A 1 143 ? 11.534  -5.511  -14.910 1.00 19.99 ? 137 ASN A ND2 1 
ATOM   1053 N  N   . TYR A 1 144 ? 7.370   -4.149  -13.786 1.00 23.61 ? 138 TYR A N   1 
ATOM   1054 C  CA  . TYR A 1 144 ? 6.173   -4.912  -13.419 1.00 24.53 ? 138 TYR A CA  1 
ATOM   1055 C  C   . TYR A 1 144 ? 6.454   -6.239  -12.702 1.00 25.18 ? 138 TYR A C   1 
ATOM   1056 O  O   . TYR A 1 144 ? 5.833   -6.524  -11.665 1.00 25.82 ? 138 TYR A O   1 
ATOM   1057 C  CB  . TYR A 1 144 ? 5.239   -5.131  -14.624 1.00 24.82 ? 138 TYR A CB  1 
ATOM   1058 C  CG  . TYR A 1 144 ? 3.958   -5.847  -14.228 1.00 25.31 ? 138 TYR A CG  1 
ATOM   1059 C  CD1 . TYR A 1 144 ? 3.000   -5.201  -13.458 1.00 25.98 ? 138 TYR A CD1 1 
ATOM   1060 C  CD2 . TYR A 1 144 ? 3.734   -7.179  -14.587 1.00 26.48 ? 138 TYR A CD2 1 
ATOM   1061 C  CE1 . TYR A 1 144 ? 1.830   -5.837  -13.059 1.00 27.34 ? 138 TYR A CE1 1 
ATOM   1062 C  CE2 . TYR A 1 144 ? 2.562   -7.832  -14.203 1.00 28.92 ? 138 TYR A CE2 1 
ATOM   1063 C  CZ  . TYR A 1 144 ? 1.611   -7.150  -13.429 1.00 30.12 ? 138 TYR A CZ  1 
ATOM   1064 O  OH  . TYR A 1 144 ? 0.439   -7.772  -13.020 1.00 31.54 ? 138 TYR A OH  1 
ATOM   1065 N  N   . GLU A 1 145 ? 7.373   -7.043  -13.246 1.00 25.56 ? 139 GLU A N   1 
ATOM   1066 C  CA  . GLU A 1 145 ? 7.760   -8.331  -12.644 1.00 25.93 ? 139 GLU A CA  1 
ATOM   1067 C  C   . GLU A 1 145 ? 8.187   -8.168  -11.179 1.00 25.12 ? 139 GLU A C   1 
ATOM   1068 O  O   . GLU A 1 145 ? 7.737   -8.915  -10.308 1.00 25.04 ? 139 GLU A O   1 
ATOM   1069 C  CB  . GLU A 1 145 ? 8.911   -8.955  -13.427 1.00 26.82 ? 139 GLU A CB  1 
ATOM   1070 C  CG  . GLU A 1 145 ? 8.736   -10.391 -13.928 1.00 31.42 ? 139 GLU A CG  1 
ATOM   1071 C  CD  . GLU A 1 145 ? 7.686   -11.198 -13.179 1.00 37.07 ? 139 GLU A CD  1 
ATOM   1072 O  OE1 . GLU A 1 145 ? 7.953   -11.695 -12.041 1.00 36.75 ? 139 GLU A OE1 1 
ATOM   1073 O  OE2 . GLU A 1 145 ? 6.586   -11.332 -13.774 1.00 40.54 ? 139 GLU A OE2 1 
ATOM   1074 N  N   . GLU A 1 146 ? 9.051   -7.188  -10.915 1.00 24.42 ? 140 GLU A N   1 
ATOM   1075 C  CA  . GLU A 1 146 ? 9.509   -6.878  -9.548  1.00 24.41 ? 140 GLU A CA  1 
ATOM   1076 C  C   . GLU A 1 146 ? 8.390   -6.352  -8.648  1.00 24.68 ? 140 GLU A C   1 
ATOM   1077 O  O   . GLU A 1 146 ? 8.424   -6.554  -7.436  1.00 24.79 ? 140 GLU A O   1 
ATOM   1078 C  CB  . GLU A 1 146 ? 10.658  -5.856  -9.571  1.00 23.86 ? 140 GLU A CB  1 
ATOM   1079 C  CG  . GLU A 1 146 ? 11.827  -6.235  -10.475 1.00 23.54 ? 140 GLU A CG  1 
ATOM   1080 C  CD  . GLU A 1 146 ? 12.770  -5.075  -10.755 1.00 22.43 ? 140 GLU A CD  1 
ATOM   1081 O  OE1 . GLU A 1 146 ? 12.311  -3.925  -10.846 1.00 19.32 ? 140 GLU A OE1 1 
ATOM   1082 O  OE2 . GLU A 1 146 ? 13.990  -5.308  -10.909 1.00 23.38 ? 140 GLU A OE2 1 
ATOM   1083 N  N   . PHE A 1 147 ? 7.428   -5.640  -9.233  1.00 25.09 ? 141 PHE A N   1 
ATOM   1084 C  CA  . PHE A 1 147 ? 6.263   -5.182  -8.491  1.00 25.79 ? 141 PHE A CA  1 
ATOM   1085 C  C   . PHE A 1 147 ? 5.405   -6.388  -8.053  1.00 26.59 ? 141 PHE A C   1 
ATOM   1086 O  O   . PHE A 1 147 ? 4.968   -6.456  -6.914  1.00 26.10 ? 141 PHE A O   1 
ATOM   1087 C  CB  . PHE A 1 147 ? 5.450   -4.186  -9.334  1.00 25.26 ? 141 PHE A CB  1 
ATOM   1088 C  CG  . PHE A 1 147 ? 4.393   -3.458  -8.562  1.00 24.79 ? 141 PHE A CG  1 
ATOM   1089 C  CD1 . PHE A 1 147 ? 4.714   -2.337  -7.811  1.00 24.89 ? 141 PHE A CD1 1 
ATOM   1090 C  CD2 . PHE A 1 147 ? 3.068   -3.907  -8.577  1.00 23.71 ? 141 PHE A CD2 1 
ATOM   1091 C  CE1 . PHE A 1 147 ? 3.739   -1.659  -7.090  1.00 24.64 ? 141 PHE A CE1 1 
ATOM   1092 C  CE2 . PHE A 1 147 ? 2.089   -3.251  -7.869  1.00 23.09 ? 141 PHE A CE2 1 
ATOM   1093 C  CZ  . PHE A 1 147 ? 2.417   -2.117  -7.121  1.00 25.49 ? 141 PHE A CZ  1 
ATOM   1094 N  N   . VAL A 1 148 ? 5.180   -7.322  -8.977  1.00 28.38 ? 142 VAL A N   1 
ATOM   1095 C  CA  . VAL A 1 148 ? 4.458   -8.568  -8.716  1.00 30.27 ? 142 VAL A CA  1 
ATOM   1096 C  C   . VAL A 1 148 ? 5.087   -9.324  -7.543  1.00 31.90 ? 142 VAL A C   1 
ATOM   1097 O  O   . VAL A 1 148 ? 4.451   -9.523  -6.512  1.00 32.05 ? 142 VAL A O   1 
ATOM   1098 C  CB  . VAL A 1 148 ? 4.433   -9.480  -9.977  1.00 30.16 ? 142 VAL A CB  1 
ATOM   1099 C  CG1 . VAL A 1 148 ? 3.766   -10.820 -9.671  1.00 30.76 ? 142 VAL A CG1 1 
ATOM   1100 C  CG2 . VAL A 1 148 ? 3.745   -8.788  -11.146 1.00 29.26 ? 142 VAL A CG2 1 
ATOM   1101 N  N   . GLN A 1 149 ? 6.350   -9.713  -7.706  1.00 33.90 ? 143 GLN A N   1 
ATOM   1102 C  CA  . GLN A 1 149 ? 7.092   -10.500 -6.711  1.00 35.44 ? 143 GLN A CA  1 
ATOM   1103 C  C   . GLN A 1 149 ? 7.060   -9.901  -5.321  1.00 36.37 ? 143 GLN A C   1 
ATOM   1104 O  O   . GLN A 1 149 ? 7.122   -10.611 -4.332  1.00 36.59 ? 143 GLN A O   1 
ATOM   1105 C  CB  . GLN A 1 149 ? 8.535   -10.675 -7.162  1.00 35.10 ? 143 GLN A CB  1 
ATOM   1106 C  CG  . GLN A 1 149 ? 8.655   -11.550 -8.372  1.00 35.74 ? 143 GLN A CG  1 
ATOM   1107 C  CD  . GLN A 1 149 ? 10.052  -12.024 -8.569  1.00 36.57 ? 143 GLN A CD  1 
ATOM   1108 O  OE1 . GLN A 1 149 ? 10.502  -12.239 -9.699  1.00 38.87 ? 143 GLN A OE1 1 
ATOM   1109 N  NE2 . GLN A 1 149 ? 10.768  -12.187 -7.469  1.00 35.29 ? 143 GLN A NE2 1 
ATOM   1110 N  N   . MET A 1 150 ? 6.947   -8.588  -5.286  1.00 37.89 ? 144 MET A N   1 
ATOM   1111 C  CA  . MET A 1 150 ? 6.865   -7.786  -4.084  1.00 40.11 ? 144 MET A CA  1 
ATOM   1112 C  C   . MET A 1 150 ? 5.540   -7.969  -3.323  1.00 41.42 ? 144 MET A C   1 
ATOM   1113 O  O   . MET A 1 150 ? 5.468   -7.715  -2.114  1.00 41.74 ? 144 MET A O   1 
ATOM   1114 C  CB  . MET A 1 150 ? 6.939   -6.342  -4.536  1.00 39.96 ? 144 MET A CB  1 
ATOM   1115 C  CG  . MET A 1 150 ? 7.717   -5.434  -3.691  1.00 41.19 ? 144 MET A CG  1 
ATOM   1116 S  SD  . MET A 1 150 ? 7.361   -3.841  -4.405  1.00 45.15 ? 144 MET A SD  1 
ATOM   1117 C  CE  . MET A 1 150 ? 5.748   -3.558  -3.677  1.00 45.82 ? 144 MET A CE  1 
ATOM   1118 N  N   . MET A 1 151 ? 4.492   -8.359  -4.053  1.00 42.59 ? 145 MET A N   1 
ATOM   1119 C  CA  . MET A 1 151 ? 3.170   -8.596  -3.476  1.00 43.67 ? 145 MET A CA  1 
ATOM   1120 C  C   . MET A 1 151 ? 3.032   -10.023 -2.988  1.00 43.98 ? 145 MET A C   1 
ATOM   1121 O  O   . MET A 1 151 ? 1.944   -10.421 -2.589  1.00 44.88 ? 145 MET A O   1 
ATOM   1122 C  CB  . MET A 1 151 ? 2.056   -8.291  -4.488  1.00 43.63 ? 145 MET A CB  1 
ATOM   1123 C  CG  . MET A 1 151 ? 2.061   -6.857  -5.003  1.00 44.57 ? 145 MET A CG  1 
ATOM   1124 S  SD  . MET A 1 151 ? 2.440   -5.685  -3.686  1.00 46.92 ? 145 MET A SD  1 
ATOM   1125 C  CE  . MET A 1 151 ? 3.026   -4.297  -4.639  1.00 47.40 ? 145 MET A CE  1 
ATOM   1126 N  N   . SER B 2 1   ? 10.844  -0.619  4.469   1.00 41.95 ? 230 SER E N   1 
ATOM   1127 C  CA  . SER B 2 1   ? 9.560   0.061   4.165   1.00 42.11 ? 230 SER E CA  1 
ATOM   1128 C  C   . SER B 2 1   ? 8.504   -0.948  3.752   1.00 41.98 ? 230 SER E C   1 
ATOM   1129 O  O   . SER B 2 1   ? 8.807   -1.960  3.110   1.00 41.89 ? 230 SER E O   1 
ATOM   1130 C  CB  . SER B 2 1   ? 9.754   1.076   3.042   1.00 42.26 ? 230 SER E CB  1 
ATOM   1131 O  OG  . SER B 2 1   ? 8.527   1.689   2.678   1.00 43.43 ? 230 SER E OG  1 
ATOM   1132 N  N   . LYS B 2 2   ? 7.262   -0.670  4.130   1.00 41.69 ? 231 LYS E N   1 
ATOM   1133 C  CA  . LYS B 2 2   ? 6.142   -1.471  3.663   1.00 41.65 ? 231 LYS E CA  1 
ATOM   1134 C  C   . LYS B 2 2   ? 5.015   -0.631  3.046   1.00 41.28 ? 231 LYS E C   1 
ATOM   1135 O  O   . LYS B 2 2   ? 3.879   -1.095  2.924   1.00 41.36 ? 231 LYS E O   1 
ATOM   1136 C  CB  . LYS B 2 2   ? 5.634   -2.419  4.763   1.00 41.69 ? 231 LYS E CB  1 
ATOM   1137 C  CG  . LYS B 2 2   ? 5.989   -3.879  4.500   1.00 41.94 ? 231 LYS E CG  1 
ATOM   1138 C  CD  . LYS B 2 2   ? 7.172   -4.347  5.293   1.00 43.51 ? 231 LYS E CD  1 
ATOM   1139 C  CE  . LYS B 2 2   ? 7.997   -5.364  4.511   1.00 44.70 ? 231 LYS E CE  1 
ATOM   1140 N  NZ  . LYS B 2 2   ? 7.236   -6.611  4.228   1.00 45.01 ? 231 LYS E NZ  1 
ATOM   1141 N  N   . TYR B 2 3   ? 5.359   0.590   2.640   1.00 40.79 ? 232 TYR E N   1 
ATOM   1142 C  CA  . TYR B 2 3   ? 4.437   1.519   1.980   1.00 40.55 ? 232 TYR E CA  1 
ATOM   1143 C  C   . TYR B 2 3   ? 3.840   0.978   0.679   1.00 40.07 ? 232 TYR E C   1 
ATOM   1144 O  O   . TYR B 2 3   ? 2.622   0.891   0.541   1.00 40.10 ? 232 TYR E O   1 
ATOM   1145 C  CB  . TYR B 2 3   ? 5.155   2.834   1.673   1.00 40.67 ? 232 TYR E CB  1 
ATOM   1146 C  CG  . TYR B 2 3   ? 5.439   3.714   2.870   1.00 42.49 ? 232 TYR E CG  1 
ATOM   1147 C  CD1 . TYR B 2 3   ? 6.656   4.381   2.985   1.00 44.57 ? 232 TYR E CD1 1 
ATOM   1148 C  CD2 . TYR B 2 3   ? 4.488   3.898   3.882   1.00 43.26 ? 232 TYR E CD2 1 
ATOM   1149 C  CE1 . TYR B 2 3   ? 6.919   5.213   4.065   1.00 44.80 ? 232 TYR E CE1 1 
ATOM   1150 C  CE2 . TYR B 2 3   ? 4.746   4.721   4.964   1.00 43.91 ? 232 TYR E CE2 1 
ATOM   1151 C  CZ  . TYR B 2 3   ? 5.966   5.379   5.048   1.00 44.69 ? 232 TYR E CZ  1 
ATOM   1152 O  OH  . TYR B 2 3   ? 6.231   6.203   6.117   1.00 46.37 ? 232 TYR E OH  1 
ATOM   1153 N  N   . ILE B 2 4   ? 4.709   0.621   -0.265  1.00 39.34 ? 233 ILE E N   1 
ATOM   1154 C  CA  . ILE B 2 4   ? 4.297   0.156   -1.583  1.00 38.80 ? 233 ILE E CA  1 
ATOM   1155 C  C   . ILE B 2 4   ? 3.400   -1.083  -1.466  1.00 38.49 ? 233 ILE E C   1 
ATOM   1156 O  O   . ILE B 2 4   ? 2.332   -1.155  -2.092  1.00 37.51 ? 233 ILE E O   1 
ATOM   1157 C  CB  . ILE B 2 4   ? 5.530   -0.151  -2.491  1.00 38.88 ? 233 ILE E CB  1 
ATOM   1158 C  CG1 . ILE B 2 4   ? 6.434   1.082   -2.622  1.00 38.48 ? 233 ILE E CG1 1 
ATOM   1159 C  CG2 . ILE B 2 4   ? 5.081   -0.654  -3.873  1.00 38.53 ? 233 ILE E CG2 1 
ATOM   1160 C  CD1 . ILE B 2 4   ? 7.754   0.822   -3.354  1.00 39.08 ? 233 ILE E CD1 1 
ATOM   1161 N  N   . THR B 2 5   ? 3.843   -2.036  -0.642  1.00 38.17 ? 234 THR E N   1 
ATOM   1162 C  CA  . THR B 2 5   ? 3.100   -3.270  -0.399  1.00 38.05 ? 234 THR E CA  1 
ATOM   1163 C  C   . THR B 2 5   ? 1.723   -3.025  0.235   1.00 37.67 ? 234 THR E C   1 
ATOM   1164 O  O   . THR B 2 5   ? 0.746   -3.669  -0.156  1.00 37.21 ? 234 THR E O   1 
ATOM   1165 C  CB  . THR B 2 5   ? 3.935   -4.326  0.403   1.00 38.23 ? 234 THR E CB  1 
ATOM   1166 O  OG1 . THR B 2 5   ? 3.141   -5.494  0.640   1.00 39.70 ? 234 THR E OG1 1 
ATOM   1167 C  CG2 . THR B 2 5   ? 4.360   -3.798  1.731   1.00 38.20 ? 234 THR E CG2 1 
ATOM   1168 N  N   . THR B 2 6   ? 1.638   -2.093  1.187   1.00 37.50 ? 235 THR E N   1 
ATOM   1169 C  CA  . THR B 2 6   ? 0.341   -1.787  1.820   1.00 37.63 ? 235 THR E CA  1 
ATOM   1170 C  C   . THR B 2 6   ? -0.583  -0.974  0.906   1.00 37.06 ? 235 THR E C   1 
ATOM   1171 O  O   . THR B 2 6   ? -1.795  -1.189  0.901   1.00 36.68 ? 235 THR E O   1 
ATOM   1172 C  CB  . THR B 2 6   ? 0.495   -1.082  3.170   1.00 37.55 ? 235 THR E CB  1 
ATOM   1173 O  OG1 . THR B 2 6   ? 1.387   0.021   3.016   1.00 39.21 ? 235 THR E OG1 1 
ATOM   1174 C  CG2 . THR B 2 6   ? 1.069   -2.044  4.206   1.00 37.60 ? 235 THR E CG2 1 
ATOM   1175 N  N   . ILE B 2 7   ? -0.001  -0.057  0.135   1.00 36.72 ? 236 ILE E N   1 
ATOM   1176 C  CA  . ILE B 2 7   ? -0.743  0.678   -0.895  1.00 36.87 ? 236 ILE E CA  1 
ATOM   1177 C  C   . ILE B 2 7   ? -1.358  -0.296  -1.904  1.00 37.27 ? 236 ILE E C   1 
ATOM   1178 O  O   . ILE B 2 7   ? -2.570  -0.285  -2.123  1.00 36.97 ? 236 ILE E O   1 
ATOM   1179 C  CB  . ILE B 2 7   ? 0.138   1.751   -1.577  1.00 36.31 ? 236 ILE E CB  1 
ATOM   1180 C  CG1 . ILE B 2 7   ? 0.373   2.906   -0.606  1.00 36.41 ? 236 ILE E CG1 1 
ATOM   1181 C  CG2 . ILE B 2 7   ? -0.518  2.290   -2.826  1.00 35.99 ? 236 ILE E CG2 1 
ATOM   1182 C  CD1 . ILE B 2 7   ? 1.706   3.594   -0.787  1.00 35.08 ? 236 ILE E CD1 1 
ATOM   1183 N  N   . ALA B 2 8   ? -0.523  -1.155  -2.485  1.00 37.63 ? 237 ALA E N   1 
ATOM   1184 C  CA  . ALA B 2 8   ? -1.014  -2.240  -3.321  1.00 38.23 ? 237 ALA E CA  1 
ATOM   1185 C  C   . ALA B 2 8   ? -1.997  -3.181  -2.585  1.00 38.65 ? 237 ALA E C   1 
ATOM   1186 O  O   . ALA B 2 8   ? -2.997  -3.611  -3.169  1.00 38.19 ? 237 ALA E O   1 
ATOM   1187 C  CB  . ALA B 2 8   ? 0.140   -3.014  -3.896  1.00 38.22 ? 237 ALA E CB  1 
ATOM   1188 N  N   . GLY B 2 9   ? -1.706  -3.493  -1.318  1.00 39.51 ? 238 GLY E N   1 
ATOM   1189 C  CA  . GLY B 2 9   ? -2.575  -4.333  -0.476  1.00 40.44 ? 238 GLY E CA  1 
ATOM   1190 C  C   . GLY B 2 9   ? -3.972  -3.752  -0.346  1.00 41.52 ? 238 GLY E C   1 
ATOM   1191 O  O   . GLY B 2 9   ? -4.964  -4.442  -0.550  1.00 41.13 ? 238 GLY E O   1 
ATOM   1192 N  N   . VAL B 2 10  ? -4.033  -2.467  -0.026  1.00 42.99 ? 239 VAL E N   1 
ATOM   1193 C  CA  . VAL B 2 10  ? -5.290  -1.716  0.059   1.00 44.91 ? 239 VAL E CA  1 
ATOM   1194 C  C   . VAL B 2 10  ? -6.051  -1.617  -1.288  1.00 46.01 ? 239 VAL E C   1 
ATOM   1195 O  O   . VAL B 2 10  ? -7.264  -1.824  -1.331  1.00 46.04 ? 239 VAL E O   1 
ATOM   1196 C  CB  . VAL B 2 10  ? -5.044  -0.336  0.727   1.00 44.62 ? 239 VAL E CB  1 
ATOM   1197 C  CG1 . VAL B 2 10  ? -6.145  0.644   0.419   1.00 45.33 ? 239 VAL E CG1 1 
ATOM   1198 C  CG2 . VAL B 2 10  ? -4.889  -0.526  2.234   1.00 45.13 ? 239 VAL E CG2 1 
ATOM   1199 N  N   . MET B 2 11  ? -5.334  -1.316  -2.371  1.00 47.68 ? 240 MET E N   1 
ATOM   1200 C  CA  . MET B 2 11  ? -5.883  -1.369  -3.735  1.00 49.56 ? 240 MET E CA  1 
ATOM   1201 C  C   . MET B 2 11  ? -6.647  -2.664  -3.972  1.00 50.32 ? 240 MET E C   1 
ATOM   1202 O  O   . MET B 2 11  ? -7.745  -2.664  -4.531  1.00 50.80 ? 240 MET E O   1 
ATOM   1203 C  CB  . MET B 2 11  ? -4.756  -1.329  -4.771  1.00 49.99 ? 240 MET E CB  1 
ATOM   1204 C  CG  . MET B 2 11  ? -3.799  -0.165  -4.675  1.00 51.52 ? 240 MET E CG  1 
ATOM   1205 S  SD  . MET B 2 11  ? -4.494  1.311   -5.374  1.00 55.64 ? 240 MET E SD  1 
ATOM   1206 C  CE  . MET B 2 11  ? -5.110  0.693   -6.945  1.00 55.45 ? 240 MET E CE  1 
ATOM   1207 N  N   . THR B 2 12  ? -6.032  -3.764  -3.548  1.00 51.29 ? 241 THR E N   1 
ATOM   1208 C  CA  . THR B 2 12  ? -6.574  -5.115  -3.673  1.00 52.25 ? 241 THR E CA  1 
ATOM   1209 C  C   . THR B 2 12  ? -7.913  -5.363  -2.949  1.00 52.63 ? 241 THR E C   1 
ATOM   1210 O  O   . THR B 2 12  ? -8.696  -6.223  -3.368  1.00 52.84 ? 241 THR E O   1 
ATOM   1211 C  CB  . THR B 2 12  ? -5.513  -6.141  -3.231  1.00 52.27 ? 241 THR E CB  1 
ATOM   1212 O  OG1 . THR B 2 12  ? -4.621  -6.380  -4.329  1.00 52.92 ? 241 THR E OG1 1 
ATOM   1213 C  CG2 . THR B 2 12  ? -6.152  -7.441  -2.789  1.00 52.20 ? 241 THR E CG2 1 
ATOM   1214 N  N   . LEU B 2 13  ? -8.172  -4.614  -1.881  1.00 53.16 ? 242 LEU E N   1 
ATOM   1215 C  CA  . LEU B 2 13  ? -9.462  -4.680  -1.181  1.00 53.95 ? 242 LEU E CA  1 
ATOM   1216 C  C   . LEU B 2 13  ? -10.647 -4.265  -2.068  1.00 54.46 ? 242 LEU E C   1 
ATOM   1217 O  O   . LEU B 2 13  ? -11.780 -4.699  -1.830  1.00 54.63 ? 242 LEU E O   1 
ATOM   1218 C  CB  . LEU B 2 13  ? -9.429  -3.829  0.101   1.00 53.74 ? 242 LEU E CB  1 
ATOM   1219 C  CG  . LEU B 2 13  ? -9.129  -4.442  1.477   1.00 53.55 ? 242 LEU E CG  1 
ATOM   1220 C  CD1 . LEU B 2 13  ? -8.245  -5.688  1.441   1.00 52.60 ? 242 LEU E CD1 1 
ATOM   1221 C  CD2 . LEU B 2 13  ? -8.530  -3.366  2.381   1.00 53.88 ? 242 LEU E CD2 1 
ATOM   1222 N  N   . SER B 2 14  ? -10.368 -3.443  -3.085  1.00 55.02 ? 243 SER E N   1 
ATOM   1223 C  CA  . SER B 2 14  ? -11.384 -2.923  -4.009  1.00 55.63 ? 243 SER E CA  1 
ATOM   1224 C  C   . SER B 2 14  ? -11.826 -3.970  -5.030  1.00 55.74 ? 243 SER E C   1 
ATOM   1225 O  O   . SER B 2 14  ? -12.601 -4.878  -4.711  1.00 55.80 ? 243 SER E O   1 
ATOM   1226 C  CB  . SER B 2 14  ? -10.856 -1.687  -4.746  1.00 55.86 ? 243 SER E CB  1 
ATOM   1227 O  OG  . SER B 2 14  ? -10.038 -0.881  -3.907  1.00 56.80 ? 243 SER E OG  1 
HETATM 1228 CA CA  . CA  C 3 .   ? -8.393  7.498   12.085  1.00 32.75 ? 601 CA  A CA  1 
HETATM 1229 CA CA  . CA  D 3 .   ? -12.459 -3.437  13.508  1.00 34.44 ? 602 CA  A CA  1 
HETATM 1230 CA CA  . CA  E 3 .   ? 7.449   5.438   -15.028 1.00 24.73 ? 603 CA  A CA  1 
HETATM 1231 CA CA  . CA  F 3 .   ? 14.667  -3.005  -11.455 1.00 22.31 ? 604 CA  A CA  1 
HETATM 1232 O  O   . HOH G 4 .   ? 13.729  -3.062  -13.805 1.00 17.32 ? 605 HOH A O   1 
HETATM 1233 O  O   . HOH G 4 .   ? 10.558  -7.194  -5.925  1.00 21.85 ? 606 HOH A O   1 
HETATM 1234 O  O   . HOH G 4 .   ? -10.542 8.474   12.346  1.00 37.77 ? 607 HOH A O   1 
HETATM 1235 O  O   . HOH G 4 .   ? -4.839  0.405   16.219  1.00 31.06 ? 608 HOH A O   1 
HETATM 1236 O  O   . HOH G 4 .   ? -8.128  12.233  -1.571  1.00 16.32 ? 609 HOH A O   1 
HETATM 1237 O  O   . HOH G 4 .   ? -5.359  -12.217 13.308  1.00 23.88 ? 610 HOH A O   1 
HETATM 1238 O  O   . HOH G 4 .   ? 9.923   -1.050  -0.734  1.00 38.38 ? 611 HOH A O   1 
HETATM 1239 O  O   . HOH G 4 .   ? -12.170 9.315   9.885   1.00 26.15 ? 612 HOH A O   1 
HETATM 1240 O  O   . HOH G 4 .   ? 15.976  -2.815  -16.963 1.00 21.97 ? 613 HOH A O   1 
HETATM 1241 O  O   . HOH G 4 .   ? -4.167  10.542  1.047   1.00 32.44 ? 614 HOH A O   1 
HETATM 1242 O  O   . HOH G 4 .   ? 3.705   -1.000  -18.459 1.00 20.47 ? 615 HOH A O   1 
HETATM 1243 O  O   . HOH G 4 .   ? -2.547  1.477   16.455  1.00 35.86 ? 616 HOH A O   1 
HETATM 1244 O  O   . HOH G 4 .   ? 9.165   7.067   -15.182 1.00 25.63 ? 617 HOH A O   1 
HETATM 1245 O  O   . HOH G 4 .   ? -7.974  -8.150  9.134   1.00 40.63 ? 618 HOH A O   1 
HETATM 1246 O  O   . HOH G 4 .   ? -14.243 8.178   -3.927  1.00 24.91 ? 619 HOH A O   1 
HETATM 1247 O  O   . HOH G 4 .   ? 11.500  6.059   -15.882 1.00 22.12 ? 620 HOH A O   1 
HETATM 1248 O  O   . HOH G 4 .   ? 5.038   -3.238  -17.705 1.00 25.31 ? 621 HOH A O   1 
HETATM 1249 O  O   . HOH G 4 .   ? 7.413   -3.188  -16.634 1.00 23.71 ? 622 HOH A O   1 
HETATM 1250 O  O   . HOH G 4 .   ? 13.573  -1.475  -21.040 1.00 32.61 ? 623 HOH A O   1 
HETATM 1251 O  O   . HOH G 4 .   ? 5.325   -6.065  -18.476 1.00 40.03 ? 624 HOH A O   1 
HETATM 1252 O  O   . HOH G 4 .   ? -15.595 3.567   9.203   1.00 24.25 ? 625 HOH A O   1 
HETATM 1253 O  O   . HOH G 4 .   ? 15.786  1.068   -16.233 0.50 26.75 ? 626 HOH A O   1 
HETATM 1254 O  O   . HOH G 4 .   ? -7.976  -11.171 13.430  0.50 35.39 ? 627 HOH A O   1 
HETATM 1255 O  O   . HOH G 4 .   ? 11.109  -8.346  -3.811  1.00 33.44 ? 628 HOH A O   1 
HETATM 1256 O  O   . HOH G 4 .   ? 14.741  5.753   -10.011 1.00 32.51 ? 629 HOH A O   1 
HETATM 1257 O  O   . HOH G 4 .   ? 10.745  -8.681  20.670  1.00 42.68 ? 630 HOH A O   1 
HETATM 1258 O  O   . HOH G 4 .   ? -16.830 5.197   10.817  1.00 33.25 ? 631 HOH A O   1 
HETATM 1259 O  O   . HOH G 4 .   ? 8.553   -6.811  -15.851 1.00 32.54 ? 632 HOH A O   1 
HETATM 1260 O  O   . HOH G 4 .   ? -12.360 11.707  -7.394  1.00 29.11 ? 633 HOH A O   1 
HETATM 1261 O  O   . HOH G 4 .   ? 10.015  9.157   -13.790 1.00 30.52 ? 634 HOH A O   1 
HETATM 1262 O  O   . HOH G 4 .   ? 13.192  13.371  -1.926  1.00 64.58 ? 635 HOH A O   1 
HETATM 1263 O  O   . HOH G 4 .   ? 2.314   1.150   -16.605 1.00 29.14 ? 636 HOH A O   1 
HETATM 1264 O  O   . HOH G 4 .   ? -16.424 6.882   8.417   1.00 35.31 ? 637 HOH A O   1 
HETATM 1265 O  O   . HOH G 4 .   ? -9.788  -7.765  15.226  1.00 33.61 ? 638 HOH A O   1 
HETATM 1266 O  O   . HOH G 4 .   ? 9.745   -3.948  -1.881  1.00 54.98 ? 639 HOH A O   1 
HETATM 1267 O  O   . HOH G 4 .   ? 1.790   2.758   -20.782 1.00 25.88 ? 640 HOH A O   1 
HETATM 1268 O  O   . HOH G 4 .   ? 13.870  9.615   -10.690 1.00 37.25 ? 641 HOH A O   1 
HETATM 1269 O  O   . HOH G 4 .   ? -9.196  11.646  9.553   1.00 39.29 ? 642 HOH A O   1 
HETATM 1270 O  O   . HOH G 4 .   ? -17.565 8.283   -3.837  1.00 39.83 ? 643 HOH A O   1 
HETATM 1271 O  O   . HOH G 4 .   ? 14.615  -7.186  -15.862 1.00 22.24 ? 644 HOH A O   1 
HETATM 1272 O  O   . HOH G 4 .   ? -11.600 -3.357  15.672  1.00 32.75 ? 645 HOH A O   1 
HETATM 1273 O  O   . HOH G 4 .   ? 4.683   -12.482 -2.621  1.00 45.19 ? 646 HOH A O   1 
HETATM 1274 O  O   . HOH H 4 .   ? 7.890   0.230   0.412   1.00 33.60 ? 7   HOH E O   1 
HETATM 1275 O  O   . HOH H 4 .   ? 6.786   -2.241  0.222   1.00 30.30 ? 12  HOH E O   1 
# 
loop_
_pdbx_poly_seq_scheme.asym_id 
_pdbx_poly_seq_scheme.entity_id 
_pdbx_poly_seq_scheme.seq_id 
_pdbx_poly_seq_scheme.mon_id 
_pdbx_poly_seq_scheme.ndb_seq_num 
_pdbx_poly_seq_scheme.pdb_seq_num 
_pdbx_poly_seq_scheme.auth_seq_num 
_pdbx_poly_seq_scheme.pdb_mon_id 
_pdbx_poly_seq_scheme.auth_mon_id 
_pdbx_poly_seq_scheme.pdb_strand_id 
_pdbx_poly_seq_scheme.pdb_ins_code 
_pdbx_poly_seq_scheme.hetero 
A 1 1   HIS 1   -5  ?   ?   ?   A . n 
A 1 2   HIS 2   -4  ?   ?   ?   A . n 
A 1 3   HIS 3   -3  ?   ?   ?   A . n 
A 1 4   HIS 4   -2  ?   ?   ?   A . n 
A 1 5   HIS 5   -1  ?   ?   ?   A . n 
A 1 6   HIS 6   0   ?   ?   ?   A . n 
A 1 7   ALA 7   1   1   ALA ALA A . n 
A 1 8   ASP 8   2   2   ASP ASP A . n 
A 1 9   GLN 9   3   3   GLN GLN A . n 
A 1 10  LEU 10  4   4   LEU LEU A . n 
A 1 11  THR 11  5   5   THR THR A . n 
A 1 12  GLU 12  6   6   GLU GLU A . n 
A 1 13  GLU 13  7   7   GLU GLU A . n 
A 1 14  GLN 14  8   8   GLN GLN A . n 
A 1 15  ILE 15  9   9   ILE ILE A . n 
A 1 16  ALA 16  10  10  ALA ALA A . n 
A 1 17  GLU 17  11  11  GLU GLU A . n 
A 1 18  PHE 18  12  12  PHE PHE A . n 
A 1 19  LYS 19  13  13  LYS LYS A . n 
A 1 20  GLU 20  14  14  GLU GLU A . n 
A 1 21  ALA 21  15  15  ALA ALA A . n 
A 1 22  PHE 22  16  16  PHE PHE A . n 
A 1 23  SER 23  17  17  SER SER A . n 
A 1 24  LEU 24  18  18  LEU LEU A . n 
A 1 25  PHE 25  19  19  PHE PHE A . n 
A 1 26  ASP 26  20  20  ASP ASP A . n 
A 1 27  LYS 27  21  21  LYS LYS A . n 
A 1 28  ASP 28  22  22  ASP ASP A . n 
A 1 29  GLY 29  23  23  GLY GLY A . n 
A 1 30  ASP 30  24  24  ASP ASP A . n 
A 1 31  GLY 31  25  25  GLY GLY A . n 
A 1 32  THR 32  26  26  THR THR A . n 
A 1 33  ILE 33  27  27  ILE ILE A . n 
A 1 34  THR 34  28  28  THR THR A . n 
A 1 35  THR 35  29  29  THR THR A . n 
A 1 36  LYS 36  30  30  LYS LYS A . n 
A 1 37  GLU 37  31  31  GLU GLU A . n 
A 1 38  LEU 38  32  32  LEU LEU A . n 
A 1 39  GLY 39  33  33  GLY GLY A . n 
A 1 40  THR 40  34  34  THR THR A . n 
A 1 41  VAL 41  35  35  VAL VAL A . n 
A 1 42  MET 42  36  36  MET MET A . n 
A 1 43  ARG 43  37  37  ARG ARG A . n 
A 1 44  SER 44  38  38  SER SER A . n 
A 1 45  LEU 45  39  39  LEU LEU A . n 
A 1 46  GLY 46  40  40  GLY GLY A . n 
A 1 47  GLN 47  41  41  GLN GLN A . n 
A 1 48  ASN 48  42  42  ASN ASN A . n 
A 1 49  PRO 49  43  43  PRO PRO A . n 
A 1 50  THR 50  44  44  THR THR A . n 
A 1 51  GLU 51  45  45  GLU GLU A . n 
A 1 52  ALA 52  46  46  ALA ALA A . n 
A 1 53  GLU 53  47  47  GLU GLU A . n 
A 1 54  LEU 54  48  48  LEU LEU A . n 
A 1 55  GLN 55  49  49  GLN GLN A . n 
A 1 56  ASP 56  50  50  ASP ASP A . n 
A 1 57  MET 57  51  51  MET MET A . n 
A 1 58  ILE 58  52  52  ILE ILE A . n 
A 1 59  ASN 59  53  53  ASN ASN A . n 
A 1 60  GLU 60  54  54  GLU GLU A . n 
A 1 61  VAL 61  55  55  VAL VAL A . n 
A 1 62  ASP 62  56  56  ASP ASP A . n 
A 1 63  ALA 63  57  57  ALA ALA A . n 
A 1 64  ASP 64  58  58  ASP ASP A . n 
A 1 65  GLY 65  59  59  GLY GLY A . n 
A 1 66  ASN 66  60  60  ASN ASN A . n 
A 1 67  GLY 67  61  61  GLY GLY A . n 
A 1 68  THR 68  62  62  THR THR A . n 
A 1 69  ILE 69  63  63  ILE ILE A . n 
A 1 70  ASP 70  64  64  ASP ASP A . n 
A 1 71  PHE 71  65  65  PHE PHE A . n 
A 1 72  PRO 72  66  66  PRO PRO A . n 
A 1 73  GLU 73  67  67  GLU GLU A . n 
A 1 74  PHE 74  68  68  PHE PHE A . n 
A 1 75  LEU 75  69  69  LEU LEU A . n 
A 1 76  THR 76  70  70  THR THR A . n 
A 1 77  MET 77  71  71  MET MET A . n 
A 1 78  MET 78  72  72  MET MET A . n 
A 1 79  ALA 79  73  73  ALA ALA A . n 
A 1 80  ARG 80  74  74  ARG ARG A . n 
A 1 81  LYS 81  75  75  LYS LYS A . n 
A 1 82  MET 82  76  76  MET MET A . n 
A 1 83  LYS 83  77  77  LYS LYS A . n 
A 1 84  ASP 84  78  78  ASP ASP A . n 
A 1 85  THR 85  79  79  THR THR A . n 
A 1 86  ASP 86  80  80  ASP ASP A . n 
A 1 87  SER 87  81  81  SER SER A . n 
A 1 88  GLU 88  82  82  GLU GLU A . n 
A 1 89  GLU 89  83  83  GLU GLU A . n 
A 1 90  GLU 90  84  84  GLU GLU A . n 
A 1 91  ILE 91  85  85  ILE ILE A . n 
A 1 92  ARG 92  86  86  ARG ARG A . n 
A 1 93  GLU 93  87  87  GLU GLU A . n 
A 1 94  ALA 94  88  88  ALA ALA A . n 
A 1 95  PHE 95  89  89  PHE PHE A . n 
A 1 96  ARG 96  90  90  ARG ARG A . n 
A 1 97  VAL 97  91  91  VAL VAL A . n 
A 1 98  PHE 98  92  92  PHE PHE A . n 
A 1 99  ASP 99  93  93  ASP ASP A . n 
A 1 100 LYS 100 94  94  LYS LYS A . n 
A 1 101 ASP 101 95  95  ASP ASP A . n 
A 1 102 GLY 102 96  96  GLY GLY A . n 
A 1 103 ASN 103 97  97  ASN ASN A . n 
A 1 104 GLY 104 98  98  GLY GLY A . n 
A 1 105 TYR 105 99  99  TYR TYR A . n 
A 1 106 ILE 106 100 100 ILE ILE A . n 
A 1 107 SER 107 101 101 SER SER A . n 
A 1 108 ALA 108 102 102 ALA ALA A . n 
A 1 109 ALA 109 103 103 ALA ALA A . n 
A 1 110 GLU 110 104 104 GLU GLU A . n 
A 1 111 LEU 111 105 105 LEU LEU A . n 
A 1 112 ARG 112 106 106 ARG ARG A . n 
A 1 113 HIS 113 107 107 HIS HIS A . n 
A 1 114 VAL 114 108 108 VAL VAL A . n 
A 1 115 MET 115 109 109 MET MET A . n 
A 1 116 THR 116 110 110 THR THR A . n 
A 1 117 ASN 117 111 111 ASN ASN A . n 
A 1 118 LEU 118 112 112 LEU LEU A . n 
A 1 119 GLY 119 113 113 GLY GLY A . n 
A 1 120 GLU 120 114 114 GLU GLU A . n 
A 1 121 LYS 121 115 115 LYS LYS A . n 
A 1 122 LEU 122 116 116 LEU LEU A . n 
A 1 123 THR 123 117 117 THR THR A . n 
A 1 124 ASP 124 118 118 ASP ASP A . n 
A 1 125 GLU 125 119 119 GLU GLU A . n 
A 1 126 GLU 126 120 120 GLU GLU A . n 
A 1 127 VAL 127 121 121 VAL VAL A . n 
A 1 128 ASP 128 122 122 ASP ASP A . n 
A 1 129 GLU 129 123 123 GLU GLU A . n 
A 1 130 MET 130 124 124 MET MET A . n 
A 1 131 ILE 131 125 125 ILE ILE A . n 
A 1 132 ARG 132 126 126 ARG ARG A . n 
A 1 133 GLU 133 127 127 GLU GLU A . n 
A 1 134 ALA 134 128 128 ALA ALA A . n 
A 1 135 ASP 135 129 129 ASP ASP A . n 
A 1 136 ILE 136 130 130 ILE ILE A . n 
A 1 137 ASP 137 131 131 ASP ASP A . n 
A 1 138 GLY 138 132 132 GLY GLY A . n 
A 1 139 ASP 139 133 133 ASP ASP A . n 
A 1 140 GLY 140 134 134 GLY GLY A . n 
A 1 141 GLN 141 135 135 GLN GLN A . n 
A 1 142 VAL 142 136 136 VAL VAL A . n 
A 1 143 ASN 143 137 137 ASN ASN A . n 
A 1 144 TYR 144 138 138 TYR TYR A . n 
A 1 145 GLU 145 139 139 GLU GLU A . n 
A 1 146 GLU 146 140 140 GLU GLU A . n 
A 1 147 PHE 147 141 141 PHE PHE A . n 
A 1 148 VAL 148 142 142 VAL VAL A . n 
A 1 149 GLN 149 143 143 GLN GLN A . n 
A 1 150 MET 150 144 144 MET MET A . n 
A 1 151 MET 151 145 145 MET MET A . n 
A 1 152 THR 152 146 ?   ?   ?   A . n 
A 1 153 ALA 153 147 ?   ?   ?   A . n 
A 1 154 LYS 154 148 ?   ?   ?   A . n 
B 2 1   SER 1   230 230 SER SER E . n 
B 2 2   LYS 2   231 231 LYS LYS E . n 
B 2 3   TYR 3   232 232 TYR TYR E . n 
B 2 4   ILE 4   233 233 ILE ILE E . n 
B 2 5   THR 5   234 234 THR THR E . n 
B 2 6   THR 6   235 235 THR THR E . n 
B 2 7   ILE 7   236 236 ILE ILE E . n 
B 2 8   ALA 8   237 237 ALA ALA E . n 
B 2 9   GLY 9   238 238 GLY GLY E . n 
B 2 10  VAL 10  239 239 VAL VAL E . n 
B 2 11  MET 11  240 240 MET MET E . n 
B 2 12  THR 12  241 241 THR THR E . n 
B 2 13  LEU 13  242 242 LEU LEU E . n 
B 2 14  SER 14  243 243 SER SER E . n 
B 2 15  GLN 15  244 ?   ?   ?   E . n 
B 2 16  VAL 16  245 ?   ?   ?   E . n 
B 2 17  LYS 17  246 ?   ?   ?   E . n 
B 2 18  GLY 18  247 ?   ?   ?   E . n 
B 2 19  PHE 19  248 ?   ?   ?   E . n 
B 2 20  VAL 20  249 ?   ?   ?   E . n 
B 2 21  ARG 21  250 ?   ?   ?   E . n 
B 2 22  LYS 22  251 ?   ?   ?   E . n 
B 2 23  ASN 23  252 ?   ?   ?   E . n 
B 2 24  GLY 24  253 ?   ?   ?   E . n 
B 2 25  VAL 25  254 ?   ?   ?   E . n 
# 
loop_
_pdbx_nonpoly_scheme.asym_id 
_pdbx_nonpoly_scheme.entity_id 
_pdbx_nonpoly_scheme.mon_id 
_pdbx_nonpoly_scheme.ndb_seq_num 
_pdbx_nonpoly_scheme.pdb_seq_num 
_pdbx_nonpoly_scheme.auth_seq_num 
_pdbx_nonpoly_scheme.pdb_mon_id 
_pdbx_nonpoly_scheme.auth_mon_id 
_pdbx_nonpoly_scheme.pdb_strand_id 
_pdbx_nonpoly_scheme.pdb_ins_code 
C 3 CA  1  601 601 CA  CA  A . 
D 3 CA  1  602 602 CA  CA  A . 
E 3 CA  1  603 603 CA  CA  A . 
F 3 CA  1  604 604 CA  CA  A . 
G 4 HOH 1  605 1   HOH HOH A . 
G 4 HOH 2  606 2   HOH HOH A . 
G 4 HOH 3  607 3   HOH HOH A . 
G 4 HOH 4  608 4   HOH HOH A . 
G 4 HOH 5  609 5   HOH HOH A . 
G 4 HOH 6  610 6   HOH HOH A . 
G 4 HOH 7  611 8   HOH HOH A . 
G 4 HOH 8  612 9   HOH HOH A . 
G 4 HOH 9  613 10  HOH HOH A . 
G 4 HOH 10 614 11  HOH HOH A . 
G 4 HOH 11 615 13  HOH HOH A . 
G 4 HOH 12 616 14  HOH HOH A . 
G 4 HOH 13 617 15  HOH HOH A . 
G 4 HOH 14 618 16  HOH HOH A . 
G 4 HOH 15 619 17  HOH HOH A . 
G 4 HOH 16 620 18  HOH HOH A . 
G 4 HOH 17 621 19  HOH HOH A . 
G 4 HOH 18 622 20  HOH HOH A . 
G 4 HOH 19 623 21  HOH HOH A . 
G 4 HOH 20 624 22  HOH HOH A . 
G 4 HOH 21 625 23  HOH HOH A . 
G 4 HOH 22 626 24  HOH HOH A . 
G 4 HOH 23 627 25  HOH HOH A . 
G 4 HOH 24 628 26  HOH HOH A . 
G 4 HOH 25 629 27  HOH HOH A . 
G 4 HOH 26 630 28  HOH HOH A . 
G 4 HOH 27 631 29  HOH HOH A . 
G 4 HOH 28 632 30  HOH HOH A . 
G 4 HOH 29 633 31  HOH HOH A . 
G 4 HOH 30 634 32  HOH HOH A . 
G 4 HOH 31 635 33  HOH HOH A . 
G 4 HOH 32 636 34  HOH HOH A . 
G 4 HOH 33 637 35  HOH HOH A . 
G 4 HOH 34 638 36  HOH HOH A . 
G 4 HOH 35 639 37  HOH HOH A . 
G 4 HOH 36 640 38  HOH HOH A . 
G 4 HOH 37 641 39  HOH HOH A . 
G 4 HOH 38 642 40  HOH HOH A . 
G 4 HOH 39 643 41  HOH HOH A . 
G 4 HOH 40 644 42  HOH HOH A . 
G 4 HOH 41 645 43  HOH HOH A . 
G 4 HOH 42 646 44  HOH HOH A . 
H 4 HOH 1  7   7   HOH HOH E . 
H 4 HOH 2  12  12  HOH HOH E . 
# 
_pdbx_struct_assembly.id                   1 
_pdbx_struct_assembly.details              author_and_software_defined_assembly 
_pdbx_struct_assembly.method_details       PISA 
_pdbx_struct_assembly.oligomeric_details   dimeric 
_pdbx_struct_assembly.oligomeric_count     2 
# 
_pdbx_struct_assembly_gen.assembly_id       1 
_pdbx_struct_assembly_gen.oper_expression   1 
_pdbx_struct_assembly_gen.asym_id_list      A,B,C,D,E,F,G,H 
# 
loop_
_pdbx_struct_assembly_prop.biol_id 
_pdbx_struct_assembly_prop.type 
_pdbx_struct_assembly_prop.value 
_pdbx_struct_assembly_prop.details 
1 'ABSA (A^2)' 2620 ? 
1 MORE         -78  ? 
1 'SSA (A^2)'  8310 ? 
# 
_pdbx_struct_oper_list.id                   1 
_pdbx_struct_oper_list.type                 'identity operation' 
_pdbx_struct_oper_list.name                 1_555 
_pdbx_struct_oper_list.symmetry_operation   x,y,z 
_pdbx_struct_oper_list.matrix[1][1]         1.0000000000 
_pdbx_struct_oper_list.matrix[1][2]         0.0000000000 
_pdbx_struct_oper_list.matrix[1][3]         0.0000000000 
_pdbx_struct_oper_list.vector[1]            0.0000000000 
_pdbx_struct_oper_list.matrix[2][1]         0.0000000000 
_pdbx_struct_oper_list.matrix[2][2]         1.0000000000 
_pdbx_struct_oper_list.matrix[2][3]         0.0000000000 
_pdbx_struct_oper_list.vector[2]            0.0000000000 
_pdbx_struct_oper_list.matrix[3][1]         0.0000000000 
_pdbx_struct_oper_list.matrix[3][2]         0.0000000000 
_pdbx_struct_oper_list.matrix[3][3]         1.0000000000 
_pdbx_struct_oper_list.vector[3]            0.0000000000 
# 
loop_
_pdbx_struct_special_symmetry.id 
_pdbx_struct_special_symmetry.PDB_model_num 
_pdbx_struct_special_symmetry.auth_asym_id 
_pdbx_struct_special_symmetry.auth_comp_id 
_pdbx_struct_special_symmetry.auth_seq_id 
_pdbx_struct_special_symmetry.PDB_ins_code 
_pdbx_struct_special_symmetry.label_asym_id 
_pdbx_struct_special_symmetry.label_comp_id 
_pdbx_struct_special_symmetry.label_seq_id 
1 1 A HOH 626 ? G HOH . 
2 1 A HOH 627 ? G HOH . 
# 
loop_
_pdbx_struct_conn_angle.id 
_pdbx_struct_conn_angle.ptnr1_label_atom_id 
_pdbx_struct_conn_angle.ptnr1_label_alt_id 
_pdbx_struct_conn_angle.ptnr1_label_asym_id 
_pdbx_struct_conn_angle.ptnr1_label_comp_id 
_pdbx_struct_conn_angle.ptnr1_label_seq_id 
_pdbx_struct_conn_angle.ptnr1_auth_atom_id 
_pdbx_struct_conn_angle.ptnr1_auth_asym_id 
_pdbx_struct_conn_angle.ptnr1_auth_comp_id 
_pdbx_struct_conn_angle.ptnr1_auth_seq_id 
_pdbx_struct_conn_angle.ptnr1_PDB_ins_code 
_pdbx_struct_conn_angle.ptnr1_symmetry 
_pdbx_struct_conn_angle.ptnr2_label_atom_id 
_pdbx_struct_conn_angle.ptnr2_label_alt_id 
_pdbx_struct_conn_angle.ptnr2_label_asym_id 
_pdbx_struct_conn_angle.ptnr2_label_comp_id 
_pdbx_struct_conn_angle.ptnr2_label_seq_id 
_pdbx_struct_conn_angle.ptnr2_auth_atom_id 
_pdbx_struct_conn_angle.ptnr2_auth_asym_id 
_pdbx_struct_conn_angle.ptnr2_auth_comp_id 
_pdbx_struct_conn_angle.ptnr2_auth_seq_id 
_pdbx_struct_conn_angle.ptnr2_PDB_ins_code 
_pdbx_struct_conn_angle.ptnr2_symmetry 
_pdbx_struct_conn_angle.ptnr3_label_atom_id 
_pdbx_struct_conn_angle.ptnr3_label_alt_id 
_pdbx_struct_conn_angle.ptnr3_label_asym_id 
_pdbx_struct_conn_angle.ptnr3_label_comp_id 
_pdbx_struct_conn_angle.ptnr3_label_seq_id 
_pdbx_struct_conn_angle.ptnr3_auth_atom_id 
_pdbx_struct_conn_angle.ptnr3_auth_asym_id 
_pdbx_struct_conn_angle.ptnr3_auth_comp_id 
_pdbx_struct_conn_angle.ptnr3_auth_seq_id 
_pdbx_struct_conn_angle.ptnr3_PDB_ins_code 
_pdbx_struct_conn_angle.ptnr3_symmetry 
_pdbx_struct_conn_angle.value 
_pdbx_struct_conn_angle.value_esd 
1  OD1 ? A ASP 26  ? A ASP 20  ? 1_555 CA ? C CA . ? A CA 601 ? 1_555 OD1 ? A ASP 28  ? A ASP 22  ? 1_555 83.1  ? 
2  OD1 ? A ASP 26  ? A ASP 20  ? 1_555 CA ? C CA . ? A CA 601 ? 1_555 OD1 ? A ASP 30  ? A ASP 24  ? 1_555 85.4  ? 
3  OD1 ? A ASP 28  ? A ASP 22  ? 1_555 CA ? C CA . ? A CA 601 ? 1_555 OD1 ? A ASP 30  ? A ASP 24  ? 1_555 83.7  ? 
4  OD1 ? A ASP 26  ? A ASP 20  ? 1_555 CA ? C CA . ? A CA 601 ? 1_555 O   ? A THR 32  ? A THR 26  ? 1_555 81.7  ? 
5  OD1 ? A ASP 28  ? A ASP 22  ? 1_555 CA ? C CA . ? A CA 601 ? 1_555 O   ? A THR 32  ? A THR 26  ? 1_555 158.5 ? 
6  OD1 ? A ASP 30  ? A ASP 24  ? 1_555 CA ? C CA . ? A CA 601 ? 1_555 O   ? A THR 32  ? A THR 26  ? 1_555 80.0  ? 
7  OD1 ? A ASP 26  ? A ASP 20  ? 1_555 CA ? C CA . ? A CA 601 ? 1_555 OE1 ? A GLU 37  ? A GLU 31  ? 1_555 107.6 ? 
8  OD1 ? A ASP 28  ? A ASP 22  ? 1_555 CA ? C CA . ? A CA 601 ? 1_555 OE1 ? A GLU 37  ? A GLU 31  ? 1_555 126.0 ? 
9  OD1 ? A ASP 30  ? A ASP 24  ? 1_555 CA ? C CA . ? A CA 601 ? 1_555 OE1 ? A GLU 37  ? A GLU 31  ? 1_555 148.1 ? 
10 O   ? A THR 32  ? A THR 26  ? 1_555 CA ? C CA . ? A CA 601 ? 1_555 OE1 ? A GLU 37  ? A GLU 31  ? 1_555 73.4  ? 
11 OD1 ? A ASP 26  ? A ASP 20  ? 1_555 CA ? C CA . ? A CA 601 ? 1_555 OE2 ? A GLU 37  ? A GLU 31  ? 1_555 99.8  ? 
12 OD1 ? A ASP 28  ? A ASP 22  ? 1_555 CA ? C CA . ? A CA 601 ? 1_555 OE2 ? A GLU 37  ? A GLU 31  ? 1_555 76.4  ? 
13 OD1 ? A ASP 30  ? A ASP 24  ? 1_555 CA ? C CA . ? A CA 601 ? 1_555 OE2 ? A GLU 37  ? A GLU 31  ? 1_555 158.6 ? 
14 O   ? A THR 32  ? A THR 26  ? 1_555 CA ? C CA . ? A CA 601 ? 1_555 OE2 ? A GLU 37  ? A GLU 31  ? 1_555 121.2 ? 
15 OE1 ? A GLU 37  ? A GLU 31  ? 1_555 CA ? C CA . ? A CA 601 ? 1_555 OE2 ? A GLU 37  ? A GLU 31  ? 1_555 49.8  ? 
16 OD1 ? A ASP 26  ? A ASP 20  ? 1_555 CA ? C CA . ? A CA 601 ? 1_555 O   ? G HOH .   ? A HOH 607 ? 1_555 162.8 ? 
17 OD1 ? A ASP 28  ? A ASP 22  ? 1_555 CA ? C CA . ? A CA 601 ? 1_555 O   ? G HOH .   ? A HOH 607 ? 1_555 80.6  ? 
18 OD1 ? A ASP 30  ? A ASP 24  ? 1_555 CA ? C CA . ? A CA 601 ? 1_555 O   ? G HOH .   ? A HOH 607 ? 1_555 87.5  ? 
19 O   ? A THR 32  ? A THR 26  ? 1_555 CA ? C CA . ? A CA 601 ? 1_555 O   ? G HOH .   ? A HOH 607 ? 1_555 112.4 ? 
20 OE1 ? A GLU 37  ? A GLU 31  ? 1_555 CA ? C CA . ? A CA 601 ? 1_555 O   ? G HOH .   ? A HOH 607 ? 1_555 86.5  ? 
21 OE2 ? A GLU 37  ? A GLU 31  ? 1_555 CA ? C CA . ? A CA 601 ? 1_555 O   ? G HOH .   ? A HOH 607 ? 1_555 81.6  ? 
22 OD1 ? A ASP 62  ? A ASP 56  ? 1_555 CA ? D CA . ? A CA 602 ? 1_555 OD1 ? A ASP 64  ? A ASP 58  ? 1_555 78.9  ? 
23 OD1 ? A ASP 62  ? A ASP 56  ? 1_555 CA ? D CA . ? A CA 602 ? 1_555 OD1 ? A ASN 66  ? A ASN 60  ? 1_555 87.0  ? 
24 OD1 ? A ASP 64  ? A ASP 58  ? 1_555 CA ? D CA . ? A CA 602 ? 1_555 OD1 ? A ASN 66  ? A ASN 60  ? 1_555 75.5  ? 
25 OD1 ? A ASP 62  ? A ASP 56  ? 1_555 CA ? D CA . ? A CA 602 ? 1_555 O   ? A THR 68  ? A THR 62  ? 1_555 81.9  ? 
26 OD1 ? A ASP 64  ? A ASP 58  ? 1_555 CA ? D CA . ? A CA 602 ? 1_555 O   ? A THR 68  ? A THR 62  ? 1_555 147.8 ? 
27 OD1 ? A ASN 66  ? A ASN 60  ? 1_555 CA ? D CA . ? A CA 602 ? 1_555 O   ? A THR 68  ? A THR 62  ? 1_555 77.9  ? 
28 OD1 ? A ASP 62  ? A ASP 56  ? 1_555 CA ? D CA . ? A CA 602 ? 1_555 OE1 ? A GLU 73  ? A GLU 67  ? 1_555 106.2 ? 
29 OD1 ? A ASP 64  ? A ASP 58  ? 1_555 CA ? D CA . ? A CA 602 ? 1_555 OE1 ? A GLU 73  ? A GLU 67  ? 1_555 131.0 ? 
30 OD1 ? A ASN 66  ? A ASN 60  ? 1_555 CA ? D CA . ? A CA 602 ? 1_555 OE1 ? A GLU 73  ? A GLU 67  ? 1_555 151.7 ? 
31 O   ? A THR 68  ? A THR 62  ? 1_555 CA ? D CA . ? A CA 602 ? 1_555 OE1 ? A GLU 73  ? A GLU 67  ? 1_555 79.3  ? 
32 OD1 ? A ASP 62  ? A ASP 56  ? 1_555 CA ? D CA . ? A CA 602 ? 1_555 OE2 ? A GLU 73  ? A GLU 67  ? 1_555 93.9  ? 
33 OD1 ? A ASP 64  ? A ASP 58  ? 1_555 CA ? D CA . ? A CA 602 ? 1_555 OE2 ? A GLU 73  ? A GLU 67  ? 1_555 76.0  ? 
34 OD1 ? A ASN 66  ? A ASN 60  ? 1_555 CA ? D CA . ? A CA 602 ? 1_555 OE2 ? A GLU 73  ? A GLU 67  ? 1_555 150.7 ? 
35 O   ? A THR 68  ? A THR 62  ? 1_555 CA ? D CA . ? A CA 602 ? 1_555 OE2 ? A GLU 73  ? A GLU 67  ? 1_555 131.2 ? 
36 OE1 ? A GLU 73  ? A GLU 67  ? 1_555 CA ? D CA . ? A CA 602 ? 1_555 OE2 ? A GLU 73  ? A GLU 67  ? 1_555 55.1  ? 
37 OD1 ? A ASP 62  ? A ASP 56  ? 1_555 CA ? D CA . ? A CA 602 ? 1_555 O   ? G HOH .   ? A HOH 645 ? 1_555 151.0 ? 
38 OD1 ? A ASP 64  ? A ASP 58  ? 1_555 CA ? D CA . ? A CA 602 ? 1_555 O   ? G HOH .   ? A HOH 645 ? 1_555 72.1  ? 
39 OD1 ? A ASN 66  ? A ASN 60  ? 1_555 CA ? D CA . ? A CA 602 ? 1_555 O   ? G HOH .   ? A HOH 645 ? 1_555 86.6  ? 
40 O   ? A THR 68  ? A THR 62  ? 1_555 CA ? D CA . ? A CA 602 ? 1_555 O   ? G HOH .   ? A HOH 645 ? 1_555 124.1 ? 
41 OE1 ? A GLU 73  ? A GLU 67  ? 1_555 CA ? D CA . ? A CA 602 ? 1_555 O   ? G HOH .   ? A HOH 645 ? 1_555 92.5  ? 
42 OE2 ? A GLU 73  ? A GLU 67  ? 1_555 CA ? D CA . ? A CA 602 ? 1_555 O   ? G HOH .   ? A HOH 645 ? 1_555 78.5  ? 
43 OD1 ? A ASP 99  ? A ASP 93  ? 1_555 CA ? E CA . ? A CA 603 ? 1_555 OD1 ? A ASP 101 ? A ASP 95  ? 1_555 86.2  ? 
44 OD1 ? A ASP 99  ? A ASP 93  ? 1_555 CA ? E CA . ? A CA 603 ? 1_555 OD1 ? A ASN 103 ? A ASN 97  ? 1_555 88.3  ? 
45 OD1 ? A ASP 101 ? A ASP 95  ? 1_555 CA ? E CA . ? A CA 603 ? 1_555 OD1 ? A ASN 103 ? A ASN 97  ? 1_555 74.3  ? 
46 OD1 ? A ASP 99  ? A ASP 93  ? 1_555 CA ? E CA . ? A CA 603 ? 1_555 O   ? A TYR 105 ? A TYR 99  ? 1_555 88.5  ? 
47 OD1 ? A ASP 101 ? A ASP 95  ? 1_555 CA ? E CA . ? A CA 603 ? 1_555 O   ? A TYR 105 ? A TYR 99  ? 1_555 154.7 ? 
48 OD1 ? A ASN 103 ? A ASN 97  ? 1_555 CA ? E CA . ? A CA 603 ? 1_555 O   ? A TYR 105 ? A TYR 99  ? 1_555 80.8  ? 
49 OD1 ? A ASP 99  ? A ASP 93  ? 1_555 CA ? E CA . ? A CA 603 ? 1_555 OE1 ? A GLU 110 ? A GLU 104 ? 1_555 105.0 ? 
50 OD1 ? A ASP 101 ? A ASP 95  ? 1_555 CA ? E CA . ? A CA 603 ? 1_555 OE1 ? A GLU 110 ? A GLU 104 ? 1_555 130.7 ? 
51 OD1 ? A ASN 103 ? A ASN 97  ? 1_555 CA ? E CA . ? A CA 603 ? 1_555 OE1 ? A GLU 110 ? A GLU 104 ? 1_555 151.4 ? 
52 O   ? A TYR 105 ? A TYR 99  ? 1_555 CA ? E CA . ? A CA 603 ? 1_555 OE1 ? A GLU 110 ? A GLU 104 ? 1_555 74.5  ? 
53 OD1 ? A ASP 99  ? A ASP 93  ? 1_555 CA ? E CA . ? A CA 603 ? 1_555 OE2 ? A GLU 110 ? A GLU 104 ? 1_555 92.9  ? 
54 OD1 ? A ASP 101 ? A ASP 95  ? 1_555 CA ? E CA . ? A CA 603 ? 1_555 OE2 ? A GLU 110 ? A GLU 104 ? 1_555 76.9  ? 
55 OD1 ? A ASN 103 ? A ASN 97  ? 1_555 CA ? E CA . ? A CA 603 ? 1_555 OE2 ? A GLU 110 ? A GLU 104 ? 1_555 151.0 ? 
56 O   ? A TYR 105 ? A TYR 99  ? 1_555 CA ? E CA . ? A CA 603 ? 1_555 OE2 ? A GLU 110 ? A GLU 104 ? 1_555 128.1 ? 
57 OE1 ? A GLU 110 ? A GLU 104 ? 1_555 CA ? E CA . ? A CA 603 ? 1_555 OE2 ? A GLU 110 ? A GLU 104 ? 1_555 55.1  ? 
58 OD1 ? A ASP 99  ? A ASP 93  ? 1_555 CA ? E CA . ? A CA 603 ? 1_555 O   ? G HOH .   ? A HOH 617 ? 1_555 169.4 ? 
59 OD1 ? A ASP 101 ? A ASP 95  ? 1_555 CA ? E CA . ? A CA 603 ? 1_555 O   ? G HOH .   ? A HOH 617 ? 1_555 83.5  ? 
60 OD1 ? A ASN 103 ? A ASN 97  ? 1_555 CA ? E CA . ? A CA 603 ? 1_555 O   ? G HOH .   ? A HOH 617 ? 1_555 90.9  ? 
61 O   ? A TYR 105 ? A TYR 99  ? 1_555 CA ? E CA . ? A CA 603 ? 1_555 O   ? G HOH .   ? A HOH 617 ? 1_555 101.8 ? 
62 OE1 ? A GLU 110 ? A GLU 104 ? 1_555 CA ? E CA . ? A CA 603 ? 1_555 O   ? G HOH .   ? A HOH 617 ? 1_555 80.4  ? 
63 OE2 ? A GLU 110 ? A GLU 104 ? 1_555 CA ? E CA . ? A CA 603 ? 1_555 O   ? G HOH .   ? A HOH 617 ? 1_555 82.7  ? 
64 OD1 ? A ASP 135 ? A ASP 129 ? 1_555 CA ? F CA . ? A CA 604 ? 1_555 OD1 ? A ASP 137 ? A ASP 131 ? 1_555 87.0  ? 
65 OD1 ? A ASP 135 ? A ASP 129 ? 1_555 CA ? F CA . ? A CA 604 ? 1_555 OD2 ? A ASP 139 ? A ASP 133 ? 1_555 97.3  ? 
66 OD1 ? A ASP 137 ? A ASP 131 ? 1_555 CA ? F CA . ? A CA 604 ? 1_555 OD2 ? A ASP 139 ? A ASP 133 ? 1_555 73.4  ? 
67 OD1 ? A ASP 135 ? A ASP 129 ? 1_555 CA ? F CA . ? A CA 604 ? 1_555 O   ? A GLN 141 ? A GLN 135 ? 1_555 92.2  ? 
68 OD1 ? A ASP 137 ? A ASP 131 ? 1_555 CA ? F CA . ? A CA 604 ? 1_555 O   ? A GLN 141 ? A GLN 135 ? 1_555 155.6 ? 
69 OD2 ? A ASP 139 ? A ASP 133 ? 1_555 CA ? F CA . ? A CA 604 ? 1_555 O   ? A GLN 141 ? A GLN 135 ? 1_555 82.6  ? 
70 OD1 ? A ASP 135 ? A ASP 129 ? 1_555 CA ? F CA . ? A CA 604 ? 1_555 OE1 ? A GLU 146 ? A GLU 140 ? 1_555 109.0 ? 
71 OD1 ? A ASP 137 ? A ASP 131 ? 1_555 CA ? F CA . ? A CA 604 ? 1_555 OE1 ? A GLU 146 ? A GLU 140 ? 1_555 125.9 ? 
72 OD2 ? A ASP 139 ? A ASP 133 ? 1_555 CA ? F CA . ? A CA 604 ? 1_555 OE1 ? A GLU 146 ? A GLU 140 ? 1_555 147.2 ? 
73 O   ? A GLN 141 ? A GLN 135 ? 1_555 CA ? F CA . ? A CA 604 ? 1_555 OE1 ? A GLU 146 ? A GLU 140 ? 1_555 77.3  ? 
74 OD1 ? A ASP 135 ? A ASP 129 ? 1_555 CA ? F CA . ? A CA 604 ? 1_555 OE2 ? A GLU 146 ? A GLU 140 ? 1_555 85.0  ? 
75 OD1 ? A ASP 137 ? A ASP 131 ? 1_555 CA ? F CA . ? A CA 604 ? 1_555 OE2 ? A GLU 146 ? A GLU 140 ? 1_555 81.4  ? 
76 OD2 ? A ASP 139 ? A ASP 133 ? 1_555 CA ? F CA . ? A CA 604 ? 1_555 OE2 ? A GLU 146 ? A GLU 140 ? 1_555 154.4 ? 
77 O   ? A GLN 141 ? A GLN 135 ? 1_555 CA ? F CA . ? A CA 604 ? 1_555 OE2 ? A GLU 146 ? A GLU 140 ? 1_555 122.9 ? 
78 OE1 ? A GLU 146 ? A GLU 140 ? 1_555 CA ? F CA . ? A CA 604 ? 1_555 OE2 ? A GLU 146 ? A GLU 140 ? 1_555 50.8  ? 
79 OD1 ? A ASP 135 ? A ASP 129 ? 1_555 CA ? F CA . ? A CA 604 ? 1_555 O   ? G HOH .   ? A HOH 605 ? 1_555 163.8 ? 
80 OD1 ? A ASP 137 ? A ASP 131 ? 1_555 CA ? F CA . ? A CA 604 ? 1_555 O   ? G HOH .   ? A HOH 605 ? 1_555 77.0  ? 
81 OD2 ? A ASP 139 ? A ASP 133 ? 1_555 CA ? F CA . ? A CA 604 ? 1_555 O   ? G HOH .   ? A HOH 605 ? 1_555 76.1  ? 
82 O   ? A GLN 141 ? A GLN 135 ? 1_555 CA ? F CA . ? A CA 604 ? 1_555 O   ? G HOH .   ? A HOH 605 ? 1_555 101.4 ? 
83 OE1 ? A GLU 146 ? A GLU 140 ? 1_555 CA ? F CA . ? A CA 604 ? 1_555 O   ? G HOH .   ? A HOH 605 ? 1_555 82.7  ? 
84 OE2 ? A GLU 146 ? A GLU 140 ? 1_555 CA ? F CA . ? A CA 604 ? 1_555 O   ? G HOH .   ? A HOH 605 ? 1_555 94.7  ? 
# 
loop_
_pdbx_audit_revision_history.ordinal 
_pdbx_audit_revision_history.data_content_type 
_pdbx_audit_revision_history.major_revision 
_pdbx_audit_revision_history.minor_revision 
_pdbx_audit_revision_history.revision_date 
1 'Structure model' 1 0 2009-10-20 
2 'Structure model' 1 1 2011-07-13 
3 'Structure model' 1 2 2014-06-18 
4 'Structure model' 1 3 2020-01-01 
5 'Structure model' 1 4 2023-11-01 
# 
_pdbx_audit_revision_details.ordinal             1 
_pdbx_audit_revision_details.revision_ordinal    1 
_pdbx_audit_revision_details.data_content_type   'Structure model' 
_pdbx_audit_revision_details.provider            repository 
_pdbx_audit_revision_details.type                'Initial release' 
_pdbx_audit_revision_details.description         ? 
_pdbx_audit_revision_details.details             ? 
# 
loop_
_pdbx_audit_revision_group.ordinal 
_pdbx_audit_revision_group.revision_ordinal 
_pdbx_audit_revision_group.data_content_type 
_pdbx_audit_revision_group.group 
1 2 'Structure model' 'Version format compliance' 
2 3 'Structure model' 'Database references'       
3 4 'Structure model' 'Database references'       
4 4 'Structure model' 'Source and taxonomy'       
5 5 'Structure model' 'Data collection'           
6 5 'Structure model' 'Database references'       
7 5 'Structure model' 'Derived calculations'      
8 5 'Structure model' 'Refinement description'    
# 
loop_
_pdbx_audit_revision_category.ordinal 
_pdbx_audit_revision_category.revision_ordinal 
_pdbx_audit_revision_category.data_content_type 
_pdbx_audit_revision_category.category 
1 4 'Structure model' citation                      
2 4 'Structure model' citation_author               
3 4 'Structure model' pdbx_entity_src_syn           
4 4 'Structure model' struct_ref_seq_dif            
5 5 'Structure model' chem_comp_atom                
6 5 'Structure model' chem_comp_bond                
7 5 'Structure model' database_2                    
8 5 'Structure model' pdbx_initial_refinement_model 
9 5 'Structure model' struct_site                   
# 
loop_
_pdbx_audit_revision_item.ordinal 
_pdbx_audit_revision_item.revision_ordinal 
_pdbx_audit_revision_item.data_content_type 
_pdbx_audit_revision_item.item 
1  4 'Structure model' '_citation.country'                        
2  4 'Structure model' '_citation.journal_id_CSD'                 
3  4 'Structure model' '_citation.journal_id_ISSN'                
4  4 'Structure model' '_citation.pdbx_database_id_PubMed'        
5  4 'Structure model' '_citation.title'                          
6  4 'Structure model' '_citation_author.name'                    
7  4 'Structure model' '_pdbx_entity_src_syn.ncbi_taxonomy_id'    
8  4 'Structure model' '_pdbx_entity_src_syn.organism_scientific' 
9  4 'Structure model' '_struct_ref_seq_dif.details'              
10 5 'Structure model' '_database_2.pdbx_DOI'                     
11 5 'Structure model' '_database_2.pdbx_database_accession'      
12 5 'Structure model' '_struct_site.pdbx_auth_asym_id'           
13 5 'Structure model' '_struct_site.pdbx_auth_comp_id'           
14 5 'Structure model' '_struct_site.pdbx_auth_seq_id'            
# 
loop_
_software.name 
_software.classification 
_software.version 
_software.citation_id 
_software.pdbx_ordinal 
CrystalClear 'data collection' .        ? 1 
MOLREP       phasing           .        ? 2 
REFMAC       refinement        5.2.0019 ? 3 
DENZO        'data reduction'  .        ? 4 
SCALEPACK    'data scaling'    .        ? 5 
# 
loop_
_pdbx_unobs_or_zero_occ_atoms.id 
_pdbx_unobs_or_zero_occ_atoms.PDB_model_num 
_pdbx_unobs_or_zero_occ_atoms.polymer_flag 
_pdbx_unobs_or_zero_occ_atoms.occupancy_flag 
_pdbx_unobs_or_zero_occ_atoms.auth_asym_id 
_pdbx_unobs_or_zero_occ_atoms.auth_comp_id 
_pdbx_unobs_or_zero_occ_atoms.auth_seq_id 
_pdbx_unobs_or_zero_occ_atoms.PDB_ins_code 
_pdbx_unobs_or_zero_occ_atoms.auth_atom_id 
_pdbx_unobs_or_zero_occ_atoms.label_alt_id 
_pdbx_unobs_or_zero_occ_atoms.label_asym_id 
_pdbx_unobs_or_zero_occ_atoms.label_comp_id 
_pdbx_unobs_or_zero_occ_atoms.label_seq_id 
_pdbx_unobs_or_zero_occ_atoms.label_atom_id 
1  1 Y 1 A MET 76  ? CG  ? A MET 82  CG  
2  1 Y 1 A MET 76  ? SD  ? A MET 82  SD  
3  1 Y 1 A MET 76  ? CE  ? A MET 82  CE  
4  1 Y 1 A LYS 77  ? CG  ? A LYS 83  CG  
5  1 Y 1 A LYS 77  ? CD  ? A LYS 83  CD  
6  1 Y 1 A LYS 77  ? CE  ? A LYS 83  CE  
7  1 Y 1 A LYS 77  ? NZ  ? A LYS 83  NZ  
8  1 Y 1 A GLU 84  ? CG  ? A GLU 90  CG  
9  1 Y 1 A GLU 84  ? CD  ? A GLU 90  CD  
10 1 Y 1 A GLU 84  ? OE1 ? A GLU 90  OE1 
11 1 Y 1 A GLU 84  ? OE2 ? A GLU 90  OE2 
12 1 Y 1 A GLU 119 ? CG  ? A GLU 125 CG  
13 1 Y 1 A GLU 119 ? CD  ? A GLU 125 CD  
14 1 Y 1 A GLU 119 ? OE1 ? A GLU 125 OE1 
15 1 Y 1 A GLU 119 ? OE2 ? A GLU 125 OE2 
16 1 Y 1 A GLU 123 ? CG  ? A GLU 129 CG  
17 1 Y 1 A GLU 123 ? CD  ? A GLU 129 CD  
18 1 Y 1 A GLU 123 ? OE1 ? A GLU 129 OE1 
19 1 Y 1 A GLU 123 ? OE2 ? A GLU 129 OE2 
# 
loop_
_pdbx_unobs_or_zero_occ_residues.id 
_pdbx_unobs_or_zero_occ_residues.PDB_model_num 
_pdbx_unobs_or_zero_occ_residues.polymer_flag 
_pdbx_unobs_or_zero_occ_residues.occupancy_flag 
_pdbx_unobs_or_zero_occ_residues.auth_asym_id 
_pdbx_unobs_or_zero_occ_residues.auth_comp_id 
_pdbx_unobs_or_zero_occ_residues.auth_seq_id 
_pdbx_unobs_or_zero_occ_residues.PDB_ins_code 
_pdbx_unobs_or_zero_occ_residues.label_asym_id 
_pdbx_unobs_or_zero_occ_residues.label_comp_id 
_pdbx_unobs_or_zero_occ_residues.label_seq_id 
1  1 Y 1 A HIS -5  ? A HIS 1   
2  1 Y 1 A HIS -4  ? A HIS 2   
3  1 Y 1 A HIS -3  ? A HIS 3   
4  1 Y 1 A HIS -2  ? A HIS 4   
5  1 Y 1 A HIS -1  ? A HIS 5   
6  1 Y 1 A HIS 0   ? A HIS 6   
7  1 Y 1 A THR 146 ? A THR 152 
8  1 Y 1 A ALA 147 ? A ALA 153 
9  1 Y 1 A LYS 148 ? A LYS 154 
10 1 Y 1 E GLN 244 ? B GLN 15  
11 1 Y 1 E VAL 245 ? B VAL 16  
12 1 Y 1 E LYS 246 ? B LYS 17  
13 1 Y 1 E GLY 247 ? B GLY 18  
14 1 Y 1 E PHE 248 ? B PHE 19  
15 1 Y 1 E VAL 249 ? B VAL 20  
16 1 Y 1 E ARG 250 ? B ARG 21  
17 1 Y 1 E LYS 251 ? B LYS 22  
18 1 Y 1 E ASN 252 ? B ASN 23  
19 1 Y 1 E GLY 253 ? B GLY 24  
20 1 Y 1 E VAL 254 ? B VAL 25  
# 
loop_
_chem_comp_atom.comp_id 
_chem_comp_atom.atom_id 
_chem_comp_atom.type_symbol 
_chem_comp_atom.pdbx_aromatic_flag 
_chem_comp_atom.pdbx_stereo_config 
_chem_comp_atom.pdbx_ordinal 
ALA N    N  N N 1   
ALA CA   C  N S 2   
ALA C    C  N N 3   
ALA O    O  N N 4   
ALA CB   C  N N 5   
ALA OXT  O  N N 6   
ALA H    H  N N 7   
ALA H2   H  N N 8   
ALA HA   H  N N 9   
ALA HB1  H  N N 10  
ALA HB2  H  N N 11  
ALA HB3  H  N N 12  
ALA HXT  H  N N 13  
ARG N    N  N N 14  
ARG CA   C  N S 15  
ARG C    C  N N 16  
ARG O    O  N N 17  
ARG CB   C  N N 18  
ARG CG   C  N N 19  
ARG CD   C  N N 20  
ARG NE   N  N N 21  
ARG CZ   C  N N 22  
ARG NH1  N  N N 23  
ARG NH2  N  N N 24  
ARG OXT  O  N N 25  
ARG H    H  N N 26  
ARG H2   H  N N 27  
ARG HA   H  N N 28  
ARG HB2  H  N N 29  
ARG HB3  H  N N 30  
ARG HG2  H  N N 31  
ARG HG3  H  N N 32  
ARG HD2  H  N N 33  
ARG HD3  H  N N 34  
ARG HE   H  N N 35  
ARG HH11 H  N N 36  
ARG HH12 H  N N 37  
ARG HH21 H  N N 38  
ARG HH22 H  N N 39  
ARG HXT  H  N N 40  
ASN N    N  N N 41  
ASN CA   C  N S 42  
ASN C    C  N N 43  
ASN O    O  N N 44  
ASN CB   C  N N 45  
ASN CG   C  N N 46  
ASN OD1  O  N N 47  
ASN ND2  N  N N 48  
ASN OXT  O  N N 49  
ASN H    H  N N 50  
ASN H2   H  N N 51  
ASN HA   H  N N 52  
ASN HB2  H  N N 53  
ASN HB3  H  N N 54  
ASN HD21 H  N N 55  
ASN HD22 H  N N 56  
ASN HXT  H  N N 57  
ASP N    N  N N 58  
ASP CA   C  N S 59  
ASP C    C  N N 60  
ASP O    O  N N 61  
ASP CB   C  N N 62  
ASP CG   C  N N 63  
ASP OD1  O  N N 64  
ASP OD2  O  N N 65  
ASP OXT  O  N N 66  
ASP H    H  N N 67  
ASP H2   H  N N 68  
ASP HA   H  N N 69  
ASP HB2  H  N N 70  
ASP HB3  H  N N 71  
ASP HD2  H  N N 72  
ASP HXT  H  N N 73  
CA  CA   CA N N 74  
GLN N    N  N N 75  
GLN CA   C  N S 76  
GLN C    C  N N 77  
GLN O    O  N N 78  
GLN CB   C  N N 79  
GLN CG   C  N N 80  
GLN CD   C  N N 81  
GLN OE1  O  N N 82  
GLN NE2  N  N N 83  
GLN OXT  O  N N 84  
GLN H    H  N N 85  
GLN H2   H  N N 86  
GLN HA   H  N N 87  
GLN HB2  H  N N 88  
GLN HB3  H  N N 89  
GLN HG2  H  N N 90  
GLN HG3  H  N N 91  
GLN HE21 H  N N 92  
GLN HE22 H  N N 93  
GLN HXT  H  N N 94  
GLU N    N  N N 95  
GLU CA   C  N S 96  
GLU C    C  N N 97  
GLU O    O  N N 98  
GLU CB   C  N N 99  
GLU CG   C  N N 100 
GLU CD   C  N N 101 
GLU OE1  O  N N 102 
GLU OE2  O  N N 103 
GLU OXT  O  N N 104 
GLU H    H  N N 105 
GLU H2   H  N N 106 
GLU HA   H  N N 107 
GLU HB2  H  N N 108 
GLU HB3  H  N N 109 
GLU HG2  H  N N 110 
GLU HG3  H  N N 111 
GLU HE2  H  N N 112 
GLU HXT  H  N N 113 
GLY N    N  N N 114 
GLY CA   C  N N 115 
GLY C    C  N N 116 
GLY O    O  N N 117 
GLY OXT  O  N N 118 
GLY H    H  N N 119 
GLY H2   H  N N 120 
GLY HA2  H  N N 121 
GLY HA3  H  N N 122 
GLY HXT  H  N N 123 
HIS N    N  N N 124 
HIS CA   C  N S 125 
HIS C    C  N N 126 
HIS O    O  N N 127 
HIS CB   C  N N 128 
HIS CG   C  Y N 129 
HIS ND1  N  Y N 130 
HIS CD2  C  Y N 131 
HIS CE1  C  Y N 132 
HIS NE2  N  Y N 133 
HIS OXT  O  N N 134 
HIS H    H  N N 135 
HIS H2   H  N N 136 
HIS HA   H  N N 137 
HIS HB2  H  N N 138 
HIS HB3  H  N N 139 
HIS HD1  H  N N 140 
HIS HD2  H  N N 141 
HIS HE1  H  N N 142 
HIS HE2  H  N N 143 
HIS HXT  H  N N 144 
HOH O    O  N N 145 
HOH H1   H  N N 146 
HOH H2   H  N N 147 
ILE N    N  N N 148 
ILE CA   C  N S 149 
ILE C    C  N N 150 
ILE O    O  N N 151 
ILE CB   C  N S 152 
ILE CG1  C  N N 153 
ILE CG2  C  N N 154 
ILE CD1  C  N N 155 
ILE OXT  O  N N 156 
ILE H    H  N N 157 
ILE H2   H  N N 158 
ILE HA   H  N N 159 
ILE HB   H  N N 160 
ILE HG12 H  N N 161 
ILE HG13 H  N N 162 
ILE HG21 H  N N 163 
ILE HG22 H  N N 164 
ILE HG23 H  N N 165 
ILE HD11 H  N N 166 
ILE HD12 H  N N 167 
ILE HD13 H  N N 168 
ILE HXT  H  N N 169 
LEU N    N  N N 170 
LEU CA   C  N S 171 
LEU C    C  N N 172 
LEU O    O  N N 173 
LEU CB   C  N N 174 
LEU CG   C  N N 175 
LEU CD1  C  N N 176 
LEU CD2  C  N N 177 
LEU OXT  O  N N 178 
LEU H    H  N N 179 
LEU H2   H  N N 180 
LEU HA   H  N N 181 
LEU HB2  H  N N 182 
LEU HB3  H  N N 183 
LEU HG   H  N N 184 
LEU HD11 H  N N 185 
LEU HD12 H  N N 186 
LEU HD13 H  N N 187 
LEU HD21 H  N N 188 
LEU HD22 H  N N 189 
LEU HD23 H  N N 190 
LEU HXT  H  N N 191 
LYS N    N  N N 192 
LYS CA   C  N S 193 
LYS C    C  N N 194 
LYS O    O  N N 195 
LYS CB   C  N N 196 
LYS CG   C  N N 197 
LYS CD   C  N N 198 
LYS CE   C  N N 199 
LYS NZ   N  N N 200 
LYS OXT  O  N N 201 
LYS H    H  N N 202 
LYS H2   H  N N 203 
LYS HA   H  N N 204 
LYS HB2  H  N N 205 
LYS HB3  H  N N 206 
LYS HG2  H  N N 207 
LYS HG3  H  N N 208 
LYS HD2  H  N N 209 
LYS HD3  H  N N 210 
LYS HE2  H  N N 211 
LYS HE3  H  N N 212 
LYS HZ1  H  N N 213 
LYS HZ2  H  N N 214 
LYS HZ3  H  N N 215 
LYS HXT  H  N N 216 
MET N    N  N N 217 
MET CA   C  N S 218 
MET C    C  N N 219 
MET O    O  N N 220 
MET CB   C  N N 221 
MET CG   C  N N 222 
MET SD   S  N N 223 
MET CE   C  N N 224 
MET OXT  O  N N 225 
MET H    H  N N 226 
MET H2   H  N N 227 
MET HA   H  N N 228 
MET HB2  H  N N 229 
MET HB3  H  N N 230 
MET HG2  H  N N 231 
MET HG3  H  N N 232 
MET HE1  H  N N 233 
MET HE2  H  N N 234 
MET HE3  H  N N 235 
MET HXT  H  N N 236 
PHE N    N  N N 237 
PHE CA   C  N S 238 
PHE C    C  N N 239 
PHE O    O  N N 240 
PHE CB   C  N N 241 
PHE CG   C  Y N 242 
PHE CD1  C  Y N 243 
PHE CD2  C  Y N 244 
PHE CE1  C  Y N 245 
PHE CE2  C  Y N 246 
PHE CZ   C  Y N 247 
PHE OXT  O  N N 248 
PHE H    H  N N 249 
PHE H2   H  N N 250 
PHE HA   H  N N 251 
PHE HB2  H  N N 252 
PHE HB3  H  N N 253 
PHE HD1  H  N N 254 
PHE HD2  H  N N 255 
PHE HE1  H  N N 256 
PHE HE2  H  N N 257 
PHE HZ   H  N N 258 
PHE HXT  H  N N 259 
PRO N    N  N N 260 
PRO CA   C  N S 261 
PRO C    C  N N 262 
PRO O    O  N N 263 
PRO CB   C  N N 264 
PRO CG   C  N N 265 
PRO CD   C  N N 266 
PRO OXT  O  N N 267 
PRO H    H  N N 268 
PRO HA   H  N N 269 
PRO HB2  H  N N 270 
PRO HB3  H  N N 271 
PRO HG2  H  N N 272 
PRO HG3  H  N N 273 
PRO HD2  H  N N 274 
PRO HD3  H  N N 275 
PRO HXT  H  N N 276 
SER N    N  N N 277 
SER CA   C  N S 278 
SER C    C  N N 279 
SER O    O  N N 280 
SER CB   C  N N 281 
SER OG   O  N N 282 
SER OXT  O  N N 283 
SER H    H  N N 284 
SER H2   H  N N 285 
SER HA   H  N N 286 
SER HB2  H  N N 287 
SER HB3  H  N N 288 
SER HG   H  N N 289 
SER HXT  H  N N 290 
THR N    N  N N 291 
THR CA   C  N S 292 
THR C    C  N N 293 
THR O    O  N N 294 
THR CB   C  N R 295 
THR OG1  O  N N 296 
THR CG2  C  N N 297 
THR OXT  O  N N 298 
THR H    H  N N 299 
THR H2   H  N N 300 
THR HA   H  N N 301 
THR HB   H  N N 302 
THR HG1  H  N N 303 
THR HG21 H  N N 304 
THR HG22 H  N N 305 
THR HG23 H  N N 306 
THR HXT  H  N N 307 
TYR N    N  N N 308 
TYR CA   C  N S 309 
TYR C    C  N N 310 
TYR O    O  N N 311 
TYR CB   C  N N 312 
TYR CG   C  Y N 313 
TYR CD1  C  Y N 314 
TYR CD2  C  Y N 315 
TYR CE1  C  Y N 316 
TYR CE2  C  Y N 317 
TYR CZ   C  Y N 318 
TYR OH   O  N N 319 
TYR OXT  O  N N 320 
TYR H    H  N N 321 
TYR H2   H  N N 322 
TYR HA   H  N N 323 
TYR HB2  H  N N 324 
TYR HB3  H  N N 325 
TYR HD1  H  N N 326 
TYR HD2  H  N N 327 
TYR HE1  H  N N 328 
TYR HE2  H  N N 329 
TYR HH   H  N N 330 
TYR HXT  H  N N 331 
VAL N    N  N N 332 
VAL CA   C  N S 333 
VAL C    C  N N 334 
VAL O    O  N N 335 
VAL CB   C  N N 336 
VAL CG1  C  N N 337 
VAL CG2  C  N N 338 
VAL OXT  O  N N 339 
VAL H    H  N N 340 
VAL H2   H  N N 341 
VAL HA   H  N N 342 
VAL HB   H  N N 343 
VAL HG11 H  N N 344 
VAL HG12 H  N N 345 
VAL HG13 H  N N 346 
VAL HG21 H  N N 347 
VAL HG22 H  N N 348 
VAL HG23 H  N N 349 
VAL HXT  H  N N 350 
# 
loop_
_chem_comp_bond.comp_id 
_chem_comp_bond.atom_id_1 
_chem_comp_bond.atom_id_2 
_chem_comp_bond.value_order 
_chem_comp_bond.pdbx_aromatic_flag 
_chem_comp_bond.pdbx_stereo_config 
_chem_comp_bond.pdbx_ordinal 
ALA N   CA   sing N N 1   
ALA N   H    sing N N 2   
ALA N   H2   sing N N 3   
ALA CA  C    sing N N 4   
ALA CA  CB   sing N N 5   
ALA CA  HA   sing N N 6   
ALA C   O    doub N N 7   
ALA C   OXT  sing N N 8   
ALA CB  HB1  sing N N 9   
ALA CB  HB2  sing N N 10  
ALA CB  HB3  sing N N 11  
ALA OXT HXT  sing N N 12  
ARG N   CA   sing N N 13  
ARG N   H    sing N N 14  
ARG N   H2   sing N N 15  
ARG CA  C    sing N N 16  
ARG CA  CB   sing N N 17  
ARG CA  HA   sing N N 18  
ARG C   O    doub N N 19  
ARG C   OXT  sing N N 20  
ARG CB  CG   sing N N 21  
ARG CB  HB2  sing N N 22  
ARG CB  HB3  sing N N 23  
ARG CG  CD   sing N N 24  
ARG CG  HG2  sing N N 25  
ARG CG  HG3  sing N N 26  
ARG CD  NE   sing N N 27  
ARG CD  HD2  sing N N 28  
ARG CD  HD3  sing N N 29  
ARG NE  CZ   sing N N 30  
ARG NE  HE   sing N N 31  
ARG CZ  NH1  sing N N 32  
ARG CZ  NH2  doub N N 33  
ARG NH1 HH11 sing N N 34  
ARG NH1 HH12 sing N N 35  
ARG NH2 HH21 sing N N 36  
ARG NH2 HH22 sing N N 37  
ARG OXT HXT  sing N N 38  
ASN N   CA   sing N N 39  
ASN N   H    sing N N 40  
ASN N   H2   sing N N 41  
ASN CA  C    sing N N 42  
ASN CA  CB   sing N N 43  
ASN CA  HA   sing N N 44  
ASN C   O    doub N N 45  
ASN C   OXT  sing N N 46  
ASN CB  CG   sing N N 47  
ASN CB  HB2  sing N N 48  
ASN CB  HB3  sing N N 49  
ASN CG  OD1  doub N N 50  
ASN CG  ND2  sing N N 51  
ASN ND2 HD21 sing N N 52  
ASN ND2 HD22 sing N N 53  
ASN OXT HXT  sing N N 54  
ASP N   CA   sing N N 55  
ASP N   H    sing N N 56  
ASP N   H2   sing N N 57  
ASP CA  C    sing N N 58  
ASP CA  CB   sing N N 59  
ASP CA  HA   sing N N 60  
ASP C   O    doub N N 61  
ASP C   OXT  sing N N 62  
ASP CB  CG   sing N N 63  
ASP CB  HB2  sing N N 64  
ASP CB  HB3  sing N N 65  
ASP CG  OD1  doub N N 66  
ASP CG  OD2  sing N N 67  
ASP OD2 HD2  sing N N 68  
ASP OXT HXT  sing N N 69  
GLN N   CA   sing N N 70  
GLN N   H    sing N N 71  
GLN N   H2   sing N N 72  
GLN CA  C    sing N N 73  
GLN CA  CB   sing N N 74  
GLN CA  HA   sing N N 75  
GLN C   O    doub N N 76  
GLN C   OXT  sing N N 77  
GLN CB  CG   sing N N 78  
GLN CB  HB2  sing N N 79  
GLN CB  HB3  sing N N 80  
GLN CG  CD   sing N N 81  
GLN CG  HG2  sing N N 82  
GLN CG  HG3  sing N N 83  
GLN CD  OE1  doub N N 84  
GLN CD  NE2  sing N N 85  
GLN NE2 HE21 sing N N 86  
GLN NE2 HE22 sing N N 87  
GLN OXT HXT  sing N N 88  
GLU N   CA   sing N N 89  
GLU N   H    sing N N 90  
GLU N   H2   sing N N 91  
GLU CA  C    sing N N 92  
GLU CA  CB   sing N N 93  
GLU CA  HA   sing N N 94  
GLU C   O    doub N N 95  
GLU C   OXT  sing N N 96  
GLU CB  CG   sing N N 97  
GLU CB  HB2  sing N N 98  
GLU CB  HB3  sing N N 99  
GLU CG  CD   sing N N 100 
GLU CG  HG2  sing N N 101 
GLU CG  HG3  sing N N 102 
GLU CD  OE1  doub N N 103 
GLU CD  OE2  sing N N 104 
GLU OE2 HE2  sing N N 105 
GLU OXT HXT  sing N N 106 
GLY N   CA   sing N N 107 
GLY N   H    sing N N 108 
GLY N   H2   sing N N 109 
GLY CA  C    sing N N 110 
GLY CA  HA2  sing N N 111 
GLY CA  HA3  sing N N 112 
GLY C   O    doub N N 113 
GLY C   OXT  sing N N 114 
GLY OXT HXT  sing N N 115 
HIS N   CA   sing N N 116 
HIS N   H    sing N N 117 
HIS N   H2   sing N N 118 
HIS CA  C    sing N N 119 
HIS CA  CB   sing N N 120 
HIS CA  HA   sing N N 121 
HIS C   O    doub N N 122 
HIS C   OXT  sing N N 123 
HIS CB  CG   sing N N 124 
HIS CB  HB2  sing N N 125 
HIS CB  HB3  sing N N 126 
HIS CG  ND1  sing Y N 127 
HIS CG  CD2  doub Y N 128 
HIS ND1 CE1  doub Y N 129 
HIS ND1 HD1  sing N N 130 
HIS CD2 NE2  sing Y N 131 
HIS CD2 HD2  sing N N 132 
HIS CE1 NE2  sing Y N 133 
HIS CE1 HE1  sing N N 134 
HIS NE2 HE2  sing N N 135 
HIS OXT HXT  sing N N 136 
HOH O   H1   sing N N 137 
HOH O   H2   sing N N 138 
ILE N   CA   sing N N 139 
ILE N   H    sing N N 140 
ILE N   H2   sing N N 141 
ILE CA  C    sing N N 142 
ILE CA  CB   sing N N 143 
ILE CA  HA   sing N N 144 
ILE C   O    doub N N 145 
ILE C   OXT  sing N N 146 
ILE CB  CG1  sing N N 147 
ILE CB  CG2  sing N N 148 
ILE CB  HB   sing N N 149 
ILE CG1 CD1  sing N N 150 
ILE CG1 HG12 sing N N 151 
ILE CG1 HG13 sing N N 152 
ILE CG2 HG21 sing N N 153 
ILE CG2 HG22 sing N N 154 
ILE CG2 HG23 sing N N 155 
ILE CD1 HD11 sing N N 156 
ILE CD1 HD12 sing N N 157 
ILE CD1 HD13 sing N N 158 
ILE OXT HXT  sing N N 159 
LEU N   CA   sing N N 160 
LEU N   H    sing N N 161 
LEU N   H2   sing N N 162 
LEU CA  C    sing N N 163 
LEU CA  CB   sing N N 164 
LEU CA  HA   sing N N 165 
LEU C   O    doub N N 166 
LEU C   OXT  sing N N 167 
LEU CB  CG   sing N N 168 
LEU CB  HB2  sing N N 169 
LEU CB  HB3  sing N N 170 
LEU CG  CD1  sing N N 171 
LEU CG  CD2  sing N N 172 
LEU CG  HG   sing N N 173 
LEU CD1 HD11 sing N N 174 
LEU CD1 HD12 sing N N 175 
LEU CD1 HD13 sing N N 176 
LEU CD2 HD21 sing N N 177 
LEU CD2 HD22 sing N N 178 
LEU CD2 HD23 sing N N 179 
LEU OXT HXT  sing N N 180 
LYS N   CA   sing N N 181 
LYS N   H    sing N N 182 
LYS N   H2   sing N N 183 
LYS CA  C    sing N N 184 
LYS CA  CB   sing N N 185 
LYS CA  HA   sing N N 186 
LYS C   O    doub N N 187 
LYS C   OXT  sing N N 188 
LYS CB  CG   sing N N 189 
LYS CB  HB2  sing N N 190 
LYS CB  HB3  sing N N 191 
LYS CG  CD   sing N N 192 
LYS CG  HG2  sing N N 193 
LYS CG  HG3  sing N N 194 
LYS CD  CE   sing N N 195 
LYS CD  HD2  sing N N 196 
LYS CD  HD3  sing N N 197 
LYS CE  NZ   sing N N 198 
LYS CE  HE2  sing N N 199 
LYS CE  HE3  sing N N 200 
LYS NZ  HZ1  sing N N 201 
LYS NZ  HZ2  sing N N 202 
LYS NZ  HZ3  sing N N 203 
LYS OXT HXT  sing N N 204 
MET N   CA   sing N N 205 
MET N   H    sing N N 206 
MET N   H2   sing N N 207 
MET CA  C    sing N N 208 
MET CA  CB   sing N N 209 
MET CA  HA   sing N N 210 
MET C   O    doub N N 211 
MET C   OXT  sing N N 212 
MET CB  CG   sing N N 213 
MET CB  HB2  sing N N 214 
MET CB  HB3  sing N N 215 
MET CG  SD   sing N N 216 
MET CG  HG2  sing N N 217 
MET CG  HG3  sing N N 218 
MET SD  CE   sing N N 219 
MET CE  HE1  sing N N 220 
MET CE  HE2  sing N N 221 
MET CE  HE3  sing N N 222 
MET OXT HXT  sing N N 223 
PHE N   CA   sing N N 224 
PHE N   H    sing N N 225 
PHE N   H2   sing N N 226 
PHE CA  C    sing N N 227 
PHE CA  CB   sing N N 228 
PHE CA  HA   sing N N 229 
PHE C   O    doub N N 230 
PHE C   OXT  sing N N 231 
PHE CB  CG   sing N N 232 
PHE CB  HB2  sing N N 233 
PHE CB  HB3  sing N N 234 
PHE CG  CD1  doub Y N 235 
PHE CG  CD2  sing Y N 236 
PHE CD1 CE1  sing Y N 237 
PHE CD1 HD1  sing N N 238 
PHE CD2 CE2  doub Y N 239 
PHE CD2 HD2  sing N N 240 
PHE CE1 CZ   doub Y N 241 
PHE CE1 HE1  sing N N 242 
PHE CE2 CZ   sing Y N 243 
PHE CE2 HE2  sing N N 244 
PHE CZ  HZ   sing N N 245 
PHE OXT HXT  sing N N 246 
PRO N   CA   sing N N 247 
PRO N   CD   sing N N 248 
PRO N   H    sing N N 249 
PRO CA  C    sing N N 250 
PRO CA  CB   sing N N 251 
PRO CA  HA   sing N N 252 
PRO C   O    doub N N 253 
PRO C   OXT  sing N N 254 
PRO CB  CG   sing N N 255 
PRO CB  HB2  sing N N 256 
PRO CB  HB3  sing N N 257 
PRO CG  CD   sing N N 258 
PRO CG  HG2  sing N N 259 
PRO CG  HG3  sing N N 260 
PRO CD  HD2  sing N N 261 
PRO CD  HD3  sing N N 262 
PRO OXT HXT  sing N N 263 
SER N   CA   sing N N 264 
SER N   H    sing N N 265 
SER N   H2   sing N N 266 
SER CA  C    sing N N 267 
SER CA  CB   sing N N 268 
SER CA  HA   sing N N 269 
SER C   O    doub N N 270 
SER C   OXT  sing N N 271 
SER CB  OG   sing N N 272 
SER CB  HB2  sing N N 273 
SER CB  HB3  sing N N 274 
SER OG  HG   sing N N 275 
SER OXT HXT  sing N N 276 
THR N   CA   sing N N 277 
THR N   H    sing N N 278 
THR N   H2   sing N N 279 
THR CA  C    sing N N 280 
THR CA  CB   sing N N 281 
THR CA  HA   sing N N 282 
THR C   O    doub N N 283 
THR C   OXT  sing N N 284 
THR CB  OG1  sing N N 285 
THR CB  CG2  sing N N 286 
THR CB  HB   sing N N 287 
THR OG1 HG1  sing N N 288 
THR CG2 HG21 sing N N 289 
THR CG2 HG22 sing N N 290 
THR CG2 HG23 sing N N 291 
THR OXT HXT  sing N N 292 
TYR N   CA   sing N N 293 
TYR N   H    sing N N 294 
TYR N   H2   sing N N 295 
TYR CA  C    sing N N 296 
TYR CA  CB   sing N N 297 
TYR CA  HA   sing N N 298 
TYR C   O    doub N N 299 
TYR C   OXT  sing N N 300 
TYR CB  CG   sing N N 301 
TYR CB  HB2  sing N N 302 
TYR CB  HB3  sing N N 303 
TYR CG  CD1  doub Y N 304 
TYR CG  CD2  sing Y N 305 
TYR CD1 CE1  sing Y N 306 
TYR CD1 HD1  sing N N 307 
TYR CD2 CE2  doub Y N 308 
TYR CD2 HD2  sing N N 309 
TYR CE1 CZ   doub Y N 310 
TYR CE1 HE1  sing N N 311 
TYR CE2 CZ   sing Y N 312 
TYR CE2 HE2  sing N N 313 
TYR CZ  OH   sing N N 314 
TYR OH  HH   sing N N 315 
TYR OXT HXT  sing N N 316 
VAL N   CA   sing N N 317 
VAL N   H    sing N N 318 
VAL N   H2   sing N N 319 
VAL CA  C    sing N N 320 
VAL CA  CB   sing N N 321 
VAL CA  HA   sing N N 322 
VAL C   O    doub N N 323 
VAL C   OXT  sing N N 324 
VAL CB  CG1  sing N N 325 
VAL CB  CG2  sing N N 326 
VAL CB  HB   sing N N 327 
VAL CG1 HG11 sing N N 328 
VAL CG1 HG12 sing N N 329 
VAL CG1 HG13 sing N N 330 
VAL CG2 HG21 sing N N 331 
VAL CG2 HG22 sing N N 332 
VAL CG2 HG23 sing N N 333 
VAL OXT HXT  sing N N 334 
# 
loop_
_pdbx_entity_nonpoly.entity_id 
_pdbx_entity_nonpoly.name 
_pdbx_entity_nonpoly.comp_id 
3 'CALCIUM ION' CA  
4 water         HOH 
# 
_pdbx_initial_refinement_model.id               1 
_pdbx_initial_refinement_model.entity_id_list   ? 
_pdbx_initial_refinement_model.type             'experimental model' 
_pdbx_initial_refinement_model.source_name      PDB 
_pdbx_initial_refinement_model.accession_code   1L7Z 
_pdbx_initial_refinement_model.details          ? 
# 
